data_8Z0A
#
_entry.id   8Z0A
#
_cell.length_a   1.00
_cell.length_b   1.00
_cell.length_c   1.00
_cell.angle_alpha   90.00
_cell.angle_beta   90.00
_cell.angle_gamma   90.00
#
_symmetry.space_group_name_H-M   'P 1'
#
loop_
_entity.id
_entity.type
_entity.pdbx_description
1 polymer 'Glycogen [starch] synthase, muscle'
2 polymer Glycogenin-2
#
loop_
_entity_poly.entity_id
_entity_poly.type
_entity_poly.pdbx_seq_one_letter_code
_entity_poly.pdbx_strand_id
1 'polypeptide(L)'
;MSYYHHHHHHDYDIPTTENLYFQGAMPLNRTLSMSSLPGLEDWEDEFDLENAVLFEVAWEVANKVGGIYTVLQTKAKVTG
DEWGDNYFLVGPYTEQGVRTQVELLEAPTPALKRTLDSMNSKGCKVYFGRWLIEGGPLVVLLDVGASAWALERWKGELWD
TCNIGVPWYDREANDAVLFGFLTTWFLGEFLAQSEEKPHVVAHFHEWLAGVGLCLCRARRLPVATIFTTHATLLGRYLCA
GAVDFYNNLENFNVDKEAGERQIYHRYCMERAAAHCAHVFTTVSQITAIEAQHLLKRKPDIVTPNGLNVKKFSAMHEFQN
LHAQSKARIQEFVRGHFYGHLDFNLDKTLYFFIAGRYEFSNKGADVFLEALARLNYLLRVNGSEQTVVAFFIMPARTNNF
NVETLKGQAVRKQLWDTANTVKEKFGRKLYESLLVGSLPDMNKMLDKEDFTMMKRAIFATQRQSFPPVCTHNMLDDSSDP
ILTTIRRIGLFNSSADRVKVIFHPEFLSSTSPLLPVDYEEFVRGCHLGVFPSYYEPWGYTPAECTVMGIPSISTNLSGFG
CFMEEHIADPSAYGIYILDRRFRSLDDSCSQLTSFLYSFCQQSRRQRIIQRNRTERLSDLLDWKYLGRYYMSARHMALSK
AFPEHFTYEPNEADAAQGYRYPRPASVPPSPSLSRHSSPHQSEDEEDPRNGPLEEDGERYDEDEEAAKDRRNIRAPEWPR
RASCTSSTSGSKRNSVDTATSSSLSTPSEPLSPTSSLGEERN
;
A,B,C,D
2 'polypeptide(L)'
;MSETEFHHGAQAGLELLRSSNSPTSASQSAGMTVTDQAFVTLATNDIYCQGALVLGQSLRRHRLTRKLVVLITPQVSSLL
RVILSKVFDEVIEVNLIDSADYIHLAFLKRPELGLTLTKLHCWTLTHYSKCVFLDADTLVLSNVDELFDRGEFSAAPDPG
WPDCFNSGVFVFQPSLHTHKLLLQHAMEHGSFDGADQGLLNSFFRNWSTTDIHKHLPFIYNLSSNTMYTYSPAFKQFGSS
AKVVHFLGSMKPWNYKYNPQSGSVLEQGSASSSQHQAAFLHLWWTVYQNNVLPLYKSVQAGEARASPGHTLCHSDVGGPC
ADSASGVGEPCENSTPSAGVPCANSPLGSNQPAQGLPEPTQIVDETLSLPEGRRSEDMIACPETETPAVITCDPLSQPSP
QPADFTETETILPANKVESVSSEETFEPSQELPAEALRDPSLQDALEVVDLAVSVSQISIEEKVKELSPEEERRKWEEGR
IDYMGKDAFARIQEKLDRFLQ
;
E,F,G,H
#
# COMPACT_ATOMS: atom_id res chain seq x y z
N TRP A 43 -8.75 1.00 -43.29
CA TRP A 43 -9.53 0.32 -44.30
C TRP A 43 -9.36 -1.20 -44.29
N GLU A 44 -10.33 -1.88 -44.88
CA GLU A 44 -10.31 -3.31 -45.10
C GLU A 44 -10.39 -3.62 -46.60
N ASP A 45 -9.71 -2.81 -47.39
CA ASP A 45 -9.80 -2.93 -48.85
C ASP A 45 -9.20 -4.23 -49.35
N GLU A 46 -9.77 -4.75 -50.43
CA GLU A 46 -9.26 -5.95 -51.09
C GLU A 46 -8.24 -5.50 -52.13
N PHE A 47 -6.95 -5.65 -51.80
CA PHE A 47 -5.88 -5.23 -52.68
C PHE A 47 -4.83 -6.33 -52.74
N ASP A 48 -4.09 -6.36 -53.84
CA ASP A 48 -3.12 -7.42 -54.10
C ASP A 48 -1.75 -6.99 -53.58
N LEU A 49 -1.24 -7.70 -52.57
CA LEU A 49 0.10 -7.47 -52.05
C LEU A 49 0.81 -8.80 -51.83
N GLU A 50 0.58 -9.76 -52.72
CA GLU A 50 1.12 -11.10 -52.53
C GLU A 50 2.63 -11.10 -52.66
N ASN A 51 3.16 -10.47 -53.72
CA ASN A 51 4.60 -10.38 -53.92
C ASN A 51 5.15 -8.98 -53.77
N ALA A 52 4.30 -7.99 -53.49
CA ALA A 52 4.76 -6.62 -53.33
C ALA A 52 5.57 -6.47 -52.06
N VAL A 53 6.64 -5.68 -52.14
CA VAL A 53 7.52 -5.41 -51.01
C VAL A 53 7.56 -3.89 -50.79
N LEU A 54 7.55 -3.48 -49.53
CA LEU A 54 7.54 -2.07 -49.16
C LEU A 54 8.83 -1.72 -48.44
N PHE A 55 9.54 -0.70 -48.95
CA PHE A 55 10.70 -0.13 -48.28
C PHE A 55 10.35 1.29 -47.85
N GLU A 56 10.46 1.56 -46.55
CA GLU A 56 10.19 2.89 -46.00
C GLU A 56 11.52 3.57 -45.68
N VAL A 57 11.95 4.46 -46.56
CA VAL A 57 13.24 5.12 -46.45
C VAL A 57 13.09 6.37 -45.61
N ALA A 58 13.90 6.49 -44.56
CA ALA A 58 13.86 7.64 -43.68
C ALA A 58 15.19 7.73 -42.94
N TRP A 59 15.73 8.95 -42.86
CA TRP A 59 16.97 9.18 -42.13
C TRP A 59 16.84 8.91 -40.64
N GLU A 60 15.61 8.84 -40.12
CA GLU A 60 15.38 8.70 -38.69
C GLU A 60 15.14 7.27 -38.26
N VAL A 61 15.38 6.30 -39.15
CA VAL A 61 15.21 4.89 -38.78
C VAL A 61 16.35 4.50 -37.85
N ALA A 62 16.00 4.14 -36.60
CA ALA A 62 16.98 3.81 -35.57
C ALA A 62 17.96 4.94 -35.33
N ASN A 63 17.51 6.19 -35.54
CA ASN A 63 18.35 7.36 -35.37
C ASN A 63 17.45 8.51 -34.94
N LYS A 64 17.34 8.73 -33.64
CA LYS A 64 16.40 9.71 -33.10
C LYS A 64 17.00 11.10 -33.25
N VAL A 65 16.63 11.80 -34.32
CA VAL A 65 17.09 13.16 -34.54
C VAL A 65 15.91 14.06 -34.86
N GLY A 66 14.72 13.66 -34.44
CA GLY A 66 13.52 14.43 -34.74
C GLY A 66 12.28 13.73 -34.25
N GLY A 67 11.14 14.22 -34.72
CA GLY A 67 9.84 13.68 -34.34
C GLY A 67 9.34 12.59 -35.27
N ILE A 68 9.94 12.49 -36.46
CA ILE A 68 9.60 11.42 -37.39
C ILE A 68 10.01 10.06 -36.84
N TYR A 69 10.98 10.02 -35.92
CA TYR A 69 11.39 8.76 -35.33
C TYR A 69 10.21 8.09 -34.63
N THR A 70 9.46 8.84 -33.82
CA THR A 70 8.31 8.28 -33.14
C THR A 70 7.20 7.91 -34.13
N VAL A 71 7.06 8.68 -35.21
CA VAL A 71 6.06 8.36 -36.23
C VAL A 71 6.36 6.98 -36.83
N LEU A 72 7.61 6.77 -37.26
CA LEU A 72 7.97 5.48 -37.83
C LEU A 72 7.86 4.36 -36.81
N GLN A 73 8.30 4.61 -35.58
CA GLN A 73 8.26 3.58 -34.56
C GLN A 73 6.83 3.15 -34.26
N THR A 74 5.90 4.09 -34.20
CA THR A 74 4.52 3.75 -33.91
C THR A 74 3.80 3.18 -35.13
N LYS A 75 4.15 3.61 -36.34
CA LYS A 75 3.51 3.11 -37.55
C LYS A 75 4.03 1.75 -37.98
N ALA A 76 5.19 1.33 -37.45
CA ALA A 76 5.76 0.06 -37.86
C ALA A 76 4.82 -1.10 -37.58
N LYS A 77 4.11 -1.06 -36.45
CA LYS A 77 3.22 -2.17 -36.09
C LYS A 77 2.08 -2.31 -37.09
N VAL A 78 1.40 -1.20 -37.40
CA VAL A 78 0.25 -1.29 -38.29
C VAL A 78 0.68 -1.52 -39.72
N THR A 79 1.90 -1.13 -40.09
CA THR A 79 2.37 -1.43 -41.44
C THR A 79 2.79 -2.89 -41.56
N GLY A 80 3.39 -3.44 -40.51
CA GLY A 80 3.69 -4.85 -40.47
C GLY A 80 2.47 -5.74 -40.49
N ASP A 81 1.44 -5.39 -39.70
CA ASP A 81 0.21 -6.17 -39.68
C ASP A 81 -0.48 -6.23 -41.03
N GLU A 82 0.02 -5.52 -42.04
CA GLU A 82 -0.53 -5.56 -43.38
C GLU A 82 0.46 -6.09 -44.41
N TRP A 83 1.76 -5.84 -44.23
CA TRP A 83 2.74 -6.26 -45.23
C TRP A 83 3.54 -7.50 -44.83
N GLY A 84 3.37 -8.00 -43.62
CA GLY A 84 4.09 -9.20 -43.23
C GLY A 84 5.60 -8.96 -43.21
N ASP A 85 6.33 -9.89 -43.80
CA ASP A 85 7.78 -9.84 -43.86
C ASP A 85 8.28 -9.06 -45.06
N ASN A 86 7.38 -8.59 -45.92
CA ASN A 86 7.72 -7.76 -47.06
C ASN A 86 7.82 -6.30 -46.72
N TYR A 87 8.02 -5.96 -45.45
CA TYR A 87 8.14 -4.59 -44.98
C TYR A 87 9.56 -4.37 -44.46
N PHE A 88 10.26 -3.41 -45.05
CA PHE A 88 11.63 -3.09 -44.68
C PHE A 88 11.75 -1.61 -44.39
N LEU A 89 12.75 -1.26 -43.60
CA LEU A 89 12.98 0.11 -43.16
C LEU A 89 14.42 0.49 -43.47
N VAL A 90 14.63 1.12 -44.63
CA VAL A 90 15.96 1.61 -44.98
C VAL A 90 16.32 2.79 -44.09
N GLY A 91 17.59 2.86 -43.68
CA GLY A 91 18.03 3.92 -42.81
C GLY A 91 19.54 4.04 -42.79
N PRO A 92 20.06 5.00 -42.05
CA PRO A 92 21.51 5.15 -41.94
C PRO A 92 22.08 4.40 -40.75
N TYR A 93 23.36 4.05 -40.87
CA TYR A 93 24.07 3.34 -39.81
C TYR A 93 24.64 4.34 -38.80
N THR A 94 24.29 4.15 -37.55
CA THR A 94 24.89 4.85 -36.43
C THR A 94 25.30 3.82 -35.39
N GLU A 95 26.49 4.01 -34.80
CA GLU A 95 26.98 3.05 -33.82
C GLU A 95 26.06 2.99 -32.60
N GLN A 96 25.62 4.15 -32.10
CA GLN A 96 24.74 4.17 -30.94
C GLN A 96 23.40 3.53 -31.25
N GLY A 97 22.81 3.86 -32.39
CA GLY A 97 21.49 3.33 -32.72
C GLY A 97 21.49 1.83 -32.87
N VAL A 98 22.48 1.27 -33.55
CA VAL A 98 22.61 -0.17 -33.66
C VAL A 98 22.90 -0.79 -32.30
N ARG A 99 23.78 -0.16 -31.52
CA ARG A 99 24.21 -0.75 -30.26
C ARG A 99 23.09 -0.79 -29.24
N THR A 100 22.09 0.10 -29.36
CA THR A 100 21.02 0.12 -28.37
C THR A 100 19.65 -0.31 -28.89
N GLN A 101 19.46 -0.38 -30.21
CA GLN A 101 18.12 -0.59 -30.77
C GLN A 101 18.03 -1.65 -31.85
N VAL A 102 19.12 -2.02 -32.52
CA VAL A 102 19.08 -2.89 -33.68
C VAL A 102 19.75 -4.21 -33.34
N GLU A 103 19.05 -5.31 -33.59
CA GLU A 103 19.58 -6.65 -33.42
C GLU A 103 19.95 -7.19 -34.79
N LEU A 104 21.25 -7.24 -35.09
CA LEU A 104 21.67 -7.69 -36.42
C LEU A 104 21.28 -9.14 -36.64
N LEU A 105 20.79 -9.43 -37.84
CA LEU A 105 20.30 -10.76 -38.15
C LEU A 105 20.82 -11.25 -39.49
N GLU A 106 20.30 -12.39 -39.94
CA GLU A 106 20.60 -12.96 -41.24
C GLU A 106 19.36 -12.83 -42.11
N ALA A 107 19.54 -12.32 -43.33
CA ALA A 107 18.41 -11.96 -44.17
C ALA A 107 17.56 -13.19 -44.49
N PRO A 108 16.24 -13.02 -44.62
CA PRO A 108 15.35 -14.18 -44.81
C PRO A 108 15.09 -14.59 -46.26
N THR A 109 15.53 -13.83 -47.26
CA THR A 109 15.28 -14.23 -48.63
C THR A 109 16.59 -14.27 -49.41
N PRO A 110 16.77 -15.27 -50.29
CA PRO A 110 18.06 -15.39 -51.00
C PRO A 110 18.44 -14.17 -51.80
N ALA A 111 17.46 -13.52 -52.42
CA ALA A 111 17.74 -12.26 -53.11
C ALA A 111 18.31 -11.23 -52.16
N LEU A 112 17.86 -11.23 -50.90
CA LEU A 112 18.34 -10.26 -49.94
C LEU A 112 19.79 -10.55 -49.53
N LYS A 113 20.14 -11.82 -49.31
CA LYS A 113 21.54 -12.15 -49.09
C LYS A 113 22.41 -11.76 -50.28
N ARG A 114 21.94 -12.05 -51.50
CA ARG A 114 22.74 -11.71 -52.67
C ARG A 114 22.92 -10.20 -52.78
N THR A 115 21.87 -9.43 -52.51
CA THR A 115 21.98 -7.97 -52.55
C THR A 115 22.98 -7.47 -51.52
N LEU A 116 22.86 -7.93 -50.27
CA LEU A 116 23.78 -7.48 -49.23
C LEU A 116 25.20 -7.87 -49.55
N ASP A 117 25.42 -9.10 -50.01
CA ASP A 117 26.77 -9.56 -50.32
C ASP A 117 27.38 -8.77 -51.48
N SER A 118 26.60 -8.53 -52.54
CA SER A 118 27.12 -7.76 -53.65
C SER A 118 27.46 -6.34 -53.24
N MET A 119 26.60 -5.69 -52.46
CA MET A 119 26.86 -4.32 -52.07
C MET A 119 28.01 -4.24 -51.07
N ASN A 120 28.20 -5.27 -50.25
CA ASN A 120 29.31 -5.27 -49.30
C ASN A 120 30.63 -5.56 -49.99
N SER A 121 30.63 -6.38 -51.04
CA SER A 121 31.85 -6.68 -51.78
C SER A 121 32.12 -5.67 -52.89
N LYS A 122 31.20 -4.73 -53.14
CA LYS A 122 31.39 -3.71 -54.16
C LYS A 122 31.72 -2.34 -53.56
N GLY A 123 32.33 -2.33 -52.37
CA GLY A 123 32.85 -1.11 -51.79
C GLY A 123 32.00 -0.46 -50.72
N CYS A 124 30.90 -1.09 -50.32
CA CYS A 124 30.03 -0.54 -49.29
C CYS A 124 29.97 -1.49 -48.09
N LYS A 125 29.30 -1.03 -47.04
CA LYS A 125 29.20 -1.78 -45.80
C LYS A 125 27.79 -1.62 -45.26
N VAL A 126 26.97 -2.66 -45.45
CA VAL A 126 25.53 -2.61 -45.21
C VAL A 126 25.18 -3.65 -44.15
N TYR A 127 24.29 -3.29 -43.23
CA TYR A 127 23.84 -4.20 -42.18
C TYR A 127 22.35 -4.47 -42.32
N PHE A 128 21.95 -5.70 -42.02
CA PHE A 128 20.56 -6.09 -41.95
C PHE A 128 20.24 -6.46 -40.51
N GLY A 129 19.13 -5.94 -39.99
CA GLY A 129 18.82 -6.20 -38.60
C GLY A 129 17.33 -6.12 -38.35
N ARG A 130 16.98 -6.21 -37.08
CA ARG A 130 15.61 -6.02 -36.61
C ARG A 130 15.59 -4.86 -35.65
N TRP A 131 14.68 -3.92 -35.88
CA TRP A 131 14.50 -2.77 -35.01
C TRP A 131 13.71 -3.21 -33.78
N LEU A 132 14.29 -3.02 -32.60
CA LEU A 132 13.71 -3.53 -31.36
C LEU A 132 12.60 -2.57 -30.89
N ILE A 133 11.50 -2.59 -31.63
CA ILE A 133 10.29 -1.87 -31.30
C ILE A 133 9.10 -2.82 -31.50
N GLU A 134 7.90 -2.31 -31.29
CA GLU A 134 6.71 -3.11 -31.53
C GLU A 134 6.60 -3.41 -33.02
N GLY A 135 6.34 -4.68 -33.34
CA GLY A 135 6.35 -5.16 -34.70
C GLY A 135 7.67 -5.72 -35.16
N GLY A 136 8.77 -5.31 -34.53
CA GLY A 136 10.10 -5.75 -34.90
C GLY A 136 10.38 -5.72 -36.38
N PRO A 137 10.24 -4.56 -37.03
CA PRO A 137 10.44 -4.50 -38.47
C PRO A 137 11.90 -4.72 -38.84
N LEU A 138 12.11 -5.29 -40.01
CA LEU A 138 13.46 -5.52 -40.51
C LEU A 138 14.02 -4.25 -41.13
N VAL A 139 15.24 -3.90 -40.74
CA VAL A 139 15.86 -2.64 -41.14
C VAL A 139 17.10 -2.95 -41.96
N VAL A 140 17.31 -2.16 -43.00
CA VAL A 140 18.48 -2.27 -43.87
C VAL A 140 19.28 -0.99 -43.65
N LEU A 141 20.23 -1.05 -42.73
CA LEU A 141 21.03 0.12 -42.39
C LEU A 141 22.23 0.23 -43.31
N LEU A 142 22.56 1.47 -43.66
CA LEU A 142 23.61 1.78 -44.63
C LEU A 142 24.62 2.72 -43.97
N ASP A 143 25.90 2.39 -44.08
CA ASP A 143 26.96 3.25 -43.56
C ASP A 143 27.31 4.26 -44.64
N VAL A 144 26.82 5.50 -44.46
CA VAL A 144 27.05 6.52 -45.47
C VAL A 144 28.53 6.93 -45.52
N GLY A 145 29.20 6.98 -44.37
CA GLY A 145 30.60 7.36 -44.35
C GLY A 145 31.48 6.36 -45.09
N ALA A 146 31.24 5.07 -44.89
CA ALA A 146 32.05 4.04 -45.53
C ALA A 146 31.95 4.07 -47.04
N SER A 147 30.92 4.70 -47.59
CA SER A 147 30.76 4.84 -49.03
C SER A 147 31.05 6.26 -49.51
N ALA A 148 31.73 7.06 -48.67
CA ALA A 148 32.03 8.44 -49.05
C ALA A 148 33.05 8.52 -50.17
N TRP A 149 33.81 7.45 -50.40
CA TRP A 149 34.89 7.51 -51.40
C TRP A 149 34.37 7.75 -52.81
N ALA A 150 33.10 7.43 -53.08
CA ALA A 150 32.51 7.67 -54.39
C ALA A 150 31.74 8.98 -54.46
N LEU A 151 31.66 9.73 -53.35
CA LEU A 151 30.77 10.88 -53.28
C LEU A 151 30.97 11.82 -54.46
N GLU A 152 32.22 12.22 -54.71
CA GLU A 152 32.51 13.11 -55.81
C GLU A 152 31.96 12.56 -57.12
N ARG A 153 32.32 11.32 -57.45
CA ARG A 153 31.77 10.70 -58.66
C ARG A 153 30.26 10.66 -58.59
N TRP A 154 29.72 10.31 -57.43
CA TRP A 154 28.27 10.28 -57.27
C TRP A 154 27.67 11.66 -57.52
N LYS A 155 28.34 12.71 -57.04
CA LYS A 155 27.85 14.07 -57.30
C LYS A 155 27.77 14.31 -58.80
N GLY A 156 28.76 13.83 -59.55
CA GLY A 156 28.69 13.96 -61.00
C GLY A 156 27.45 13.31 -61.57
N GLU A 157 27.08 12.14 -61.05
CA GLU A 157 25.83 11.51 -61.48
C GLU A 157 24.64 12.42 -61.18
N LEU A 158 24.63 13.04 -60.01
CA LEU A 158 23.56 13.97 -59.67
C LEU A 158 23.52 15.15 -60.64
N TRP A 159 24.65 15.49 -61.25
CA TRP A 159 24.67 16.53 -62.26
C TRP A 159 24.11 16.05 -63.60
N ASP A 160 24.31 14.77 -63.92
CA ASP A 160 23.97 14.27 -65.25
C ASP A 160 22.50 13.91 -65.41
N THR A 161 21.74 13.82 -64.32
CA THR A 161 20.36 13.39 -64.39
C THR A 161 19.36 14.36 -63.76
N CYS A 162 19.77 15.10 -62.73
CA CYS A 162 18.84 15.96 -61.99
C CYS A 162 19.19 17.44 -62.03
N ASN A 163 20.35 17.81 -62.56
CA ASN A 163 20.79 19.21 -62.61
C ASN A 163 20.83 19.84 -61.21
N ILE A 164 21.26 19.06 -60.23
CA ILE A 164 21.34 19.51 -58.84
C ILE A 164 22.78 19.43 -58.38
N GLY A 165 23.28 20.54 -57.84
CA GLY A 165 24.62 20.57 -57.28
C GLY A 165 24.59 20.86 -55.79
N VAL A 166 25.57 20.33 -55.07
CA VAL A 166 25.64 20.53 -53.62
C VAL A 166 27.04 21.00 -53.24
N PRO A 167 27.16 22.00 -52.37
CA PRO A 167 28.49 22.45 -51.93
C PRO A 167 29.14 21.43 -51.01
N TRP A 168 30.46 21.58 -50.86
CA TRP A 168 31.22 20.65 -50.03
C TRP A 168 30.95 20.86 -48.55
N TYR A 169 30.63 22.09 -48.13
CA TYR A 169 30.52 22.40 -46.71
C TYR A 169 29.21 21.94 -46.09
N ASP A 170 28.24 21.52 -46.88
CA ASP A 170 26.95 21.06 -46.34
C ASP A 170 27.07 19.58 -46.02
N ARG A 171 27.50 19.30 -44.78
CA ARG A 171 27.66 17.90 -44.35
C ARG A 171 26.32 17.18 -44.36
N GLU A 172 25.26 17.85 -43.92
CA GLU A 172 23.93 17.24 -43.91
C GLU A 172 23.48 16.88 -45.33
N ALA A 173 23.66 17.80 -46.27
CA ALA A 173 23.24 17.54 -47.65
C ALA A 173 24.10 16.48 -48.31
N ASN A 174 25.41 16.47 -48.01
CA ASN A 174 26.27 15.44 -48.58
C ASN A 174 25.92 14.06 -48.01
N ASP A 175 25.60 14.00 -46.72
CA ASP A 175 25.11 12.75 -46.14
C ASP A 175 23.81 12.32 -46.79
N ALA A 176 22.92 13.28 -47.07
CA ALA A 176 21.69 12.97 -47.77
C ALA A 176 21.95 12.40 -49.15
N VAL A 177 22.90 12.98 -49.88
CA VAL A 177 23.24 12.49 -51.22
C VAL A 177 23.79 11.07 -51.14
N LEU A 178 24.70 10.82 -50.19
CA LEU A 178 25.24 9.48 -50.02
C LEU A 178 24.15 8.48 -49.68
N PHE A 179 23.24 8.86 -48.77
CA PHE A 179 22.15 7.98 -48.38
C PHE A 179 21.23 7.69 -49.55
N GLY A 180 20.93 8.71 -50.37
CA GLY A 180 20.07 8.50 -51.51
C GLY A 180 20.68 7.59 -52.56
N PHE A 181 21.97 7.79 -52.84
CA PHE A 181 22.65 6.89 -53.78
C PHE A 181 22.72 5.48 -53.25
N LEU A 182 22.97 5.32 -51.94
CA LEU A 182 23.00 3.99 -51.36
C LEU A 182 21.64 3.31 -51.45
N THR A 183 20.57 4.05 -51.17
CA THR A 183 19.23 3.48 -51.25
C THR A 183 18.87 3.11 -52.68
N THR A 184 19.20 3.97 -53.65
CA THR A 184 18.90 3.65 -55.03
C THR A 184 19.67 2.42 -55.49
N TRP A 185 20.95 2.32 -55.12
CA TRP A 185 21.74 1.15 -55.47
C TRP A 185 21.17 -0.09 -54.82
N PHE A 186 20.75 0.02 -53.56
CA PHE A 186 20.15 -1.12 -52.88
C PHE A 186 18.88 -1.59 -53.57
N LEU A 187 18.01 -0.66 -53.95
CA LEU A 187 16.77 -1.03 -54.62
C LEU A 187 17.04 -1.66 -55.97
N GLY A 188 17.96 -1.08 -56.74
CA GLY A 188 18.29 -1.66 -58.03
C GLY A 188 18.87 -3.06 -57.92
N GLU A 189 19.78 -3.25 -56.95
CA GLU A 189 20.40 -4.56 -56.77
C GLU A 189 19.38 -5.58 -56.26
N PHE A 190 18.47 -5.15 -55.39
CA PHE A 190 17.41 -6.02 -54.90
C PHE A 190 16.50 -6.46 -56.04
N LEU A 191 16.17 -5.54 -56.95
CA LEU A 191 15.36 -5.91 -58.10
C LEU A 191 16.13 -6.83 -59.04
N ALA A 192 17.44 -6.62 -59.17
CA ALA A 192 18.25 -7.45 -60.07
C ALA A 192 18.36 -8.87 -59.54
N GLN A 193 18.63 -9.03 -58.23
CA GLN A 193 18.86 -10.34 -57.66
C GLN A 193 17.58 -11.14 -57.44
N SER A 194 16.41 -10.53 -57.58
CA SER A 194 15.17 -11.26 -57.41
C SER A 194 14.94 -12.17 -58.60
N GLU A 195 14.84 -13.48 -58.33
CA GLU A 195 14.59 -14.44 -59.41
C GLU A 195 13.25 -14.17 -60.07
N GLU A 196 12.23 -13.85 -59.28
CA GLU A 196 10.96 -13.34 -59.79
C GLU A 196 10.86 -11.87 -59.38
N LYS A 197 10.71 -11.00 -60.35
CA LYS A 197 10.73 -9.56 -60.09
C LYS A 197 9.46 -9.14 -59.34
N PRO A 198 9.55 -8.61 -58.13
CA PRO A 198 8.36 -8.20 -57.40
C PRO A 198 7.96 -6.76 -57.70
N HIS A 199 6.92 -6.27 -57.03
CA HIS A 199 6.52 -4.88 -57.10
C HIS A 199 7.04 -4.17 -55.86
N VAL A 200 7.89 -3.18 -56.06
CA VAL A 200 8.55 -2.47 -54.96
C VAL A 200 7.86 -1.12 -54.77
N VAL A 201 7.48 -0.84 -53.53
CA VAL A 201 6.93 0.46 -53.15
C VAL A 201 7.93 1.11 -52.21
N ALA A 202 8.54 2.20 -52.67
CA ALA A 202 9.52 2.94 -51.89
C ALA A 202 8.87 4.22 -51.38
N HIS A 203 8.78 4.36 -50.07
CA HIS A 203 8.16 5.51 -49.43
C HIS A 203 9.27 6.31 -48.73
N PHE A 204 9.65 7.43 -49.33
CA PHE A 204 10.69 8.29 -48.78
C PHE A 204 10.09 9.37 -47.91
N HIS A 205 10.71 9.62 -46.77
CA HIS A 205 10.26 10.66 -45.84
C HIS A 205 11.26 11.81 -45.80
N GLU A 206 10.77 13.03 -45.99
CA GLU A 206 11.54 14.26 -45.93
C GLU A 206 12.61 14.36 -47.02
N TRP A 207 13.22 15.54 -47.14
CA TRP A 207 14.18 15.81 -48.20
C TRP A 207 15.47 15.02 -48.05
N LEU A 208 15.78 14.59 -46.83
CA LEU A 208 17.00 13.83 -46.61
C LEU A 208 16.96 12.51 -47.37
N ALA A 209 15.80 11.88 -47.43
CA ALA A 209 15.61 10.63 -48.15
C ALA A 209 15.13 10.83 -49.58
N GLY A 210 14.84 12.06 -50.01
CA GLY A 210 14.22 12.27 -51.30
C GLY A 210 15.15 12.22 -52.49
N VAL A 211 16.45 12.45 -52.28
CA VAL A 211 17.40 12.32 -53.39
C VAL A 211 17.42 10.89 -53.91
N GLY A 212 17.19 9.92 -53.03
CA GLY A 212 17.01 8.56 -53.49
C GLY A 212 15.82 8.41 -54.41
N LEU A 213 14.73 9.13 -54.12
CA LEU A 213 13.57 9.13 -55.01
C LEU A 213 13.94 9.74 -56.36
N CYS A 214 14.68 10.85 -56.35
CA CYS A 214 15.10 11.47 -57.59
C CYS A 214 15.95 10.52 -58.43
N LEU A 215 16.85 9.76 -57.78
CA LEU A 215 17.68 8.82 -58.51
C LEU A 215 16.88 7.62 -59.01
N CYS A 216 15.92 7.14 -58.20
CA CYS A 216 15.09 6.02 -58.63
C CYS A 216 14.27 6.38 -59.85
N ARG A 217 13.72 7.60 -59.88
CA ARG A 217 12.97 8.02 -61.06
C ARG A 217 13.87 8.27 -62.27
N ALA A 218 15.16 8.49 -62.06
CA ALA A 218 16.09 8.78 -63.13
C ALA A 218 16.80 7.54 -63.65
N ARG A 219 16.42 6.35 -63.17
CA ARG A 219 16.99 5.10 -63.66
C ARG A 219 15.92 4.13 -64.15
N ARG A 220 14.66 4.58 -64.27
CA ARG A 220 13.58 3.76 -64.79
C ARG A 220 13.43 2.45 -64.02
N LEU A 221 13.69 2.51 -62.72
CA LEU A 221 13.49 1.34 -61.88
C LEU A 221 12.00 1.05 -61.72
N PRO A 222 11.59 -0.21 -61.81
CA PRO A 222 10.17 -0.53 -61.63
C PRO A 222 9.74 -0.41 -60.18
N VAL A 223 9.68 0.83 -59.67
CA VAL A 223 9.39 1.10 -58.28
C VAL A 223 8.34 2.20 -58.20
N ALA A 224 7.38 2.04 -57.29
CA ALA A 224 6.36 3.05 -57.02
C ALA A 224 6.85 3.92 -55.88
N THR A 225 7.14 5.18 -56.17
CA THR A 225 7.76 6.09 -55.22
C THR A 225 6.72 7.02 -54.61
N ILE A 226 6.70 7.07 -53.28
CA ILE A 226 5.88 8.00 -52.52
C ILE A 226 6.83 8.94 -51.80
N PHE A 227 6.45 10.21 -51.69
CA PHE A 227 7.21 11.21 -50.96
C PHE A 227 6.33 11.83 -49.90
N THR A 228 6.78 11.82 -48.65
CA THR A 228 6.05 12.46 -47.56
C THR A 228 6.91 13.55 -46.96
N THR A 229 6.36 14.76 -46.88
CA THR A 229 7.04 15.88 -46.23
C THR A 229 6.33 16.15 -44.90
N HIS A 230 7.08 16.02 -43.80
CA HIS A 230 6.55 16.32 -42.49
C HIS A 230 6.70 17.79 -42.13
N ALA A 231 7.44 18.55 -42.94
CA ALA A 231 7.56 19.99 -42.79
C ALA A 231 8.23 20.55 -44.04
N THR A 232 7.66 21.59 -44.64
CA THR A 232 8.29 22.22 -45.78
C THR A 232 9.58 22.90 -45.33
N LEU A 233 10.59 22.86 -46.20
CA LEU A 233 11.93 23.26 -45.80
C LEU A 233 12.05 24.76 -45.62
N LEU A 234 11.52 25.54 -46.58
CA LEU A 234 11.60 26.99 -46.47
C LEU A 234 10.62 27.57 -45.47
N GLY A 235 9.62 26.79 -45.03
CA GLY A 235 8.60 27.33 -44.15
C GLY A 235 9.16 27.80 -42.83
N ARG A 236 10.07 27.03 -42.24
CA ARG A 236 10.65 27.39 -40.95
C ARG A 236 11.40 28.73 -41.05
N TYR A 237 12.23 28.87 -42.07
CA TYR A 237 12.99 30.11 -42.24
C TYR A 237 12.09 31.29 -42.56
N LEU A 238 11.08 31.09 -43.42
CA LEU A 238 10.21 32.18 -43.78
C LEU A 238 9.34 32.63 -42.61
N CYS A 239 8.83 31.69 -41.81
CA CYS A 239 8.05 32.07 -40.64
C CYS A 239 8.93 32.71 -39.57
N ALA A 240 10.18 32.26 -39.45
CA ALA A 240 11.10 32.89 -38.50
C ALA A 240 11.41 34.33 -38.90
N GLY A 241 11.19 34.70 -40.16
CA GLY A 241 11.40 36.07 -40.59
C GLY A 241 10.37 37.07 -40.09
N ALA A 242 9.20 36.58 -39.68
CA ALA A 242 8.12 37.43 -39.16
C ALA A 242 7.71 38.49 -40.18
N VAL A 243 7.49 38.05 -41.42
CA VAL A 243 7.09 38.95 -42.50
C VAL A 243 5.74 38.46 -43.03
N ASP A 244 4.90 37.94 -42.13
CA ASP A 244 3.58 37.40 -42.48
C ASP A 244 3.72 36.25 -43.49
N PHE A 245 4.32 35.17 -42.99
CA PHE A 245 4.59 33.99 -43.81
C PHE A 245 3.32 33.47 -44.47
N TYR A 246 2.26 33.27 -43.67
CA TYR A 246 1.04 32.70 -44.22
C TYR A 246 0.26 33.70 -45.06
N ASN A 247 0.38 34.99 -44.78
CA ASN A 247 -0.32 35.99 -45.56
C ASN A 247 0.32 36.23 -46.92
N ASN A 248 1.63 36.01 -47.03
CA ASN A 248 2.37 36.28 -48.27
C ASN A 248 2.79 35.01 -48.98
N LEU A 249 2.08 33.90 -48.74
CA LEU A 249 2.44 32.62 -49.33
C LEU A 249 2.48 32.69 -50.85
N GLU A 250 1.64 33.51 -51.45
CA GLU A 250 1.61 33.67 -52.90
C GLU A 250 2.48 34.82 -53.39
N ASN A 251 3.23 35.47 -52.50
CA ASN A 251 4.14 36.54 -52.86
C ASN A 251 5.55 36.28 -52.35
N PHE A 252 6.02 35.04 -52.52
CA PHE A 252 7.37 34.67 -52.15
C PHE A 252 8.17 34.30 -53.40
N ASN A 253 9.43 34.70 -53.42
CA ASN A 253 10.40 34.23 -54.41
C ASN A 253 11.20 33.14 -53.74
N VAL A 254 10.86 31.88 -54.03
CA VAL A 254 11.45 30.75 -53.33
C VAL A 254 12.95 30.68 -53.59
N ASP A 255 13.36 30.86 -54.84
CA ASP A 255 14.78 30.84 -55.17
C ASP A 255 15.53 31.98 -54.50
N LYS A 256 14.93 33.17 -54.48
CA LYS A 256 15.58 34.31 -53.83
C LYS A 256 15.72 34.09 -52.34
N GLU A 257 14.67 33.57 -51.69
CA GLU A 257 14.73 33.32 -50.25
C GLU A 257 15.76 32.25 -49.93
N ALA A 258 15.81 31.20 -50.75
CA ALA A 258 16.82 30.15 -50.55
C ALA A 258 18.22 30.72 -50.71
N GLY A 259 18.44 31.56 -51.72
CA GLY A 259 19.75 32.17 -51.90
C GLY A 259 20.12 33.09 -50.76
N GLU A 260 19.13 33.78 -50.20
CA GLU A 260 19.37 34.57 -49.00
C GLU A 260 19.80 33.69 -47.83
N ARG A 261 19.14 32.54 -47.67
CA ARG A 261 19.48 31.61 -46.61
C ARG A 261 20.59 30.63 -47.00
N GLN A 262 21.06 30.68 -48.24
CA GLN A 262 22.13 29.81 -48.73
C GLN A 262 21.77 28.33 -48.61
N ILE A 263 20.49 28.01 -48.78
CA ILE A 263 20.01 26.63 -48.73
C ILE A 263 19.34 26.28 -50.05
N TYR A 264 19.84 26.86 -51.14
CA TYR A 264 19.20 26.65 -52.44
C TYR A 264 19.29 25.19 -52.87
N HIS A 265 20.41 24.53 -52.57
CA HIS A 265 20.54 23.13 -52.95
C HIS A 265 19.54 22.24 -52.23
N ARG A 266 19.34 22.48 -50.92
CA ARG A 266 18.38 21.68 -50.17
C ARG A 266 16.96 21.89 -50.69
N TYR A 267 16.58 23.14 -50.94
CA TYR A 267 15.27 23.42 -51.49
C TYR A 267 15.11 22.78 -52.87
N CYS A 268 16.15 22.85 -53.69
CA CYS A 268 16.11 22.25 -55.01
C CYS A 268 15.90 20.75 -54.93
N MET A 269 16.60 20.08 -54.02
CA MET A 269 16.49 18.63 -53.95
C MET A 269 15.14 18.21 -53.37
N GLU A 270 14.60 18.97 -52.41
CA GLU A 270 13.26 18.64 -51.92
C GLU A 270 12.21 18.87 -53.00
N ARG A 271 12.35 19.95 -53.77
CA ARG A 271 11.41 20.18 -54.87
C ARG A 271 11.50 19.10 -55.92
N ALA A 272 12.72 18.64 -56.22
CA ALA A 272 12.89 17.55 -57.17
C ALA A 272 12.24 16.27 -56.65
N ALA A 273 12.41 15.97 -55.36
CA ALA A 273 11.78 14.79 -54.78
C ALA A 273 10.27 14.87 -54.86
N ALA A 274 9.70 16.04 -54.54
CA ALA A 274 8.26 16.21 -54.60
C ALA A 274 7.75 16.11 -56.02
N HIS A 275 8.48 16.66 -56.99
CA HIS A 275 8.03 16.65 -58.38
C HIS A 275 8.14 15.26 -58.99
N CYS A 276 9.17 14.50 -58.65
CA CYS A 276 9.40 13.19 -59.24
C CYS A 276 8.49 12.11 -58.68
N ALA A 277 8.05 12.25 -57.43
CA ALA A 277 7.31 11.17 -56.78
C ALA A 277 6.04 10.83 -57.53
N HIS A 278 5.71 9.54 -57.56
CA HIS A 278 4.42 9.12 -58.10
C HIS A 278 3.28 9.68 -57.26
N VAL A 279 3.41 9.60 -55.94
CA VAL A 279 2.41 10.10 -55.01
C VAL A 279 3.10 11.07 -54.06
N PHE A 280 2.52 12.24 -53.88
CA PHE A 280 3.01 13.25 -52.96
C PHE A 280 2.01 13.36 -51.81
N THR A 281 2.46 13.11 -50.59
CA THR A 281 1.61 13.20 -49.43
C THR A 281 2.18 14.19 -48.44
N THR A 282 1.36 14.54 -47.46
CA THR A 282 1.73 15.51 -46.44
C THR A 282 1.00 15.16 -45.15
N VAL A 283 1.53 15.64 -44.03
CA VAL A 283 0.96 15.30 -42.74
C VAL A 283 -0.19 16.20 -42.33
N SER A 284 -0.46 17.26 -43.08
CA SER A 284 -1.50 18.20 -42.69
C SER A 284 -1.96 19.00 -43.90
N GLN A 285 -3.11 19.65 -43.75
CA GLN A 285 -3.64 20.51 -44.80
C GLN A 285 -2.93 21.85 -44.87
N ILE A 286 -2.48 22.37 -43.73
CA ILE A 286 -1.74 23.62 -43.73
C ILE A 286 -0.37 23.43 -44.37
N THR A 287 0.31 22.32 -44.05
CA THR A 287 1.55 22.01 -44.72
C THR A 287 1.30 21.64 -46.17
N ALA A 288 0.10 21.13 -46.48
CA ALA A 288 -0.25 20.88 -47.87
C ALA A 288 -0.34 22.17 -48.66
N ILE A 289 -0.91 23.22 -48.05
CA ILE A 289 -0.93 24.53 -48.70
C ILE A 289 0.48 25.09 -48.84
N GLU A 290 1.29 24.94 -47.78
CA GLU A 290 2.69 25.36 -47.86
C GLU A 290 3.41 24.68 -49.02
N ALA A 291 3.16 23.38 -49.19
CA ALA A 291 3.82 22.64 -50.27
C ALA A 291 3.26 23.01 -51.64
N GLN A 292 1.98 23.31 -51.71
CA GLN A 292 1.40 23.74 -52.98
C GLN A 292 1.99 25.06 -53.43
N HIS A 293 2.26 25.96 -52.50
CA HIS A 293 2.78 27.27 -52.88
C HIS A 293 4.30 27.33 -52.95
N LEU A 294 5.01 26.47 -52.22
CA LEU A 294 6.47 26.50 -52.19
C LEU A 294 7.08 25.42 -53.06
N LEU A 295 6.64 24.18 -52.91
CA LEU A 295 7.13 23.08 -53.72
C LEU A 295 6.43 22.98 -55.08
N LYS A 296 5.41 23.81 -55.30
CA LYS A 296 4.72 23.90 -56.59
C LYS A 296 4.08 22.57 -56.99
N ARG A 297 3.59 21.83 -56.01
CA ARG A 297 2.83 20.62 -56.28
C ARG A 297 1.79 20.43 -55.19
N LYS A 298 0.55 20.17 -55.59
CA LYS A 298 -0.52 19.92 -54.64
C LYS A 298 -0.47 18.45 -54.20
N PRO A 299 -0.40 18.17 -52.91
CA PRO A 299 -0.34 16.78 -52.45
C PRO A 299 -1.56 15.98 -52.88
N ASP A 300 -1.32 14.70 -53.19
CA ASP A 300 -2.41 13.80 -53.57
C ASP A 300 -3.26 13.42 -52.37
N ILE A 301 -2.62 13.07 -51.26
CA ILE A 301 -3.32 12.72 -50.02
C ILE A 301 -2.65 13.47 -48.88
N VAL A 302 -3.41 13.71 -47.83
CA VAL A 302 -2.87 14.17 -46.55
C VAL A 302 -2.87 12.98 -45.61
N THR A 303 -1.70 12.65 -45.06
CA THR A 303 -1.52 11.48 -44.20
C THR A 303 -1.18 11.95 -42.79
N PRO A 304 -2.15 12.15 -41.91
CA PRO A 304 -1.86 12.65 -40.58
C PRO A 304 -1.05 11.67 -39.76
N ASN A 305 -0.27 12.21 -38.82
CA ASN A 305 0.46 11.37 -37.89
C ASN A 305 -0.50 10.81 -36.84
N GLY A 306 -0.28 9.56 -36.45
CA GLY A 306 -1.08 8.90 -35.46
C GLY A 306 -0.23 8.47 -34.27
N LEU A 307 -0.91 7.91 -33.29
CA LEU A 307 -0.25 7.43 -32.08
C LEU A 307 -0.71 6.01 -31.79
N ASN A 308 0.10 5.28 -31.04
CA ASN A 308 -0.27 3.96 -30.56
C ASN A 308 -1.01 4.10 -29.24
N VAL A 309 -2.26 4.58 -29.33
CA VAL A 309 -3.05 4.82 -28.14
C VAL A 309 -3.30 3.50 -27.44
N LYS A 310 -3.10 3.49 -26.12
CA LYS A 310 -3.08 2.24 -25.36
C LYS A 310 -3.78 2.38 -24.02
N LYS A 311 -4.73 3.31 -23.91
CA LYS A 311 -5.33 3.67 -22.63
C LYS A 311 -4.23 4.02 -21.62
N PHE A 312 -3.44 5.04 -22.00
CA PHE A 312 -2.19 5.42 -21.34
C PHE A 312 -2.13 5.15 -19.84
N GLU A 317 -11.55 6.25 -16.48
CA GLU A 317 -11.44 7.07 -17.68
C GLU A 317 -10.62 8.32 -17.39
N PHE A 318 -9.35 8.13 -17.06
CA PHE A 318 -8.42 9.22 -16.77
C PHE A 318 -8.95 10.15 -15.68
N GLN A 319 -9.68 9.61 -14.70
CA GLN A 319 -10.21 10.42 -13.61
C GLN A 319 -9.58 10.08 -12.27
N ASN A 320 -9.16 8.83 -12.08
CA ASN A 320 -8.27 8.50 -10.97
C ASN A 320 -6.90 9.14 -11.19
N LEU A 321 -6.35 8.98 -12.40
CA LEU A 321 -5.07 9.58 -12.72
C LEU A 321 -5.13 11.10 -12.65
N HIS A 322 -6.22 11.69 -13.16
CA HIS A 322 -6.38 13.13 -13.06
C HIS A 322 -6.41 13.57 -11.60
N ALA A 323 -7.13 12.85 -10.75
CA ALA A 323 -7.21 13.22 -9.34
C ALA A 323 -5.84 13.14 -8.66
N GLN A 324 -5.12 12.05 -8.89
CA GLN A 324 -3.81 11.88 -8.26
C GLN A 324 -2.82 12.93 -8.75
N SER A 325 -2.78 13.16 -10.06
CA SER A 325 -1.85 14.13 -10.62
C SER A 325 -2.22 15.55 -10.19
N LYS A 326 -3.52 15.85 -10.10
CA LYS A 326 -3.95 17.15 -9.62
C LYS A 326 -3.56 17.34 -8.17
N ALA A 327 -3.62 16.27 -7.37
CA ALA A 327 -3.15 16.36 -5.99
C ALA A 327 -1.66 16.67 -5.92
N ARG A 328 -0.86 16.01 -6.78
CA ARG A 328 0.57 16.28 -6.79
C ARG A 328 0.87 17.71 -7.25
N ILE A 329 0.14 18.20 -8.25
CA ILE A 329 0.33 19.57 -8.70
C ILE A 329 -0.09 20.56 -7.61
N GLN A 330 -1.14 20.24 -6.87
CA GLN A 330 -1.57 21.09 -5.76
C GLN A 330 -0.50 21.13 -4.68
N GLU A 331 0.14 20.00 -4.41
CA GLU A 331 1.24 19.99 -3.45
C GLU A 331 2.40 20.85 -3.92
N PHE A 332 2.75 20.75 -5.20
CA PHE A 332 3.82 21.60 -5.72
C PHE A 332 3.46 23.08 -5.59
N VAL A 333 2.22 23.44 -5.93
CA VAL A 333 1.81 24.84 -5.86
C VAL A 333 1.78 25.32 -4.42
N ARG A 334 1.42 24.43 -3.48
CA ARG A 334 1.47 24.77 -2.07
C ARG A 334 2.89 25.05 -1.62
N GLY A 335 3.84 24.22 -2.05
CA GLY A 335 5.22 24.47 -1.71
C GLY A 335 5.75 25.76 -2.30
N HIS A 336 5.49 25.98 -3.59
CA HIS A 336 6.04 27.14 -4.28
C HIS A 336 5.53 28.44 -3.70
N PHE A 337 4.24 28.50 -3.36
CA PHE A 337 3.60 29.73 -2.90
C PHE A 337 3.48 29.79 -1.38
N TYR A 338 4.39 29.13 -0.66
CA TYR A 338 4.30 29.10 0.80
C TYR A 338 4.44 30.51 1.36
N GLY A 339 3.61 30.82 2.35
CA GLY A 339 3.52 32.17 2.85
C GLY A 339 2.69 33.10 2.01
N HIS A 340 2.15 32.61 0.89
CA HIS A 340 1.30 33.41 0.02
C HIS A 340 0.06 32.64 -0.43
N LEU A 341 -0.34 31.60 0.32
CA LEU A 341 -1.47 30.76 -0.06
C LEU A 341 -2.79 31.37 0.42
N ASP A 342 -3.05 32.59 -0.07
CA ASP A 342 -4.23 33.34 0.31
C ASP A 342 -5.41 33.08 -0.61
N PHE A 343 -5.28 32.19 -1.58
CA PHE A 343 -6.33 31.91 -2.55
C PHE A 343 -6.86 30.49 -2.39
N ASN A 344 -8.09 30.28 -2.82
CA ASN A 344 -8.71 28.97 -2.75
C ASN A 344 -8.06 28.04 -3.77
N LEU A 345 -7.52 26.92 -3.31
CA LEU A 345 -6.92 25.94 -4.21
C LEU A 345 -7.93 24.98 -4.79
N ASP A 346 -9.17 25.00 -4.28
CA ASP A 346 -10.25 24.19 -4.86
C ASP A 346 -10.87 24.84 -6.08
N LYS A 347 -10.57 26.12 -6.32
CA LYS A 347 -11.05 26.83 -7.51
C LYS A 347 -9.90 27.26 -8.40
N THR A 348 -8.76 26.56 -8.33
CA THR A 348 -7.58 26.89 -9.12
C THR A 348 -7.54 26.00 -10.35
N LEU A 349 -7.34 26.63 -11.51
CA LEU A 349 -7.27 25.94 -12.79
C LEU A 349 -5.85 25.92 -13.28
N TYR A 350 -5.39 24.74 -13.70
CA TYR A 350 -4.01 24.54 -14.12
C TYR A 350 -3.96 24.49 -15.65
N PHE A 351 -3.43 25.54 -16.26
CA PHE A 351 -3.15 25.58 -17.68
C PHE A 351 -1.68 25.25 -17.90
N PHE A 352 -1.35 24.82 -19.11
CA PHE A 352 0.05 24.52 -19.39
C PHE A 352 0.34 24.64 -20.88
N ILE A 353 1.59 24.96 -21.18
CA ILE A 353 2.15 24.92 -22.53
C ILE A 353 3.49 24.22 -22.45
N ALA A 354 3.80 23.40 -23.44
CA ALA A 354 5.01 22.60 -23.44
C ALA A 354 5.58 22.54 -24.84
N GLY A 355 6.69 21.86 -24.99
CA GLY A 355 7.33 21.67 -26.28
C GLY A 355 8.67 22.38 -26.35
N ARG A 356 9.20 22.43 -27.58
CA ARG A 356 10.45 23.13 -27.83
C ARG A 356 10.31 24.61 -27.51
N TYR A 357 11.40 25.20 -27.02
CA TYR A 357 11.38 26.58 -26.53
C TYR A 357 11.54 27.52 -27.72
N GLU A 358 10.45 27.66 -28.49
CA GLU A 358 10.38 28.57 -29.62
C GLU A 358 9.28 29.58 -29.32
N PHE A 359 9.68 30.82 -28.99
CA PHE A 359 8.73 31.80 -28.48
C PHE A 359 7.67 32.14 -29.54
N SER A 360 8.12 32.51 -30.73
CA SER A 360 7.17 32.92 -31.77
C SER A 360 6.44 31.73 -32.38
N ASN A 361 7.15 30.63 -32.65
CA ASN A 361 6.56 29.50 -33.35
C ASN A 361 5.53 28.79 -32.48
N LYS A 362 5.85 28.55 -31.22
CA LYS A 362 4.94 27.87 -30.31
C LYS A 362 3.86 28.78 -29.77
N GLY A 363 3.89 30.07 -30.10
CA GLY A 363 2.87 31.00 -29.67
C GLY A 363 2.84 31.25 -28.19
N ALA A 364 4.01 31.26 -27.53
CA ALA A 364 4.05 31.53 -26.10
C ALA A 364 3.77 33.00 -25.81
N ASP A 365 4.11 33.90 -26.72
CA ASP A 365 3.78 35.31 -26.53
C ASP A 365 2.28 35.54 -26.55
N VAL A 366 1.56 34.86 -27.45
CA VAL A 366 0.11 34.96 -27.47
C VAL A 366 -0.49 34.42 -26.18
N PHE A 367 0.06 33.31 -25.68
CA PHE A 367 -0.40 32.76 -24.42
C PHE A 367 -0.17 33.74 -23.28
N LEU A 368 0.99 34.39 -23.23
CA LEU A 368 1.28 35.32 -22.15
C LEU A 368 0.38 36.56 -22.22
N GLU A 369 0.16 37.10 -23.42
CA GLU A 369 -0.72 38.25 -23.55
C GLU A 369 -2.14 37.90 -23.16
N ALA A 370 -2.62 36.72 -23.58
CA ALA A 370 -3.95 36.29 -23.16
C ALA A 370 -4.03 36.04 -21.67
N LEU A 371 -2.93 35.59 -21.06
CA LEU A 371 -2.89 35.42 -19.60
C LEU A 371 -3.02 36.75 -18.90
N ALA A 372 -2.33 37.78 -19.38
CA ALA A 372 -2.46 39.11 -18.79
C ALA A 372 -3.88 39.63 -18.92
N ARG A 373 -4.47 39.49 -20.12
CA ARG A 373 -5.84 39.95 -20.33
C ARG A 373 -6.82 39.18 -19.44
N LEU A 374 -6.61 37.87 -19.29
CA LEU A 374 -7.49 37.07 -18.45
C LEU A 374 -7.31 37.43 -16.97
N ASN A 375 -6.09 37.77 -16.56
CA ASN A 375 -5.88 38.26 -15.20
C ASN A 375 -6.68 39.54 -14.96
N TYR A 376 -6.64 40.46 -15.91
CA TYR A 376 -7.44 41.67 -15.78
C TYR A 376 -8.93 41.34 -15.72
N LEU A 377 -9.39 40.41 -16.57
CA LEU A 377 -10.81 40.05 -16.57
C LEU A 377 -11.22 39.44 -15.24
N LEU A 378 -10.40 38.55 -14.69
CA LEU A 378 -10.71 37.91 -13.42
C LEU A 378 -10.71 38.91 -12.28
N ARG A 379 -9.79 39.88 -12.30
CA ARG A 379 -9.79 40.87 -11.23
C ARG A 379 -10.99 41.81 -11.33
N VAL A 380 -11.29 42.29 -12.53
CA VAL A 380 -12.41 43.22 -12.69
C VAL A 380 -13.73 42.54 -12.35
N ASN A 381 -13.94 41.33 -12.86
CA ASN A 381 -15.18 40.62 -12.61
C ASN A 381 -15.24 40.04 -11.20
N GLY A 382 -14.17 40.13 -10.43
CA GLY A 382 -14.19 39.64 -9.07
C GLY A 382 -14.28 38.14 -8.96
N SER A 383 -13.98 37.42 -10.04
CA SER A 383 -14.03 35.97 -10.00
C SER A 383 -12.94 35.44 -9.09
N GLU A 384 -13.34 34.70 -8.05
CA GLU A 384 -12.39 34.13 -7.10
C GLU A 384 -11.60 32.97 -7.71
N GLN A 385 -11.77 32.67 -8.99
CA GLN A 385 -10.97 31.67 -9.65
C GLN A 385 -9.51 32.12 -9.71
N THR A 386 -8.61 31.16 -9.56
CA THR A 386 -7.19 31.37 -9.74
C THR A 386 -6.72 30.46 -10.88
N VAL A 387 -5.76 30.94 -11.65
CA VAL A 387 -5.22 30.20 -12.78
C VAL A 387 -3.71 30.12 -12.61
N VAL A 388 -3.18 28.91 -12.50
CA VAL A 388 -1.74 28.68 -12.47
C VAL A 388 -1.32 28.17 -13.84
N ALA A 389 -0.51 28.95 -14.54
CA ALA A 389 -0.05 28.62 -15.87
C ALA A 389 1.38 28.11 -15.80
N PHE A 390 1.60 26.90 -16.30
CA PHE A 390 2.92 26.28 -16.34
C PHE A 390 3.52 26.44 -17.71
N PHE A 391 4.78 26.84 -17.76
CA PHE A 391 5.53 26.95 -19.02
C PHE A 391 6.64 25.91 -18.95
N ILE A 392 6.35 24.71 -19.47
CA ILE A 392 7.31 23.61 -19.46
C ILE A 392 8.07 23.69 -20.77
N MET A 393 9.08 24.54 -20.81
CA MET A 393 9.84 24.73 -22.05
C MET A 393 11.33 24.77 -21.74
N PRO A 394 12.08 23.73 -22.10
CA PRO A 394 13.49 23.65 -21.70
C PRO A 394 14.31 24.81 -22.23
N ALA A 395 15.22 25.30 -21.40
CA ALA A 395 16.10 26.39 -21.76
C ALA A 395 17.48 26.10 -21.16
N ARG A 396 18.37 27.09 -21.25
CA ARG A 396 19.73 26.96 -20.74
C ARG A 396 19.76 27.51 -19.32
N THR A 397 19.75 26.61 -18.33
CA THR A 397 19.63 26.99 -16.93
C THR A 397 20.77 26.39 -16.14
N ASN A 398 21.14 27.06 -15.04
CA ASN A 398 22.23 26.59 -14.21
C ASN A 398 21.78 25.51 -13.23
N ASN A 399 20.90 25.87 -12.29
CA ASN A 399 20.40 24.96 -11.28
C ASN A 399 19.07 25.47 -10.75
N PHE A 400 18.55 24.79 -9.74
CA PHE A 400 17.26 25.15 -9.16
C PHE A 400 17.38 26.43 -8.34
N ASN A 401 16.32 27.23 -8.38
CA ASN A 401 16.28 28.45 -7.59
C ASN A 401 16.25 28.14 -6.11
N VAL A 402 16.81 29.03 -5.30
CA VAL A 402 16.85 28.81 -3.86
C VAL A 402 15.46 28.95 -3.25
N GLU A 403 14.67 29.92 -3.73
CA GLU A 403 13.32 30.09 -3.19
C GLU A 403 12.46 28.87 -3.47
N THR A 404 12.59 28.30 -4.65
CA THR A 404 11.76 27.15 -5.02
C THR A 404 12.10 25.92 -4.19
N LEU A 405 13.40 25.65 -4.02
CA LEU A 405 13.82 24.54 -3.18
C LEU A 405 13.40 24.76 -1.73
N LYS A 406 13.52 25.99 -1.23
CA LYS A 406 13.10 26.29 0.12
C LYS A 406 11.60 26.07 0.28
N GLY A 407 10.81 26.45 -0.72
CA GLY A 407 9.38 26.23 -0.66
C GLY A 407 9.01 24.77 -0.63
N GLN A 408 9.68 23.96 -1.45
CA GLN A 408 9.39 22.53 -1.42
C GLN A 408 9.78 21.91 -0.09
N ALA A 409 10.91 22.33 0.48
CA ALA A 409 11.32 21.82 1.79
C ALA A 409 10.35 22.25 2.88
N VAL A 410 9.87 23.49 2.81
CA VAL A 410 8.90 23.99 3.79
C VAL A 410 7.60 23.20 3.70
N ARG A 411 7.13 22.92 2.49
CA ARG A 411 5.92 22.12 2.34
C ARG A 411 6.12 20.71 2.89
N LYS A 412 7.29 20.12 2.63
CA LYS A 412 7.56 18.79 3.18
C LYS A 412 7.53 18.81 4.70
N GLN A 413 8.12 19.84 5.31
CA GLN A 413 8.13 19.94 6.76
C GLN A 413 6.73 20.12 7.32
N LEU A 414 5.93 20.98 6.68
CA LEU A 414 4.54 21.16 7.11
C LEU A 414 3.76 19.85 6.99
N TRP A 415 3.95 19.12 5.89
CA TRP A 415 3.26 17.85 5.73
C TRP A 415 3.66 16.86 6.80
N ASP A 416 4.96 16.76 7.10
CA ASP A 416 5.41 15.82 8.13
C ASP A 416 4.85 16.20 9.49
N THR A 417 4.85 17.50 9.82
CA THR A 417 4.29 17.95 11.08
C THR A 417 2.81 17.62 11.18
N ALA A 418 2.07 17.89 10.10
CA ALA A 418 0.63 17.62 10.10
C ALA A 418 0.36 16.14 10.26
N ASN A 419 1.11 15.29 9.55
CA ASN A 419 0.91 13.85 9.70
C ASN A 419 1.22 13.38 11.11
N THR A 420 2.31 13.88 11.70
CA THR A 420 2.67 13.44 13.04
C THR A 420 1.60 13.82 14.06
N VAL A 421 1.17 15.09 14.03
CA VAL A 421 0.14 15.53 14.95
C VAL A 421 -1.17 14.79 14.71
N LYS A 422 -1.52 14.59 13.44
CA LYS A 422 -2.75 13.90 13.10
C LYS A 422 -2.74 12.46 13.59
N GLU A 423 -1.61 11.77 13.42
CA GLU A 423 -1.53 10.38 13.84
C GLU A 423 -1.62 10.25 15.36
N LYS A 424 -0.91 11.10 16.10
CA LYS A 424 -1.04 10.96 17.55
C LYS A 424 -2.41 11.42 18.04
N PHE A 425 -3.01 12.42 17.38
CA PHE A 425 -4.36 12.81 17.72
C PHE A 425 -5.34 11.67 17.47
N GLY A 426 -5.20 10.97 16.36
CA GLY A 426 -6.08 9.86 16.06
C GLY A 426 -5.90 8.71 17.04
N ARG A 427 -4.65 8.45 17.44
CA ARG A 427 -4.40 7.44 18.46
C ARG A 427 -5.06 7.78 19.78
N LYS A 428 -4.89 9.02 20.24
CA LYS A 428 -5.51 9.45 21.49
C LYS A 428 -7.04 9.46 21.38
N LEU A 429 -7.56 9.86 20.23
CA LEU A 429 -9.00 9.87 20.01
C LEU A 429 -9.57 8.46 20.06
N TYR A 430 -8.91 7.51 19.41
CA TYR A 430 -9.34 6.12 19.44
C TYR A 430 -9.32 5.59 20.87
N GLU A 431 -8.27 5.90 21.62
CA GLU A 431 -8.21 5.44 23.00
C GLU A 431 -9.34 6.03 23.83
N SER A 432 -9.61 7.33 23.66
CA SER A 432 -10.67 7.97 24.42
C SER A 432 -12.04 7.40 24.06
N LEU A 433 -12.28 7.15 22.77
CA LEU A 433 -13.54 6.56 22.36
C LEU A 433 -13.71 5.15 22.90
N LEU A 434 -12.62 4.38 22.93
CA LEU A 434 -12.68 3.03 23.48
C LEU A 434 -12.99 3.06 24.98
N VAL A 435 -12.41 4.02 25.70
CA VAL A 435 -12.75 4.19 27.10
C VAL A 435 -14.22 4.58 27.26
N GLY A 436 -14.73 5.39 26.33
CA GLY A 436 -16.13 5.77 26.35
C GLY A 436 -16.35 7.20 26.80
N SER A 437 -15.38 8.06 26.51
CA SER A 437 -15.41 9.45 26.95
C SER A 437 -15.34 10.38 25.75
N LEU A 438 -16.08 11.48 25.81
CA LEU A 438 -15.98 12.48 24.76
C LEU A 438 -14.61 13.16 24.84
N PRO A 439 -13.84 13.16 23.76
CA PRO A 439 -12.46 13.64 23.85
C PRO A 439 -12.38 15.14 24.10
N ASP A 440 -11.34 15.54 24.81
CA ASP A 440 -11.06 16.94 25.11
C ASP A 440 -9.89 17.39 24.26
N MET A 441 -10.16 18.31 23.33
CA MET A 441 -9.11 18.86 22.47
C MET A 441 -8.22 19.87 23.19
N ASN A 442 -8.64 20.38 24.35
CA ASN A 442 -7.77 21.25 25.12
C ASN A 442 -6.61 20.50 25.75
N LYS A 443 -6.63 19.17 25.72
CA LYS A 443 -5.60 18.36 26.34
C LYS A 443 -4.94 17.36 25.40
N MET A 444 -5.56 17.03 24.27
CA MET A 444 -4.97 16.06 23.35
C MET A 444 -3.80 16.65 22.58
N LEU A 445 -3.55 17.95 22.68
CA LEU A 445 -2.35 18.57 22.15
C LEU A 445 -1.38 18.80 23.29
N ASP A 446 -0.31 18.01 23.33
CA ASP A 446 0.73 18.17 24.32
C ASP A 446 1.71 19.26 23.88
N LYS A 447 2.68 19.56 24.74
CA LYS A 447 3.60 20.67 24.48
C LYS A 447 4.46 20.40 23.24
N GLU A 448 4.76 19.13 22.97
CA GLU A 448 5.57 18.79 21.80
C GLU A 448 4.86 19.20 20.51
N ASP A 449 3.55 18.95 20.44
CA ASP A 449 2.78 19.33 19.25
C ASP A 449 2.77 20.83 19.05
N PHE A 450 2.58 21.60 20.13
CA PHE A 450 2.63 23.05 20.00
C PHE A 450 4.00 23.52 19.55
N THR A 451 5.06 22.93 20.10
CA THR A 451 6.41 23.32 19.69
C THR A 451 6.64 23.06 18.21
N MET A 452 6.25 21.88 17.73
CA MET A 452 6.53 21.53 16.34
C MET A 452 5.62 22.30 15.38
N MET A 453 4.37 22.58 15.78
CA MET A 453 3.53 23.42 14.95
C MET A 453 4.04 24.86 14.91
N LYS A 454 4.57 25.37 16.02
CA LYS A 454 5.17 26.70 16.01
C LYS A 454 6.39 26.73 15.10
N ARG A 455 7.18 25.67 15.10
CA ARG A 455 8.31 25.57 14.17
C ARG A 455 7.82 25.60 12.73
N ALA A 456 6.75 24.88 12.43
CA ALA A 456 6.17 24.92 11.08
C ALA A 456 5.71 26.33 10.72
N ILE A 457 5.01 27.01 11.65
CA ILE A 457 4.52 28.35 11.39
C ILE A 457 5.67 29.31 11.12
N PHE A 458 6.76 29.19 11.89
CA PHE A 458 7.93 30.03 11.64
C PHE A 458 8.57 29.68 10.30
N ALA A 459 8.50 28.41 9.89
CA ALA A 459 9.02 28.03 8.58
C ALA A 459 8.23 28.72 7.46
N THR A 460 6.91 28.78 7.59
CA THR A 460 6.10 29.36 6.51
C THR A 460 6.24 30.87 6.36
N GLN A 461 6.87 31.55 7.32
CA GLN A 461 6.96 33.00 7.24
C GLN A 461 7.79 33.42 6.03
N ARG A 462 7.29 34.39 5.28
CA ARG A 462 7.94 34.79 4.04
C ARG A 462 7.49 36.20 3.68
N GLN A 463 8.42 36.99 3.16
CA GLN A 463 8.14 38.37 2.75
C GLN A 463 8.16 38.58 1.24
N SER A 464 9.05 37.90 0.53
CA SER A 464 9.14 38.03 -0.91
C SER A 464 8.04 37.23 -1.60
N PHE A 465 7.80 37.56 -2.87
CA PHE A 465 6.83 36.86 -3.68
C PHE A 465 7.43 35.61 -4.31
N PRO A 466 6.60 34.63 -4.68
CA PRO A 466 7.13 33.40 -5.29
C PRO A 466 7.82 33.70 -6.60
N PRO A 467 8.92 33.00 -6.89
CA PRO A 467 9.62 33.22 -8.16
C PRO A 467 8.78 32.78 -9.34
N VAL A 468 8.92 33.51 -10.45
CA VAL A 468 8.27 33.09 -11.68
C VAL A 468 8.93 31.85 -12.25
N CYS A 469 10.26 31.82 -12.27
CA CYS A 469 11.01 30.69 -12.81
C CYS A 469 11.55 29.83 -11.67
N THR A 470 11.48 28.51 -11.86
CA THR A 470 11.95 27.56 -10.86
C THR A 470 13.44 27.27 -10.98
N HIS A 471 14.10 27.74 -12.03
CA HIS A 471 15.52 27.54 -12.25
C HIS A 471 16.24 28.87 -12.30
N ASN A 472 17.56 28.81 -12.31
CA ASN A 472 18.40 29.99 -12.47
C ASN A 472 18.79 30.08 -13.95
N MET A 473 18.20 31.05 -14.65
CA MET A 473 18.44 31.20 -16.07
C MET A 473 19.80 31.85 -16.32
N LEU A 474 20.60 31.20 -17.17
CA LEU A 474 21.91 31.76 -17.50
C LEU A 474 21.79 33.08 -18.25
N ASP A 475 20.67 33.30 -18.93
CA ASP A 475 20.41 34.54 -19.66
C ASP A 475 19.06 35.08 -19.22
N ASP A 476 19.05 35.84 -18.12
CA ASP A 476 17.82 36.46 -17.67
C ASP A 476 17.36 37.55 -18.62
N SER A 477 18.31 38.34 -19.15
CA SER A 477 17.95 39.43 -20.05
C SER A 477 17.53 38.91 -21.42
N SER A 478 18.16 37.83 -21.88
CA SER A 478 17.91 37.32 -23.23
C SER A 478 16.69 36.42 -23.31
N ASP A 479 16.08 36.07 -22.18
CA ASP A 479 14.95 35.15 -22.19
C ASP A 479 13.69 35.88 -22.63
N PRO A 480 13.02 35.43 -23.70
CA PRO A 480 11.78 36.10 -24.10
C PRO A 480 10.63 35.89 -23.14
N ILE A 481 10.52 34.71 -22.53
CA ILE A 481 9.40 34.45 -21.64
C ILE A 481 9.46 35.33 -20.40
N LEU A 482 10.64 35.38 -19.75
CA LEU A 482 10.78 36.21 -18.56
C LEU A 482 10.62 37.68 -18.89
N THR A 483 11.16 38.12 -20.03
CA THR A 483 11.00 39.50 -20.45
C THR A 483 9.51 39.84 -20.64
N THR A 484 8.77 38.96 -21.30
CA THR A 484 7.34 39.21 -21.50
C THR A 484 6.59 39.21 -20.17
N ILE A 485 6.95 38.31 -19.26
CA ILE A 485 6.28 38.24 -17.96
C ILE A 485 6.50 39.52 -17.18
N ARG A 486 7.75 40.01 -17.15
CA ARG A 486 8.01 41.24 -16.41
C ARG A 486 7.45 42.46 -17.14
N ARG A 487 7.27 42.40 -18.46
CA ARG A 487 6.68 43.52 -19.18
C ARG A 487 5.18 43.60 -18.94
N ILE A 488 4.47 42.46 -18.97
CA ILE A 488 3.02 42.48 -18.83
C ILE A 488 2.59 42.57 -17.39
N GLY A 489 3.45 42.19 -16.44
CA GLY A 489 3.14 42.37 -15.02
C GLY A 489 2.46 41.20 -14.37
N LEU A 490 3.05 40.01 -14.48
CA LEU A 490 2.56 38.81 -13.81
C LEU A 490 3.65 38.36 -12.84
N PHE A 491 3.64 38.91 -11.63
CA PHE A 491 4.69 38.67 -10.65
C PHE A 491 4.24 37.78 -9.50
N ASN A 492 3.13 37.06 -9.68
CA ASN A 492 2.61 36.14 -8.66
C ASN A 492 2.30 36.88 -7.36
N SER A 493 1.82 38.11 -7.49
CA SER A 493 1.38 38.88 -6.33
C SER A 493 0.00 38.42 -5.88
N SER A 494 -0.41 38.90 -4.71
CA SER A 494 -1.71 38.50 -4.16
C SER A 494 -2.85 39.04 -5.01
N ALA A 495 -2.69 40.23 -5.58
CA ALA A 495 -3.75 40.81 -6.41
C ALA A 495 -3.92 40.03 -7.71
N ASP A 496 -2.84 39.49 -8.26
CA ASP A 496 -2.92 38.77 -9.53
C ASP A 496 -3.72 37.50 -9.36
N ARG A 497 -4.71 37.30 -10.24
CA ARG A 497 -5.47 36.06 -10.28
C ARG A 497 -4.79 34.99 -11.12
N VAL A 498 -3.77 35.35 -11.88
CA VAL A 498 -3.02 34.41 -12.70
C VAL A 498 -1.60 34.33 -12.16
N LYS A 499 -1.24 33.15 -11.66
CA LYS A 499 0.12 32.83 -11.27
C LYS A 499 0.82 32.13 -12.43
N VAL A 500 2.11 32.38 -12.57
CA VAL A 500 2.91 31.85 -13.66
C VAL A 500 4.11 31.11 -13.07
N ILE A 501 4.30 29.87 -13.49
CA ILE A 501 5.45 29.07 -13.10
C ILE A 501 6.15 28.60 -14.36
N PHE A 502 7.39 29.05 -14.54
CA PHE A 502 8.18 28.72 -15.72
C PHE A 502 9.20 27.66 -15.32
N HIS A 503 9.02 26.44 -15.83
CA HIS A 503 9.90 25.32 -15.53
C HIS A 503 10.74 25.01 -16.76
N PRO A 504 11.94 25.59 -16.89
CA PRO A 504 12.74 25.42 -18.11
C PRO A 504 13.58 24.15 -18.10
N GLU A 505 12.89 23.01 -17.97
CA GLU A 505 13.56 21.71 -17.97
C GLU A 505 12.51 20.63 -18.19
N PHE A 506 12.95 19.51 -18.75
CA PHE A 506 12.05 18.39 -18.99
C PHE A 506 11.59 17.80 -17.66
N LEU A 507 10.30 17.49 -17.58
CA LEU A 507 9.75 16.90 -16.37
C LEU A 507 10.18 15.45 -16.26
N SER A 508 10.87 15.11 -15.18
CA SER A 508 11.31 13.75 -14.94
C SER A 508 11.02 13.38 -13.50
N SER A 509 10.92 12.08 -13.25
CA SER A 509 10.69 11.58 -11.89
C SER A 509 11.89 11.77 -10.99
N THR A 510 13.06 12.11 -11.55
CA THR A 510 14.26 12.35 -10.76
C THR A 510 14.43 13.80 -10.37
N SER A 511 13.54 14.68 -10.80
CA SER A 511 13.61 16.08 -10.40
C SER A 511 13.19 16.20 -8.94
N PRO A 512 14.00 16.82 -8.08
CA PRO A 512 13.60 17.00 -6.67
C PRO A 512 12.33 17.83 -6.50
N LEU A 513 12.09 18.81 -7.37
CA LEU A 513 10.89 19.64 -7.24
C LEU A 513 9.62 18.81 -7.43
N LEU A 514 9.43 18.28 -8.63
CA LEU A 514 8.18 17.66 -9.05
C LEU A 514 8.52 16.31 -9.65
N PRO A 515 8.70 15.28 -8.81
CA PRO A 515 9.17 13.97 -9.31
C PRO A 515 8.08 13.20 -10.04
N VAL A 516 7.52 13.82 -11.08
CA VAL A 516 6.60 13.14 -11.99
C VAL A 516 6.98 13.52 -13.41
N ASP A 517 6.89 12.55 -14.32
CA ASP A 517 7.29 12.77 -15.70
C ASP A 517 6.22 13.60 -16.41
N TYR A 518 6.37 13.77 -17.72
CA TYR A 518 5.48 14.64 -18.47
C TYR A 518 4.04 14.15 -18.46
N GLU A 519 3.85 12.84 -18.66
CA GLU A 519 2.51 12.28 -18.78
C GLU A 519 1.72 12.47 -17.49
N GLU A 520 2.29 12.05 -16.36
CA GLU A 520 1.60 12.20 -15.08
C GLU A 520 1.37 13.66 -14.74
N PHE A 521 2.32 14.53 -15.05
CA PHE A 521 2.13 15.95 -14.74
C PHE A 521 0.96 16.51 -15.51
N VAL A 522 0.93 16.33 -16.83
CA VAL A 522 -0.12 16.94 -17.64
C VAL A 522 -1.45 16.24 -17.54
N ARG A 523 -1.49 15.03 -16.97
CA ARG A 523 -2.78 14.41 -16.71
C ARG A 523 -3.58 15.18 -15.67
N GLY A 524 -2.92 15.81 -14.71
CA GLY A 524 -3.57 16.59 -13.68
C GLY A 524 -3.81 18.04 -14.02
N CYS A 525 -3.53 18.46 -15.25
CA CYS A 525 -3.82 19.81 -15.68
C CYS A 525 -5.21 19.87 -16.30
N HIS A 526 -5.81 21.05 -16.23
CA HIS A 526 -7.17 21.24 -16.71
C HIS A 526 -7.22 21.54 -18.20
N LEU A 527 -6.27 22.31 -18.69
CA LEU A 527 -6.27 22.76 -20.08
C LEU A 527 -4.84 22.88 -20.56
N GLY A 528 -4.62 22.52 -21.82
CA GLY A 528 -3.35 22.77 -22.48
C GLY A 528 -3.56 23.80 -23.59
N VAL A 529 -2.71 24.82 -23.61
CA VAL A 529 -2.82 25.91 -24.56
C VAL A 529 -1.63 25.85 -25.50
N PHE A 530 -1.89 25.59 -26.77
CA PHE A 530 -0.86 25.47 -27.80
C PHE A 530 -1.22 26.39 -28.95
N PRO A 531 -1.07 27.71 -28.79
CA PRO A 531 -1.45 28.65 -29.85
C PRO A 531 -0.32 28.88 -30.86
N SER A 532 0.16 27.78 -31.43
CA SER A 532 1.34 27.82 -32.29
C SER A 532 1.05 28.49 -33.62
N TYR A 533 2.11 29.11 -34.17
CA TYR A 533 2.05 29.76 -35.47
C TYR A 533 2.56 28.87 -36.60
N TYR A 534 3.71 28.23 -36.41
CA TYR A 534 4.26 27.30 -37.38
C TYR A 534 4.37 25.94 -36.71
N GLU A 535 3.42 25.07 -36.99
CA GLU A 535 3.41 23.71 -36.42
C GLU A 535 2.88 22.79 -37.50
N PRO A 536 3.76 22.09 -38.22
CA PRO A 536 3.29 21.26 -39.34
C PRO A 536 2.29 20.20 -38.94
N TRP A 537 2.56 19.42 -37.89
CA TRP A 537 1.53 18.58 -37.31
C TRP A 537 1.19 18.98 -35.88
N GLY A 538 2.15 18.94 -34.98
CA GLY A 538 1.89 19.26 -33.59
C GLY A 538 1.70 18.02 -32.75
N TYR A 539 2.76 17.59 -32.07
CA TYR A 539 2.73 16.34 -31.32
C TYR A 539 2.33 16.54 -29.88
N THR A 540 2.68 17.68 -29.29
CA THR A 540 2.25 17.98 -27.93
C THR A 540 0.73 18.11 -27.82
N PRO A 541 0.02 18.85 -28.68
CA PRO A 541 -1.45 18.84 -28.59
C PRO A 541 -2.05 17.47 -28.80
N ALA A 542 -1.47 16.66 -29.69
CA ALA A 542 -2.01 15.35 -29.96
C ALA A 542 -1.84 14.41 -28.77
N GLU A 543 -0.68 14.42 -28.13
CA GLU A 543 -0.49 13.65 -26.91
C GLU A 543 -1.38 14.16 -25.79
N CYS A 544 -1.60 15.47 -25.72
CA CYS A 544 -2.52 16.03 -24.74
C CYS A 544 -3.93 15.50 -24.95
N THR A 545 -4.38 15.45 -26.20
CA THR A 545 -5.73 14.96 -26.49
C THR A 545 -5.85 13.47 -26.25
N VAL A 546 -4.82 12.69 -26.59
CA VAL A 546 -4.85 11.26 -26.36
C VAL A 546 -4.99 10.96 -24.88
N MET A 547 -4.34 11.75 -24.03
CA MET A 547 -4.43 11.57 -22.59
C MET A 547 -5.68 12.19 -21.98
N GLY A 548 -6.55 12.78 -22.79
CA GLY A 548 -7.87 13.19 -22.34
C GLY A 548 -7.98 14.61 -21.84
N ILE A 549 -6.97 15.44 -22.00
CA ILE A 549 -6.99 16.81 -21.49
C ILE A 549 -7.54 17.72 -22.57
N PRO A 550 -8.52 18.56 -22.26
CA PRO A 550 -8.95 19.58 -23.23
C PRO A 550 -7.81 20.50 -23.60
N SER A 551 -7.78 20.92 -24.86
CA SER A 551 -6.63 21.65 -25.36
C SER A 551 -7.08 22.78 -26.28
N ILE A 552 -6.19 23.77 -26.41
CA ILE A 552 -6.35 24.89 -27.32
C ILE A 552 -5.26 24.77 -28.38
N SER A 553 -5.67 24.59 -29.63
CA SER A 553 -4.77 24.57 -30.76
C SER A 553 -5.19 25.68 -31.72
N THR A 554 -4.57 25.72 -32.89
CA THR A 554 -4.86 26.73 -33.89
C THR A 554 -5.13 26.07 -35.22
N ASN A 555 -5.68 26.85 -36.16
CA ASN A 555 -5.89 26.37 -37.52
C ASN A 555 -4.65 26.52 -38.37
N LEU A 556 -3.55 27.03 -37.82
CA LEU A 556 -2.25 27.04 -38.48
C LEU A 556 -1.40 25.84 -38.10
N SER A 557 -1.92 24.94 -37.28
CA SER A 557 -1.25 23.70 -36.93
C SER A 557 -1.98 22.53 -37.58
N GLY A 558 -1.23 21.47 -37.88
CA GLY A 558 -1.83 20.33 -38.54
C GLY A 558 -2.85 19.61 -37.69
N PHE A 559 -2.56 19.45 -36.40
CA PHE A 559 -3.51 18.84 -35.49
C PHE A 559 -4.79 19.65 -35.39
N GLY A 560 -4.66 20.98 -35.34
CA GLY A 560 -5.84 21.83 -35.28
C GLY A 560 -6.71 21.71 -36.51
N CYS A 561 -6.11 21.69 -37.70
CA CYS A 561 -6.87 21.49 -38.92
C CYS A 561 -7.53 20.12 -38.94
N PHE A 562 -6.82 19.09 -38.49
CA PHE A 562 -7.37 17.74 -38.45
C PHE A 562 -8.62 17.69 -37.58
N MET A 563 -8.53 18.20 -36.35
CA MET A 563 -9.69 18.18 -35.46
C MET A 563 -10.79 19.12 -35.93
N GLU A 564 -10.42 20.24 -36.57
CA GLU A 564 -11.44 21.13 -37.11
C GLU A 564 -12.26 20.42 -38.19
N GLU A 565 -11.60 19.68 -39.07
CA GLU A 565 -12.33 19.03 -40.15
C GLU A 565 -12.96 17.71 -39.75
N HIS A 566 -12.59 17.14 -38.60
CA HIS A 566 -13.16 15.86 -38.18
C HIS A 566 -14.24 15.99 -37.12
N ILE A 567 -14.54 17.20 -36.64
CA ILE A 567 -15.46 17.41 -35.53
C ILE A 567 -16.45 18.50 -35.92
N ALA A 568 -17.73 18.27 -35.65
CA ALA A 568 -18.75 19.27 -35.98
C ALA A 568 -18.63 20.50 -35.09
N ASP A 569 -18.54 20.30 -33.77
CA ASP A 569 -18.37 21.38 -32.80
C ASP A 569 -17.18 21.04 -31.92
N PRO A 570 -15.97 21.44 -32.31
CA PRO A 570 -14.79 21.03 -31.55
C PRO A 570 -14.80 21.49 -30.10
N SER A 571 -15.32 22.69 -29.82
CA SER A 571 -15.29 23.21 -28.46
C SER A 571 -16.13 22.36 -27.51
N ALA A 572 -17.14 21.68 -28.03
CA ALA A 572 -17.93 20.78 -27.21
C ALA A 572 -17.10 19.62 -26.69
N TYR A 573 -16.17 19.14 -27.51
CA TYR A 573 -15.31 18.02 -27.16
C TYR A 573 -14.06 18.44 -26.42
N GLY A 574 -13.84 19.73 -26.22
CA GLY A 574 -12.67 20.19 -25.51
C GLY A 574 -11.53 20.68 -26.36
N ILE A 575 -11.73 20.82 -27.67
CA ILE A 575 -10.72 21.34 -28.57
C ILE A 575 -11.14 22.74 -28.97
N TYR A 576 -10.32 23.74 -28.62
CA TYR A 576 -10.58 25.13 -29.00
C TYR A 576 -9.58 25.52 -30.07
N ILE A 577 -10.08 25.89 -31.24
CA ILE A 577 -9.23 26.20 -32.39
C ILE A 577 -9.21 27.71 -32.58
N LEU A 578 -8.04 28.32 -32.39
CA LEU A 578 -7.86 29.73 -32.68
C LEU A 578 -7.86 29.96 -34.18
N ASP A 579 -8.38 31.11 -34.58
CA ASP A 579 -8.41 31.50 -35.99
C ASP A 579 -7.19 32.38 -36.28
N ARG A 580 -6.01 31.78 -36.15
CA ARG A 580 -4.76 32.52 -36.31
C ARG A 580 -4.38 32.74 -37.76
N ARG A 581 -5.09 32.11 -38.71
CA ARG A 581 -4.74 32.26 -40.12
C ARG A 581 -5.41 33.46 -40.77
N PHE A 582 -6.58 33.87 -40.28
CA PHE A 582 -7.32 34.99 -40.86
C PHE A 582 -7.54 36.12 -39.85
N ARG A 583 -6.70 36.21 -38.83
CA ARG A 583 -6.85 37.22 -37.80
C ARG A 583 -5.50 37.87 -37.51
N SER A 584 -5.52 39.14 -37.17
CA SER A 584 -4.33 39.80 -36.68
C SER A 584 -3.98 39.28 -35.30
N LEU A 585 -2.71 39.44 -34.92
CA LEU A 585 -2.24 38.85 -33.66
C LEU A 585 -3.01 39.41 -32.47
N ASP A 586 -3.41 40.68 -32.54
CA ASP A 586 -4.25 41.23 -31.47
C ASP A 586 -5.60 40.53 -31.42
N ASP A 587 -6.20 40.27 -32.58
CA ASP A 587 -7.45 39.52 -32.61
C ASP A 587 -7.25 38.10 -32.11
N SER A 588 -6.11 37.48 -32.43
CA SER A 588 -5.81 36.15 -31.91
C SER A 588 -5.72 36.15 -30.39
N CYS A 589 -5.05 37.16 -29.82
CA CYS A 589 -4.97 37.27 -28.37
C CYS A 589 -6.34 37.50 -27.75
N SER A 590 -7.18 38.31 -28.39
CA SER A 590 -8.53 38.54 -27.88
C SER A 590 -9.35 37.25 -27.91
N GLN A 591 -9.25 36.49 -29.00
CA GLN A 591 -9.99 35.24 -29.09
C GLN A 591 -9.48 34.21 -28.10
N LEU A 592 -8.17 34.15 -27.90
CA LEU A 592 -7.62 33.25 -26.89
C LEU A 592 -8.07 33.65 -25.49
N THR A 593 -8.13 34.95 -25.22
CA THR A 593 -8.65 35.41 -23.95
C THR A 593 -10.10 35.01 -23.77
N SER A 594 -10.90 35.12 -24.83
CA SER A 594 -12.28 34.67 -24.77
C SER A 594 -12.38 33.18 -24.49
N PHE A 595 -11.53 32.38 -25.14
CA PHE A 595 -11.51 30.94 -24.88
C PHE A 595 -11.17 30.64 -23.44
N LEU A 596 -10.13 31.29 -22.91
CA LEU A 596 -9.71 31.05 -21.53
C LEU A 596 -10.76 31.50 -20.53
N TYR A 597 -11.40 32.65 -20.79
CA TYR A 597 -12.44 33.12 -19.90
C TYR A 597 -13.67 32.24 -19.95
N SER A 598 -14.03 31.73 -21.13
CA SER A 598 -15.14 30.80 -21.23
C SER A 598 -14.85 29.51 -20.50
N PHE A 599 -13.60 29.03 -20.58
CA PHE A 599 -13.23 27.85 -19.82
C PHE A 599 -13.29 28.11 -18.32
N CYS A 600 -12.85 29.29 -17.89
CA CYS A 600 -12.89 29.64 -16.47
C CYS A 600 -14.32 29.74 -15.97
N GLN A 601 -15.23 30.30 -16.78
CA GLN A 601 -16.62 30.48 -16.40
C GLN A 601 -17.41 29.18 -16.38
N GLN A 602 -16.87 28.10 -16.94
CA GLN A 602 -17.52 26.81 -16.87
C GLN A 602 -17.59 26.33 -15.43
N SER A 603 -18.67 25.63 -15.10
CA SER A 603 -18.80 25.01 -13.79
C SER A 603 -18.02 23.69 -13.78
N ARG A 604 -17.96 23.06 -12.61
CA ARG A 604 -17.33 21.74 -12.53
C ARG A 604 -18.08 20.72 -13.38
N ARG A 605 -19.40 20.84 -13.43
CA ARG A 605 -20.21 19.91 -14.22
C ARG A 605 -19.85 19.98 -15.70
N GLN A 606 -19.86 21.19 -16.27
CA GLN A 606 -19.54 21.35 -17.67
C GLN A 606 -18.10 20.93 -17.96
N ARG A 607 -17.19 21.23 -17.04
CA ARG A 607 -15.81 20.83 -17.20
C ARG A 607 -15.66 19.32 -17.26
N ILE A 608 -16.38 18.60 -16.37
CA ILE A 608 -16.31 17.14 -16.38
C ILE A 608 -16.92 16.57 -17.66
N ILE A 609 -18.06 17.11 -18.10
CA ILE A 609 -18.68 16.62 -19.33
C ILE A 609 -17.75 16.83 -20.51
N GLN A 610 -17.16 18.01 -20.60
CA GLN A 610 -16.23 18.32 -21.70
C GLN A 610 -15.02 17.41 -21.66
N ARG A 611 -14.51 17.13 -20.46
CA ARG A 611 -13.36 16.22 -20.36
C ARG A 611 -13.74 14.81 -20.80
N ASN A 612 -14.95 14.35 -20.47
CA ASN A 612 -15.39 13.05 -20.94
C ASN A 612 -15.44 12.99 -22.46
N ARG A 613 -15.94 14.04 -23.09
CA ARG A 613 -15.95 14.08 -24.55
C ARG A 613 -14.53 14.07 -25.12
N THR A 614 -13.61 14.80 -24.48
CA THR A 614 -12.22 14.79 -24.94
C THR A 614 -11.62 13.40 -24.85
N GLU A 615 -11.90 12.69 -23.76
CA GLU A 615 -11.41 11.31 -23.64
C GLU A 615 -12.05 10.39 -24.66
N ARG A 616 -13.27 10.71 -25.11
CA ARG A 616 -13.82 10.01 -26.27
C ARG A 616 -12.97 10.25 -27.52
N LEU A 617 -12.49 11.48 -27.69
CA LEU A 617 -11.86 11.88 -28.94
C LEU A 617 -10.64 11.06 -29.33
N SER A 618 -10.00 10.36 -28.40
CA SER A 618 -8.68 9.77 -28.65
C SER A 618 -8.71 8.68 -29.71
N ASP A 619 -9.89 8.18 -30.07
CA ASP A 619 -9.97 7.13 -31.10
C ASP A 619 -9.60 7.65 -32.49
N LEU A 620 -9.69 8.95 -32.71
CA LEU A 620 -9.34 9.51 -34.02
C LEU A 620 -7.84 9.55 -34.25
N LEU A 621 -7.05 9.57 -33.19
CA LEU A 621 -5.62 9.78 -33.28
C LEU A 621 -4.81 8.50 -33.28
N ASP A 622 -5.46 7.34 -33.29
CA ASP A 622 -4.74 6.08 -33.32
C ASP A 622 -4.26 5.77 -34.73
N TRP A 623 -3.28 4.88 -34.82
CA TRP A 623 -2.83 4.42 -36.13
C TRP A 623 -3.82 3.48 -36.78
N LYS A 624 -4.73 2.90 -36.00
CA LYS A 624 -5.76 2.02 -36.56
C LYS A 624 -6.64 2.77 -37.56
N TYR A 625 -7.00 4.00 -37.24
CA TYR A 625 -7.79 4.81 -38.18
C TYR A 625 -6.90 5.55 -39.17
N LEU A 626 -5.77 6.09 -38.71
CA LEU A 626 -4.97 6.99 -39.53
C LEU A 626 -4.04 6.26 -40.48
N GLY A 627 -3.92 4.93 -40.37
CA GLY A 627 -3.12 4.19 -41.31
C GLY A 627 -3.76 3.97 -42.66
N ARG A 628 -5.08 4.17 -42.75
CA ARG A 628 -5.75 4.02 -44.03
C ARG A 628 -5.32 5.10 -45.03
N TYR A 629 -4.86 6.25 -44.54
CA TYR A 629 -4.34 7.27 -45.44
C TYR A 629 -3.03 6.82 -46.07
N TYR A 630 -2.13 6.21 -45.28
CA TYR A 630 -0.91 5.65 -45.84
C TYR A 630 -1.22 4.49 -46.78
N MET A 631 -2.21 3.68 -46.42
CA MET A 631 -2.66 2.61 -47.30
C MET A 631 -3.13 3.16 -48.64
N SER A 632 -3.94 4.22 -48.60
CA SER A 632 -4.41 4.84 -49.84
C SER A 632 -3.26 5.40 -50.65
N ALA A 633 -2.29 6.03 -50.00
CA ALA A 633 -1.15 6.58 -50.72
C ALA A 633 -0.36 5.49 -51.41
N ARG A 634 -0.12 4.38 -50.71
CA ARG A 634 0.59 3.26 -51.32
C ARG A 634 -0.20 2.67 -52.48
N HIS A 635 -1.53 2.59 -52.35
CA HIS A 635 -2.36 2.06 -53.43
C HIS A 635 -2.32 2.95 -54.66
N MET A 636 -2.37 4.28 -54.47
CA MET A 636 -2.22 5.16 -55.64
C MET A 636 -0.85 5.04 -56.26
N ALA A 637 0.19 4.88 -55.43
CA ALA A 637 1.53 4.70 -55.99
C ALA A 637 1.60 3.44 -56.84
N LEU A 638 1.03 2.34 -56.33
CA LEU A 638 1.00 1.11 -57.11
C LEU A 638 0.19 1.26 -58.38
N SER A 639 -0.94 1.96 -58.30
CA SER A 639 -1.77 2.17 -59.49
C SER A 639 -1.03 2.98 -60.54
N LYS A 640 -0.31 4.03 -60.12
CA LYS A 640 0.37 4.89 -61.07
C LYS A 640 1.59 4.20 -61.68
N ALA A 641 2.38 3.52 -60.86
CA ALA A 641 3.59 2.89 -61.38
C ALA A 641 3.29 1.61 -62.15
N PHE A 642 2.25 0.87 -61.76
CA PHE A 642 1.89 -0.40 -62.39
C PHE A 642 0.40 -0.38 -62.71
N PRO A 643 0.00 0.44 -63.69
CA PRO A 643 -1.43 0.53 -64.01
C PRO A 643 -2.04 -0.75 -64.54
N GLU A 644 -1.22 -1.65 -65.10
CA GLU A 644 -1.75 -2.89 -65.65
C GLU A 644 -2.11 -3.89 -64.56
N HIS A 645 -1.32 -3.97 -63.49
CA HIS A 645 -1.55 -4.93 -62.43
C HIS A 645 -2.38 -4.39 -61.29
N PHE A 646 -2.35 -3.09 -61.04
CA PHE A 646 -3.05 -2.47 -59.92
C PHE A 646 -3.97 -1.37 -60.42
N THR A 647 -5.19 -1.32 -59.88
CA THR A 647 -6.14 -0.27 -60.16
C THR A 647 -6.63 0.30 -58.84
N TYR A 648 -6.77 1.62 -58.78
CA TYR A 648 -7.17 2.31 -57.57
C TYR A 648 -8.46 3.06 -57.79
N GLU A 649 -9.40 2.91 -56.85
CA GLU A 649 -10.65 3.66 -56.85
C GLU A 649 -10.65 4.60 -55.65
N PRO A 650 -10.44 5.92 -55.85
CA PRO A 650 -10.41 6.91 -54.77
C PRO A 650 -11.75 7.03 -54.04
N TRP B 43 20.61 9.45 37.91
CA TRP B 43 20.46 9.31 39.36
C TRP B 43 19.12 9.79 39.89
N GLU B 44 18.75 9.29 41.06
CA GLU B 44 17.58 9.72 41.80
C GLU B 44 17.99 10.31 43.15
N ASP B 45 19.08 11.08 43.14
CA ASP B 45 19.64 11.60 44.38
C ASP B 45 18.70 12.61 45.02
N GLU B 46 18.74 12.66 46.35
CA GLU B 46 17.98 13.64 47.13
C GLU B 46 18.86 14.87 47.30
N PHE B 47 18.59 15.91 46.52
CA PHE B 47 19.37 17.13 46.57
C PHE B 47 18.43 18.33 46.57
N ASP B 48 18.91 19.44 47.12
CA ASP B 48 18.10 20.63 47.31
C ASP B 48 18.25 21.55 46.10
N LEU B 49 17.16 21.74 45.35
CA LEU B 49 17.13 22.68 44.24
C LEU B 49 15.85 23.50 44.28
N GLU B 50 15.40 23.85 45.49
CA GLU B 50 14.13 24.54 45.64
C GLU B 50 14.19 25.95 45.05
N ASN B 51 15.25 26.69 45.36
CA ASN B 51 15.42 28.04 44.85
C ASN B 51 16.61 28.17 43.90
N ALA B 52 17.36 27.11 43.67
CA ALA B 52 18.51 27.16 42.79
C ALA B 52 18.07 27.34 41.34
N VAL B 53 18.81 28.15 40.60
CA VAL B 53 18.55 28.42 39.19
C VAL B 53 19.80 28.04 38.39
N LEU B 54 19.59 27.44 37.23
CA LEU B 54 20.68 26.98 36.37
C LEU B 54 20.67 27.76 35.06
N PHE B 55 21.81 28.36 34.73
CA PHE B 55 22.02 29.01 33.45
C PHE B 55 23.09 28.22 32.69
N GLU B 56 22.73 27.74 31.50
CA GLU B 56 23.67 27.00 30.65
C GLU B 56 24.13 27.90 29.52
N VAL B 57 25.32 28.47 29.67
CA VAL B 57 25.87 29.42 28.72
C VAL B 57 26.61 28.67 27.62
N ALA B 58 26.23 28.94 26.38
CA ALA B 58 26.85 28.31 25.23
C ALA B 58 26.61 29.17 24.00
N TRP B 59 27.65 29.35 23.19
CA TRP B 59 27.54 30.11 21.95
C TRP B 59 26.63 29.45 20.94
N GLU B 60 26.31 28.17 21.12
CA GLU B 60 25.54 27.42 20.15
C GLU B 60 24.06 27.34 20.49
N VAL B 61 23.60 28.12 21.47
CA VAL B 61 22.18 28.12 21.82
C VAL B 61 21.41 28.84 20.73
N ALA B 62 20.53 28.11 20.06
CA ALA B 62 19.76 28.63 18.92
C ALA B 62 20.67 29.16 17.81
N ASN B 63 21.87 28.59 17.69
CA ASN B 63 22.84 29.01 16.70
C ASN B 63 23.66 27.79 16.30
N LYS B 64 23.26 27.12 15.23
CA LYS B 64 23.89 25.86 14.84
C LYS B 64 25.19 26.15 14.12
N VAL B 65 26.30 26.10 14.86
CA VAL B 65 27.61 26.31 14.27
C VAL B 65 28.55 25.20 14.71
N GLY B 66 28.00 24.05 15.08
CA GLY B 66 28.81 22.94 15.55
C GLY B 66 27.95 21.79 16.01
N GLY B 67 28.60 20.86 16.70
CA GLY B 67 27.93 19.67 17.22
C GLY B 67 27.39 19.83 18.62
N ILE B 68 27.83 20.87 19.33
CA ILE B 68 27.31 21.17 20.66
C ILE B 68 25.85 21.60 20.59
N TYR B 69 25.41 22.10 19.43
CA TYR B 69 24.02 22.50 19.27
C TYR B 69 23.09 21.31 19.53
N THR B 70 23.39 20.16 18.93
CA THR B 70 22.56 18.97 19.15
C THR B 70 22.68 18.47 20.58
N VAL B 71 23.86 18.62 21.19
CA VAL B 71 24.03 18.22 22.59
C VAL B 71 23.09 19.01 23.49
N LEU B 72 23.10 20.34 23.33
CA LEU B 72 22.22 21.17 24.14
C LEU B 72 20.76 20.91 23.84
N GLN B 73 20.42 20.75 22.56
CA GLN B 73 19.04 20.52 22.18
C GLN B 73 18.50 19.22 22.77
N THR B 74 19.31 18.16 22.77
CA THR B 74 18.86 16.90 23.32
C THR B 74 18.90 16.87 24.85
N LYS B 75 19.84 17.57 25.47
CA LYS B 75 19.96 17.60 26.91
C LYS B 75 18.94 18.54 27.57
N ALA B 76 18.35 19.44 26.80
CA ALA B 76 17.40 20.39 27.37
C ALA B 76 16.23 19.68 28.03
N LYS B 77 15.75 18.59 27.45
CA LYS B 77 14.59 17.90 28.01
C LYS B 77 14.90 17.31 29.38
N VAL B 78 16.02 16.59 29.49
CA VAL B 78 16.34 15.94 30.76
C VAL B 78 16.79 16.95 31.79
N THR B 79 17.32 18.10 31.37
CA THR B 79 17.68 19.13 32.36
C THR B 79 16.44 19.86 32.85
N GLY B 80 15.46 20.09 31.95
CA GLY B 80 14.19 20.66 32.37
C GLY B 80 13.41 19.75 33.28
N ASP B 81 13.35 18.45 32.99
CA ASP B 81 12.64 17.51 33.84
C ASP B 81 13.20 17.46 35.26
N GLU B 82 14.29 18.15 35.54
CA GLU B 82 14.87 18.22 36.88
C GLU B 82 14.87 19.63 37.45
N TRP B 83 15.02 20.66 36.62
CA TRP B 83 15.11 22.01 37.13
C TRP B 83 13.84 22.83 36.94
N GLY B 84 12.83 22.31 36.27
CA GLY B 84 11.59 23.05 36.11
C GLY B 84 11.81 24.32 35.31
N ASP B 85 11.26 25.42 35.82
CA ASP B 85 11.34 26.72 35.18
C ASP B 85 12.59 27.48 35.59
N ASN B 86 13.39 26.92 36.50
CA ASN B 86 14.65 27.52 36.91
C ASN B 86 15.81 27.16 36.01
N TYR B 87 15.51 26.74 34.77
CA TYR B 87 16.52 26.37 33.79
C TYR B 87 16.49 27.37 32.65
N PHE B 88 17.62 28.03 32.41
CA PHE B 88 17.74 29.03 31.36
C PHE B 88 18.94 28.69 30.47
N LEU B 89 18.89 29.19 29.25
CA LEU B 89 19.92 28.92 28.25
C LEU B 89 20.41 30.25 27.69
N VAL B 90 21.49 30.77 28.25
CA VAL B 90 22.09 31.99 27.71
C VAL B 90 22.75 31.69 26.36
N GLY B 91 22.67 32.65 25.44
CA GLY B 91 23.20 32.47 24.12
C GLY B 91 23.32 33.77 23.37
N PRO B 92 23.82 33.72 22.14
CA PRO B 92 23.91 34.93 21.32
C PRO B 92 22.68 35.16 20.47
N TYR B 93 22.42 36.42 20.17
CA TYR B 93 21.29 36.82 19.35
C TYR B 93 21.65 36.72 17.88
N THR B 94 20.88 35.94 17.12
CA THR B 94 21.01 35.85 15.68
C THR B 94 19.64 36.03 15.07
N GLU B 95 19.58 36.79 13.97
CA GLU B 95 18.30 37.03 13.31
C GLU B 95 17.70 35.74 12.78
N GLN B 96 18.51 34.91 12.13
CA GLN B 96 18.02 33.65 11.60
C GLN B 96 17.56 32.70 12.70
N GLY B 97 18.38 32.57 13.75
CA GLY B 97 18.05 31.65 14.82
C GLY B 97 16.76 32.02 15.54
N VAL B 98 16.59 33.30 15.84
CA VAL B 98 15.35 33.77 16.44
C VAL B 98 14.18 33.59 15.48
N ARG B 99 14.39 33.92 14.20
CA ARG B 99 13.30 33.90 13.24
C ARG B 99 12.81 32.49 12.96
N THR B 100 13.65 31.47 13.15
CA THR B 100 13.24 30.11 12.85
C THR B 100 13.07 29.20 14.06
N GLN B 101 13.61 29.57 15.23
CA GLN B 101 13.68 28.65 16.35
C GLN B 101 13.23 29.23 17.69
N VAL B 102 13.23 30.54 17.87
CA VAL B 102 12.97 31.15 19.17
C VAL B 102 11.64 31.89 19.11
N GLU B 103 10.75 31.58 20.05
CA GLU B 103 9.48 32.27 20.20
C GLU B 103 9.62 33.25 21.35
N LEU B 104 9.69 34.55 21.05
CA LEU B 104 9.93 35.53 22.09
C LEU B 104 8.75 35.60 23.04
N LEU B 105 9.06 35.63 24.35
CA LEU B 105 8.03 35.63 25.38
C LEU B 105 8.18 36.81 26.33
N GLU B 106 7.38 36.81 27.39
CA GLU B 106 7.48 37.75 28.49
C GLU B 106 7.97 36.98 29.71
N ALA B 107 8.98 37.53 30.39
CA ALA B 107 9.67 36.78 31.42
C ALA B 107 8.72 36.42 32.56
N PRO B 108 8.93 35.27 33.20
CA PRO B 108 7.97 34.80 34.22
C PRO B 108 8.26 35.22 35.65
N THR B 109 9.41 35.84 35.94
CA THR B 109 9.68 36.26 37.31
C THR B 109 10.00 37.75 37.36
N PRO B 110 9.52 38.46 38.37
CA PRO B 110 9.73 39.93 38.40
C PRO B 110 11.20 40.33 38.37
N ALA B 111 12.05 39.57 39.05
CA ALA B 111 13.49 39.82 38.96
C ALA B 111 13.98 39.72 37.53
N LEU B 112 13.39 38.81 36.74
CA LEU B 112 13.82 38.65 35.36
C LEU B 112 13.38 39.84 34.50
N LYS B 113 12.16 40.34 34.69
CA LYS B 113 11.77 41.56 33.99
C LYS B 113 12.67 42.73 34.39
N ARG B 114 12.96 42.87 35.68
CA ARG B 114 13.81 43.98 36.11
C ARG B 114 15.20 43.87 35.50
N THR B 115 15.76 42.66 35.46
CA THR B 115 17.07 42.47 34.84
C THR B 115 17.05 42.82 33.36
N LEU B 116 16.07 42.30 32.63
CA LEU B 116 15.98 42.59 31.19
C LEU B 116 15.80 44.08 30.95
N ASP B 117 14.93 44.73 31.71
CA ASP B 117 14.67 46.15 31.51
C ASP B 117 15.90 46.99 31.83
N SER B 118 16.59 46.68 32.93
CA SER B 118 17.79 47.44 33.28
C SER B 118 18.86 47.27 32.22
N MET B 119 19.07 46.04 31.75
CA MET B 119 20.13 45.82 30.77
C MET B 119 19.77 46.40 29.41
N ASN B 120 18.47 46.45 29.08
CA ASN B 120 18.05 47.04 27.81
C ASN B 120 18.12 48.57 27.86
N SER B 121 17.85 49.17 29.02
CA SER B 121 17.95 50.61 29.16
C SER B 121 19.35 51.08 29.51
N LYS B 122 20.29 50.17 29.74
CA LYS B 122 21.68 50.53 30.04
C LYS B 122 22.60 50.28 28.86
N GLY B 123 22.07 50.33 27.63
CA GLY B 123 22.89 50.31 26.44
C GLY B 123 22.96 49.00 25.70
N CYS B 124 22.23 47.97 26.12
CA CYS B 124 22.26 46.66 25.47
C CYS B 124 20.87 46.31 24.96
N LYS B 125 20.80 45.21 24.21
CA LYS B 125 19.53 44.70 23.69
C LYS B 125 19.47 43.20 23.97
N VAL B 126 18.64 42.80 24.92
CA VAL B 126 18.53 41.43 25.37
C VAL B 126 17.15 40.90 25.03
N TYR B 127 17.10 39.67 24.52
CA TYR B 127 15.86 39.04 24.09
C TYR B 127 15.58 37.87 25.02
N PHE B 128 14.33 37.70 25.40
CA PHE B 128 13.91 36.55 26.19
C PHE B 128 12.91 35.75 25.37
N GLY B 129 13.13 34.44 25.29
CA GLY B 129 12.26 33.64 24.47
C GLY B 129 12.21 32.20 24.93
N ARG B 130 11.55 31.38 24.12
CA ARG B 130 11.49 29.94 24.32
C ARG B 130 12.08 29.27 23.10
N TRP B 131 13.01 28.35 23.33
CA TRP B 131 13.63 27.59 22.26
C TRP B 131 12.68 26.47 21.83
N LEU B 132 12.32 26.44 20.55
CA LEU B 132 11.29 25.52 20.06
C LEU B 132 11.91 24.14 19.83
N ILE B 133 12.18 23.46 20.94
CA ILE B 133 12.66 22.10 20.97
C ILE B 133 11.91 21.36 22.08
N GLU B 134 12.24 20.09 22.28
CA GLU B 134 11.66 19.34 23.38
C GLU B 134 12.06 19.97 24.71
N GLY B 135 11.08 20.12 25.61
CA GLY B 135 11.28 20.82 26.85
C GLY B 135 10.99 22.31 26.77
N GLY B 136 11.12 22.91 25.59
CA GLY B 136 10.92 24.33 25.41
C GLY B 136 11.62 25.19 26.44
N PRO B 137 12.93 25.05 26.56
CA PRO B 137 13.65 25.81 27.59
C PRO B 137 13.64 27.30 27.28
N LEU B 138 13.65 28.10 28.36
CA LEU B 138 13.70 29.55 28.20
C LEU B 138 15.12 29.99 27.91
N VAL B 139 15.26 30.84 26.90
CA VAL B 139 16.56 31.28 26.41
C VAL B 139 16.67 32.78 26.62
N VAL B 140 17.85 33.21 27.06
CA VAL B 140 18.18 34.62 27.25
C VAL B 140 19.22 34.96 26.19
N LEU B 141 18.77 35.43 25.04
CA LEU B 141 19.67 35.75 23.94
C LEU B 141 20.22 37.16 24.10
N LEU B 142 21.48 37.34 23.72
CA LEU B 142 22.19 38.60 23.88
C LEU B 142 22.73 39.03 22.53
N ASP B 143 22.49 40.29 22.15
CA ASP B 143 23.03 40.85 20.91
C ASP B 143 24.42 41.37 21.21
N VAL B 144 25.44 40.62 20.79
CA VAL B 144 26.81 41.02 21.07
C VAL B 144 27.20 42.25 20.26
N GLY B 145 26.71 42.37 19.03
CA GLY B 145 27.04 43.53 18.22
C GLY B 145 26.50 44.83 18.80
N ALA B 146 25.25 44.80 19.27
CA ALA B 146 24.63 46.00 19.82
C ALA B 146 25.34 46.51 21.06
N SER B 147 26.15 45.68 21.71
CA SER B 147 26.94 46.09 22.87
C SER B 147 28.41 46.24 22.53
N ALA B 148 28.76 46.34 21.24
CA ALA B 148 30.14 46.46 20.84
C ALA B 148 30.75 47.80 21.24
N TRP B 149 29.93 48.81 21.50
CA TRP B 149 30.42 50.16 21.79
C TRP B 149 31.28 50.21 23.04
N ALA B 150 31.11 49.25 23.96
CA ALA B 150 31.90 49.20 25.18
C ALA B 150 33.11 48.29 25.06
N LEU B 151 33.29 47.63 23.92
CA LEU B 151 34.30 46.57 23.80
C LEU B 151 35.66 47.03 24.28
N GLU B 152 36.13 48.18 23.79
CA GLU B 152 37.44 48.70 24.19
C GLU B 152 37.51 48.81 25.71
N ARG B 153 36.55 49.51 26.31
CA ARG B 153 36.53 49.62 27.77
C ARG B 153 36.47 48.24 28.40
N TRP B 154 35.62 47.36 27.84
CA TRP B 154 35.53 46.01 28.37
C TRP B 154 36.87 45.29 28.27
N LYS B 155 37.58 45.48 27.16
CA LYS B 155 38.90 44.87 27.05
C LYS B 155 39.81 45.35 28.17
N GLY B 156 39.72 46.64 28.52
CA GLY B 156 40.49 47.13 29.65
C GLY B 156 40.17 46.38 30.93
N GLU B 157 38.88 46.08 31.14
CA GLU B 157 38.50 45.28 32.30
C GLU B 157 39.16 43.91 32.24
N LEU B 158 39.18 43.30 31.05
CA LEU B 158 39.85 42.01 30.90
C LEU B 158 41.34 42.10 31.21
N TRP B 159 41.94 43.29 31.06
CA TRP B 159 43.33 43.49 31.44
C TRP B 159 43.48 43.66 32.93
N ASP B 160 42.49 44.23 33.61
CA ASP B 160 42.62 44.60 35.01
C ASP B 160 42.36 43.44 35.96
N THR B 161 41.81 42.33 35.46
CA THR B 161 41.44 41.23 36.35
C THR B 161 42.07 39.91 35.94
N CYS B 162 42.27 39.69 34.64
CA CYS B 162 42.67 38.40 34.13
C CYS B 162 44.02 38.39 33.39
N ASN B 163 44.60 39.55 33.12
CA ASN B 163 45.87 39.65 32.37
C ASN B 163 45.76 38.97 31.01
N ILE B 164 44.62 39.13 30.35
CA ILE B 164 44.37 38.53 29.04
C ILE B 164 44.11 39.64 28.04
N GLY B 165 44.84 39.63 26.94
CA GLY B 165 44.62 40.57 25.87
C GLY B 165 44.21 39.90 24.58
N VAL B 166 43.40 40.58 23.78
CA VAL B 166 42.93 40.02 22.52
C VAL B 166 43.19 41.01 21.40
N PRO B 167 43.69 40.56 20.24
CA PRO B 167 43.91 41.46 19.12
C PRO B 167 42.59 41.90 18.49
N TRP B 168 42.67 42.98 17.72
CA TRP B 168 41.48 43.53 17.08
C TRP B 168 40.98 42.65 15.95
N TYR B 169 41.89 41.94 15.26
CA TYR B 169 41.50 41.20 14.06
C TYR B 169 40.79 39.89 14.35
N ASP B 170 40.78 39.43 15.59
CA ASP B 170 40.11 38.18 15.94
C ASP B 170 38.65 38.48 16.22
N ARG B 171 37.84 38.43 15.16
CA ARG B 171 36.41 38.70 15.31
C ARG B 171 35.74 37.67 16.21
N GLU B 172 36.14 36.40 16.06
CA GLU B 172 35.55 35.35 16.89
C GLU B 172 35.89 35.57 18.37
N ALA B 173 37.14 35.90 18.67
CA ALA B 173 37.53 36.12 20.05
C ALA B 173 36.91 37.38 20.63
N ASN B 174 36.76 38.43 19.81
CA ASN B 174 36.11 39.65 20.30
C ASN B 174 34.63 39.41 20.56
N ASP B 175 33.98 38.62 19.70
CA ASP B 175 32.60 38.21 19.96
C ASP B 175 32.51 37.39 21.24
N ALA B 176 33.49 36.52 21.48
CA ALA B 176 33.52 35.76 22.71
C ALA B 176 33.65 36.68 23.92
N VAL B 177 34.51 37.69 23.84
CA VAL B 177 34.67 38.63 24.94
C VAL B 177 33.38 39.40 25.20
N LEU B 178 32.73 39.88 24.14
CA LEU B 178 31.47 40.57 24.30
C LEU B 178 30.42 39.68 24.93
N PHE B 179 30.32 38.44 24.47
CA PHE B 179 29.35 37.50 25.01
C PHE B 179 29.63 37.20 26.48
N GLY B 180 30.90 37.04 26.85
CA GLY B 180 31.23 36.77 28.23
C GLY B 180 30.91 37.94 29.15
N PHE B 181 31.22 39.15 28.70
CA PHE B 181 30.88 40.34 29.50
C PHE B 181 29.38 40.49 29.63
N LEU B 182 28.64 40.24 28.55
CA LEU B 182 27.19 40.33 28.61
C LEU B 182 26.62 39.30 29.57
N THR B 183 27.13 38.07 29.54
CA THR B 183 26.65 37.03 30.45
C THR B 183 26.97 37.36 31.90
N THR B 184 28.18 37.86 32.16
CA THR B 184 28.53 38.22 33.53
C THR B 184 27.65 39.35 34.04
N TRP B 185 27.40 40.36 33.20
CA TRP B 185 26.53 41.46 33.59
C TRP B 185 25.11 40.95 33.83
N PHE B 186 24.63 40.04 32.98
CA PHE B 186 23.31 39.48 33.17
C PHE B 186 23.20 38.74 34.49
N LEU B 187 24.20 37.91 34.82
CA LEU B 187 24.17 37.16 36.07
C LEU B 187 24.23 38.09 37.27
N GLY B 188 25.08 39.10 37.22
CA GLY B 188 25.15 40.05 38.31
C GLY B 188 23.85 40.81 38.52
N GLU B 189 23.25 41.27 37.42
CA GLU B 189 21.98 42.00 37.54
C GLU B 189 20.86 41.09 38.01
N PHE B 190 20.85 39.83 37.55
CA PHE B 190 19.85 38.88 38.01
C PHE B 190 19.98 38.63 39.51
N LEU B 191 21.21 38.52 40.00
CA LEU B 191 21.40 38.35 41.44
C LEU B 191 21.02 39.61 42.20
N ALA B 192 21.27 40.78 41.63
CA ALA B 192 20.95 42.04 42.30
C ALA B 192 19.45 42.25 42.40
N GLN B 193 18.72 42.01 41.30
CA GLN B 193 17.29 42.27 41.27
C GLN B 193 16.46 41.22 42.00
N SER B 194 17.07 40.10 42.38
CA SER B 194 16.33 39.07 43.11
C SER B 194 16.05 39.55 44.53
N GLU B 195 14.77 39.63 44.89
CA GLU B 195 14.41 40.05 46.24
C GLU B 195 14.93 39.06 47.27
N GLU B 196 14.85 37.77 46.98
CA GLU B 196 15.53 36.74 47.75
C GLU B 196 16.65 36.16 46.89
N LYS B 197 17.87 36.23 47.38
CA LYS B 197 19.02 35.83 46.58
C LYS B 197 19.04 34.31 46.41
N PRO B 198 18.96 33.79 45.19
CA PRO B 198 18.99 32.33 45.00
C PRO B 198 20.41 31.80 44.84
N HIS B 199 20.52 30.50 44.59
CA HIS B 199 21.80 29.88 44.26
C HIS B 199 21.87 29.68 42.76
N VAL B 200 22.84 30.31 42.12
CA VAL B 200 22.98 30.29 40.68
C VAL B 200 24.07 29.32 40.29
N VAL B 201 23.77 28.42 39.36
CA VAL B 201 24.74 27.49 38.79
C VAL B 201 24.90 27.88 37.33
N ALA B 202 26.08 28.37 36.98
CA ALA B 202 26.39 28.77 35.60
C ALA B 202 27.29 27.71 34.99
N HIS B 203 26.81 27.07 33.93
CA HIS B 203 27.54 26.01 33.24
C HIS B 203 27.94 26.54 31.86
N PHE B 204 29.22 26.88 31.71
CA PHE B 204 29.73 27.40 30.45
C PHE B 204 30.30 26.28 29.60
N HIS B 205 30.01 26.32 28.31
CA HIS B 205 30.50 25.32 27.36
C HIS B 205 31.51 25.96 26.40
N GLU B 206 32.68 25.33 26.29
CA GLU B 206 33.75 25.73 25.39
C GLU B 206 34.36 27.10 25.74
N TRP B 207 35.46 27.44 25.07
CA TRP B 207 36.20 28.65 25.37
C TRP B 207 35.43 29.91 24.97
N LEU B 208 34.49 29.79 24.03
CA LEU B 208 33.72 30.96 23.62
C LEU B 208 32.91 31.51 24.77
N ALA B 209 32.36 30.63 25.60
CA ALA B 209 31.57 31.03 26.76
C ALA B 209 32.39 31.12 28.03
N GLY B 210 33.68 30.78 28.00
CA GLY B 210 34.47 30.70 29.22
C GLY B 210 34.97 32.02 29.76
N VAL B 211 35.08 33.04 28.91
CA VAL B 211 35.48 34.36 29.40
C VAL B 211 34.44 34.90 30.38
N GLY B 212 33.17 34.55 30.18
CA GLY B 212 32.17 34.87 31.18
C GLY B 212 32.47 34.21 32.51
N LEU B 213 32.96 32.98 32.49
CA LEU B 213 33.36 32.31 33.72
C LEU B 213 34.52 33.04 34.38
N CYS B 214 35.50 33.46 33.59
CA CYS B 214 36.63 34.21 34.14
C CYS B 214 36.17 35.50 34.80
N LEU B 215 35.21 36.20 34.17
CA LEU B 215 34.72 37.44 34.74
C LEU B 215 33.87 37.18 35.99
N CYS B 216 33.06 36.12 35.98
CA CYS B 216 32.25 35.79 37.15
C CYS B 216 33.13 35.48 38.35
N ARG B 217 34.22 34.73 38.13
CA ARG B 217 35.12 34.42 39.24
C ARG B 217 35.91 35.64 39.69
N ALA B 218 36.02 36.68 38.86
CA ALA B 218 36.77 37.87 39.19
C ALA B 218 35.91 38.98 39.78
N ARG B 219 34.64 38.72 40.03
CA ARG B 219 33.75 39.69 40.65
C ARG B 219 33.11 39.15 41.93
N ARG B 220 33.55 37.99 42.41
CA ARG B 220 33.06 37.40 43.66
C ARG B 220 31.53 37.24 43.64
N LEU B 221 30.99 36.93 42.47
CA LEU B 221 29.56 36.67 42.36
C LEU B 221 29.23 35.34 43.03
N PRO B 222 28.15 35.28 43.81
CA PRO B 222 27.77 34.01 44.44
C PRO B 222 27.21 33.03 43.43
N VAL B 223 28.07 32.49 42.56
CA VAL B 223 27.67 31.62 41.48
C VAL B 223 28.61 30.42 41.44
N ALA B 224 28.04 29.23 41.23
CA ALA B 224 28.81 28.00 41.08
C ALA B 224 29.06 27.79 39.60
N THR B 225 30.32 27.89 39.19
CA THR B 225 30.70 27.86 37.78
C THR B 225 31.24 26.49 37.40
N ILE B 226 30.68 25.93 36.34
CA ILE B 226 31.15 24.70 35.73
C ILE B 226 31.67 25.05 34.34
N PHE B 227 32.75 24.39 33.93
CA PHE B 227 33.30 24.56 32.59
C PHE B 227 33.36 23.20 31.90
N THR B 228 32.79 23.12 30.71
CA THR B 228 32.86 21.89 29.92
C THR B 228 33.56 22.18 28.61
N THR B 229 34.59 21.40 28.31
CA THR B 229 35.30 21.49 27.03
C THR B 229 34.93 20.28 26.19
N HIS B 230 34.32 20.52 25.04
CA HIS B 230 33.98 19.46 24.12
C HIS B 230 35.12 19.13 23.17
N ALA B 231 36.17 19.95 23.16
CA ALA B 231 37.40 19.69 22.42
C ALA B 231 38.46 20.67 22.87
N THR B 232 39.66 20.18 23.18
CA THR B 232 40.75 21.08 23.55
C THR B 232 41.16 21.91 22.33
N LEU B 233 41.54 23.15 22.58
CA LEU B 233 41.71 24.10 21.49
C LEU B 233 42.97 23.80 20.69
N LEU B 234 44.08 23.55 21.36
CA LEU B 234 45.33 23.26 20.66
C LEU B 234 45.37 21.85 20.09
N GLY B 235 44.46 20.97 20.50
CA GLY B 235 44.53 19.59 20.05
C GLY B 235 44.36 19.45 18.55
N ARG B 236 43.41 20.20 17.98
CA ARG B 236 43.16 20.11 16.54
C ARG B 236 44.39 20.53 15.76
N TYR B 237 45.00 21.65 16.13
CA TYR B 237 46.17 22.14 15.42
C TYR B 237 47.36 21.21 15.61
N LEU B 238 47.56 20.69 16.83
CA LEU B 238 48.71 19.83 17.08
C LEU B 238 48.57 18.49 16.36
N CYS B 239 47.36 17.92 16.32
CA CYS B 239 47.16 16.68 15.60
C CYS B 239 47.24 16.88 14.10
N ALA B 240 46.80 18.05 13.61
CA ALA B 240 46.94 18.35 12.19
C ALA B 240 48.40 18.47 11.77
N GLY B 241 49.31 18.68 12.73
CA GLY B 241 50.72 18.76 12.41
C GLY B 241 51.37 17.43 12.09
N ALA B 242 50.74 16.33 12.50
CA ALA B 242 51.25 14.97 12.25
C ALA B 242 52.66 14.80 12.81
N VAL B 243 52.83 15.19 14.07
CA VAL B 243 54.12 15.08 14.76
C VAL B 243 53.92 14.20 15.98
N ASP B 244 53.03 13.21 15.87
CA ASP B 244 52.70 12.30 16.96
C ASP B 244 52.14 13.07 18.16
N PHE B 245 50.95 13.64 17.92
CA PHE B 245 50.29 14.46 18.93
C PHE B 245 50.11 13.71 20.24
N TYR B 246 49.58 12.49 20.18
CA TYR B 246 49.30 11.74 21.41
C TYR B 246 50.57 11.17 22.02
N ASN B 247 51.59 10.89 21.21
CA ASN B 247 52.84 10.36 21.76
C ASN B 247 53.67 11.43 22.45
N ASN B 248 53.53 12.69 22.04
CA ASN B 248 54.34 13.79 22.56
C ASN B 248 53.53 14.73 23.46
N LEU B 249 52.44 14.23 24.03
CA LEU B 249 51.57 15.07 24.84
C LEU B 249 52.32 15.71 26.00
N GLU B 250 53.31 15.02 26.54
CA GLU B 250 54.12 15.56 27.63
C GLU B 250 55.37 16.28 27.15
N ASN B 251 55.54 16.45 25.84
CA ASN B 251 56.68 17.15 25.27
C ASN B 251 56.23 18.26 24.33
N PHE B 252 55.20 19.01 24.74
CA PHE B 252 54.71 20.15 23.99
C PHE B 252 54.98 21.44 24.77
N ASN B 253 55.36 22.49 24.05
CA ASN B 253 55.39 23.84 24.59
C ASN B 253 54.12 24.53 24.11
N VAL B 254 53.14 24.60 25.01
CA VAL B 254 51.81 25.10 24.64
C VAL B 254 51.88 26.55 24.20
N ASP B 255 52.62 27.37 24.93
CA ASP B 255 52.76 28.78 24.55
C ASP B 255 53.48 28.93 23.22
N LYS B 256 54.53 28.14 22.99
CA LYS B 256 55.25 28.22 21.73
C LYS B 256 54.37 27.77 20.56
N GLU B 257 53.62 26.69 20.75
CA GLU B 257 52.73 26.22 19.68
C GLU B 257 51.63 27.23 19.39
N ALA B 258 51.06 27.84 20.44
CA ALA B 258 50.06 28.87 20.24
C ALA B 258 50.65 30.07 19.49
N GLY B 259 51.86 30.49 19.86
CA GLY B 259 52.50 31.59 19.16
C GLY B 259 52.78 31.26 17.71
N GLU B 260 53.14 30.01 17.42
CA GLU B 260 53.29 29.58 16.04
C GLU B 260 51.97 29.68 15.29
N ARG B 261 50.88 29.27 15.94
CA ARG B 261 49.56 29.34 15.32
C ARG B 261 48.88 30.69 15.51
N GLN B 262 49.49 31.60 16.27
CA GLN B 262 48.95 32.93 16.52
C GLN B 262 47.57 32.88 17.18
N ILE B 263 47.36 31.88 18.05
CA ILE B 263 46.10 31.74 18.77
C ILE B 263 46.39 31.75 20.26
N TYR B 264 47.42 32.50 20.67
CA TYR B 264 47.81 32.51 22.07
C TYR B 264 46.72 33.08 22.96
N HIS B 265 46.00 34.10 22.48
CA HIS B 265 44.93 34.68 23.29
C HIS B 265 43.81 33.69 23.54
N ARG B 266 43.41 32.93 22.50
CA ARG B 266 42.36 31.95 22.66
C ARG B 266 42.77 30.85 23.63
N TYR B 267 44.00 30.35 23.50
CA TYR B 267 44.49 29.33 24.42
C TYR B 267 44.55 29.87 25.84
N CYS B 268 45.00 31.12 26.00
CA CYS B 268 45.07 31.72 27.33
C CYS B 268 43.70 31.84 27.95
N MET B 269 42.69 32.24 27.17
CA MET B 269 41.37 32.44 27.75
C MET B 269 40.71 31.10 28.07
N GLU B 270 40.93 30.07 27.25
CA GLU B 270 40.39 28.75 27.61
C GLU B 270 41.09 28.19 28.85
N ARG B 271 42.40 28.40 28.96
CA ARG B 271 43.11 27.94 30.14
C ARG B 271 42.64 28.69 31.38
N ALA B 272 42.37 29.98 31.26
CA ALA B 272 41.83 30.74 32.39
C ALA B 272 40.45 30.24 32.78
N ALA B 273 39.60 29.94 31.79
CA ALA B 273 38.28 29.40 32.09
C ALA B 273 38.38 28.07 32.81
N ALA B 274 39.28 27.19 32.35
CA ALA B 274 39.44 25.89 33.00
C ALA B 274 40.00 26.03 34.41
N HIS B 275 40.94 26.95 34.61
CA HIS B 275 41.54 27.15 35.92
C HIS B 275 40.55 27.73 36.91
N CYS B 276 39.74 28.71 36.47
CA CYS B 276 38.85 29.42 37.37
C CYS B 276 37.62 28.62 37.77
N ALA B 277 37.17 27.70 36.92
CA ALA B 277 35.91 27.00 37.16
C ALA B 277 35.95 26.24 38.48
N HIS B 278 34.81 26.24 39.19
CA HIS B 278 34.69 25.41 40.37
C HIS B 278 34.79 23.94 40.01
N VAL B 279 34.12 23.53 38.93
CA VAL B 279 34.13 22.16 38.46
C VAL B 279 34.55 22.18 36.99
N PHE B 280 35.51 21.33 36.64
CA PHE B 280 35.98 21.18 35.27
C PHE B 280 35.57 19.80 34.78
N THR B 281 34.79 19.76 33.72
CA THR B 281 34.36 18.50 33.15
C THR B 281 34.79 18.42 31.69
N THR B 282 34.65 17.21 31.14
CA THR B 282 35.04 16.94 29.76
C THR B 282 34.14 15.85 29.23
N VAL B 283 34.05 15.77 27.90
CA VAL B 283 33.14 14.81 27.27
C VAL B 283 33.75 13.43 27.11
N SER B 284 35.04 13.26 27.40
CA SER B 284 35.69 11.98 27.20
C SER B 284 36.94 11.89 28.04
N GLN B 285 37.45 10.66 28.18
CA GLN B 285 38.68 10.43 28.91
C GLN B 285 39.91 10.80 28.11
N ILE B 286 39.86 10.63 26.78
CA ILE B 286 40.98 11.02 25.94
C ILE B 286 41.11 12.54 25.90
N THR B 287 39.98 13.24 25.77
CA THR B 287 40.04 14.69 25.86
C THR B 287 40.36 15.14 27.28
N ALA B 288 40.03 14.31 28.28
CA ALA B 288 40.44 14.60 29.64
C ALA B 288 41.95 14.56 29.79
N ILE B 289 42.60 13.59 29.15
CA ILE B 289 44.06 13.55 29.15
C ILE B 289 44.63 14.74 28.38
N GLU B 290 44.02 15.07 27.24
CA GLU B 290 44.45 16.26 26.49
C GLU B 290 44.38 17.50 27.35
N ALA B 291 43.29 17.64 28.12
CA ALA B 291 43.13 18.81 28.98
C ALA B 291 44.08 18.79 30.16
N GLN B 292 44.38 17.60 30.69
CA GLN B 292 45.33 17.52 31.79
C GLN B 292 46.73 17.95 31.35
N HIS B 293 47.09 17.62 30.11
CA HIS B 293 48.44 17.94 29.65
C HIS B 293 48.55 19.31 28.99
N LEU B 294 47.45 19.83 28.43
CA LEU B 294 47.46 21.11 27.73
C LEU B 294 46.92 22.25 28.59
N LEU B 295 45.73 22.06 29.15
CA LEU B 295 45.13 23.06 30.03
C LEU B 295 45.67 22.99 31.45
N LYS B 296 46.48 21.98 31.76
CA LYS B 296 47.14 21.86 33.06
C LYS B 296 46.14 21.76 34.21
N ARG B 297 45.02 21.08 33.96
CA ARG B 297 44.07 20.78 35.02
C ARG B 297 43.38 19.46 34.72
N LYS B 298 43.35 18.57 35.69
CA LYS B 298 42.67 17.29 35.53
C LYS B 298 41.18 17.48 35.75
N PRO B 299 40.33 17.08 34.80
CA PRO B 299 38.88 17.25 34.98
C PRO B 299 38.36 16.51 36.20
N ASP B 300 37.36 17.11 36.84
CA ASP B 300 36.74 16.50 38.00
C ASP B 300 35.83 15.34 37.61
N ILE B 301 35.02 15.52 36.56
CA ILE B 301 34.15 14.48 36.04
C ILE B 301 34.29 14.45 34.53
N VAL B 302 34.02 13.31 33.94
CA VAL B 302 33.85 13.17 32.50
C VAL B 302 32.35 13.06 32.23
N THR B 303 31.83 13.94 31.40
CA THR B 303 30.39 14.02 31.12
C THR B 303 30.17 13.66 29.66
N PRO B 304 29.93 12.39 29.33
CA PRO B 304 29.78 12.00 27.93
C PRO B 304 28.54 12.61 27.30
N ASN B 305 28.60 12.82 25.99
CA ASN B 305 27.44 13.26 25.24
C ASN B 305 26.46 12.10 25.09
N GLY B 306 25.17 12.42 25.16
CA GLY B 306 24.12 11.45 25.02
C GLY B 306 23.19 11.78 23.87
N LEU B 307 22.22 10.91 23.67
CA LEU B 307 21.25 11.05 22.60
C LEU B 307 19.85 10.88 23.17
N ASN B 308 18.88 11.47 22.47
CA ASN B 308 17.46 11.24 22.80
C ASN B 308 17.00 10.02 22.01
N VAL B 309 17.46 8.85 22.46
CA VAL B 309 17.10 7.61 21.77
C VAL B 309 15.60 7.42 21.86
N LYS B 310 14.98 7.07 20.73
CA LYS B 310 13.53 7.09 20.63
C LYS B 310 13.01 5.90 19.83
N LYS B 311 13.73 4.78 19.86
CA LYS B 311 13.43 3.64 18.99
C LYS B 311 13.40 4.09 17.53
N PHE B 312 14.30 5.02 17.21
CA PHE B 312 14.39 5.75 15.94
C PHE B 312 13.37 5.39 14.86
N GLU B 317 11.60 -5.16 14.36
CA GLU B 317 12.22 -3.87 14.59
C GLU B 317 13.73 -3.97 14.48
N PHE B 318 14.33 -3.03 13.72
CA PHE B 318 15.74 -2.98 13.37
C PHE B 318 16.14 -4.08 12.41
N GLN B 319 15.23 -5.00 12.08
CA GLN B 319 15.45 -6.00 11.04
C GLN B 319 14.50 -5.84 9.87
N ASN B 320 13.33 -5.24 10.07
CA ASN B 320 12.51 -4.78 8.96
C ASN B 320 13.17 -3.59 8.28
N LEU B 321 13.60 -2.60 9.07
CA LEU B 321 14.29 -1.44 8.53
C LEU B 321 15.61 -1.85 7.89
N HIS B 322 16.35 -2.75 8.55
CA HIS B 322 17.60 -3.24 7.96
C HIS B 322 17.33 -3.93 6.64
N ALA B 323 16.29 -4.76 6.57
CA ALA B 323 15.98 -5.48 5.34
C ALA B 323 15.61 -4.52 4.21
N GLN B 324 14.75 -3.55 4.49
CA GLN B 324 14.35 -2.60 3.46
C GLN B 324 15.52 -1.75 2.99
N SER B 325 16.31 -1.23 3.93
CA SER B 325 17.44 -0.40 3.56
C SER B 325 18.50 -1.20 2.82
N LYS B 326 18.71 -2.46 3.22
CA LYS B 326 19.64 -3.32 2.51
C LYS B 326 19.15 -3.60 1.10
N ALA B 327 17.84 -3.75 0.92
CA ALA B 327 17.30 -3.93 -0.43
C ALA B 327 17.54 -2.70 -1.29
N ARG B 328 17.34 -1.51 -0.74
CA ARG B 328 17.59 -0.29 -1.52
C ARG B 328 19.08 -0.10 -1.81
N ILE B 329 19.96 -0.44 -0.87
CA ILE B 329 21.39 -0.39 -1.14
C ILE B 329 21.76 -1.40 -2.22
N GLN B 330 21.14 -2.58 -2.19
CA GLN B 330 21.38 -3.58 -3.22
C GLN B 330 20.95 -3.07 -4.59
N GLU B 331 19.82 -2.37 -4.64
CA GLU B 331 19.38 -1.77 -5.90
C GLU B 331 20.37 -0.74 -6.40
N PHE B 332 20.89 0.11 -5.50
CA PHE B 332 21.88 1.08 -5.93
C PHE B 332 23.14 0.39 -6.46
N VAL B 333 23.60 -0.66 -5.77
CA VAL B 333 24.80 -1.37 -6.20
C VAL B 333 24.57 -2.07 -7.52
N ARG B 334 23.34 -2.56 -7.74
CA ARG B 334 23.00 -3.17 -9.02
C ARG B 334 23.06 -2.15 -10.14
N GLY B 335 22.53 -0.95 -9.90
CA GLY B 335 22.59 0.08 -10.92
C GLY B 335 24.03 0.52 -11.20
N HIS B 336 24.80 0.76 -10.14
CA HIS B 336 26.15 1.28 -10.31
C HIS B 336 27.05 0.30 -11.07
N PHE B 337 26.93 -0.98 -10.77
CA PHE B 337 27.80 -2.01 -11.34
C PHE B 337 27.15 -2.74 -12.51
N TYR B 338 26.25 -2.08 -13.23
CA TYR B 338 25.56 -2.74 -14.33
C TYR B 338 26.55 -3.15 -15.42
N GLY B 339 26.37 -4.35 -15.94
CA GLY B 339 27.33 -4.92 -16.85
C GLY B 339 28.54 -5.52 -16.18
N HIS B 340 28.62 -5.45 -14.84
CA HIS B 340 29.72 -6.02 -14.08
C HIS B 340 29.23 -6.78 -12.86
N LEU B 341 27.97 -7.20 -12.85
CA LEU B 341 27.38 -7.87 -11.70
C LEU B 341 27.69 -9.38 -11.73
N ASP B 342 28.99 -9.68 -11.69
CA ASP B 342 29.47 -11.04 -11.75
C ASP B 342 29.67 -11.67 -10.39
N PHE B 343 29.31 -10.97 -9.31
CA PHE B 343 29.51 -11.46 -7.95
C PHE B 343 28.17 -11.68 -7.28
N ASN B 344 28.17 -12.56 -6.29
CA ASN B 344 26.96 -12.85 -5.53
C ASN B 344 26.62 -11.67 -4.63
N LEU B 345 25.40 -11.13 -4.80
CA LEU B 345 24.95 -10.03 -3.97
C LEU B 345 24.35 -10.49 -2.65
N ASP B 346 24.14 -11.79 -2.48
CA ASP B 346 23.69 -12.35 -1.21
C ASP B 346 24.81 -12.56 -0.22
N LYS B 347 26.07 -12.44 -0.66
CA LYS B 347 27.24 -12.56 0.19
C LYS B 347 28.04 -11.26 0.20
N THR B 348 27.38 -10.15 -0.11
CA THR B 348 28.03 -8.85 -0.16
C THR B 348 27.81 -8.12 1.17
N LEU B 349 28.89 -7.60 1.74
CA LEU B 349 28.87 -6.88 3.00
C LEU B 349 29.08 -5.40 2.75
N TYR B 350 28.23 -4.58 3.34
CA TYR B 350 28.25 -3.13 3.14
C TYR B 350 28.90 -2.46 4.34
N PHE B 351 30.12 -1.98 4.16
CA PHE B 351 30.81 -1.15 5.13
C PHE B 351 30.62 0.31 4.77
N PHE B 352 30.79 1.19 5.76
CA PHE B 352 30.66 2.61 5.46
C PHE B 352 31.45 3.45 6.46
N ILE B 353 31.89 4.61 6.00
CA ILE B 353 32.47 5.64 6.84
C ILE B 353 31.83 6.96 6.43
N ALA B 354 31.54 7.80 7.42
CA ALA B 354 30.85 9.06 7.18
C ALA B 354 31.45 10.14 8.07
N GLY B 355 30.93 11.34 7.95
CA GLY B 355 31.34 12.48 8.76
C GLY B 355 32.03 13.53 7.93
N ARG B 356 32.64 14.49 8.63
CA ARG B 356 33.37 15.56 7.96
C ARG B 356 34.54 14.99 7.18
N TYR B 357 34.85 15.64 6.06
CA TYR B 357 35.85 15.12 5.12
C TYR B 357 37.23 15.53 5.61
N GLU B 358 37.70 14.85 6.65
CA GLU B 358 39.02 15.05 7.22
C GLU B 358 39.78 13.73 7.07
N PHE B 359 40.73 13.69 6.13
CA PHE B 359 41.36 12.43 5.77
C PHE B 359 42.14 11.84 6.95
N SER B 360 43.02 12.63 7.56
CA SER B 360 43.85 12.12 8.65
C SER B 360 43.06 11.98 9.94
N ASN B 361 42.22 12.95 10.26
CA ASN B 361 41.53 12.95 11.55
C ASN B 361 40.49 11.84 11.62
N LYS B 362 39.70 11.67 10.56
CA LYS B 362 38.67 10.64 10.54
C LYS B 362 39.23 9.26 10.23
N GLY B 363 40.53 9.15 9.97
CA GLY B 363 41.16 7.86 9.72
C GLY B 363 40.70 7.18 8.44
N ALA B 364 40.43 7.96 7.39
CA ALA B 364 40.00 7.36 6.13
C ALA B 364 41.18 6.67 5.42
N ASP B 365 42.40 7.15 5.64
CA ASP B 365 43.57 6.50 5.07
C ASP B 365 43.76 5.10 5.67
N VAL B 366 43.57 4.97 6.98
CA VAL B 366 43.66 3.67 7.62
C VAL B 366 42.58 2.74 7.09
N PHE B 367 41.37 3.26 6.90
CA PHE B 367 40.30 2.46 6.33
C PHE B 367 40.65 1.99 4.93
N LEU B 368 41.22 2.86 4.10
CA LEU B 368 41.56 2.48 2.73
C LEU B 368 42.68 1.46 2.69
N GLU B 369 43.70 1.63 3.53
CA GLU B 369 44.78 0.65 3.58
C GLU B 369 44.28 -0.70 4.05
N ALA B 370 43.43 -0.71 5.08
CA ALA B 370 42.84 -1.96 5.53
C ALA B 370 41.92 -2.57 4.48
N LEU B 371 41.26 -1.74 3.68
CA LEU B 371 40.44 -2.26 2.59
C LEU B 371 41.30 -2.95 1.53
N ALA B 372 42.44 -2.36 1.19
CA ALA B 372 43.36 -3.02 0.25
C ALA B 372 43.87 -4.34 0.80
N ARG B 373 44.28 -4.34 2.07
CA ARG B 373 44.77 -5.57 2.68
C ARG B 373 43.68 -6.63 2.75
N LEU B 374 42.45 -6.23 3.05
CA LEU B 374 41.34 -7.17 3.09
C LEU B 374 40.99 -7.68 1.71
N ASN B 375 41.13 -6.85 0.69
CA ASN B 375 40.94 -7.30 -0.68
C ASN B 375 41.95 -8.40 -1.01
N TYR B 376 43.21 -8.19 -0.65
CA TYR B 376 44.21 -9.23 -0.85
C TYR B 376 43.86 -10.50 -0.07
N LEU B 377 43.41 -10.35 1.18
CA LEU B 377 43.06 -11.52 2.00
C LEU B 377 41.90 -12.29 1.40
N LEU B 378 40.89 -11.59 0.89
CA LEU B 378 39.74 -12.25 0.29
C LEU B 378 40.12 -12.92 -1.02
N ARG B 379 41.01 -12.31 -1.81
CA ARG B 379 41.40 -12.91 -3.08
C ARG B 379 42.26 -14.16 -2.85
N VAL B 380 43.24 -14.08 -1.97
CA VAL B 380 44.15 -15.20 -1.76
C VAL B 380 43.39 -16.40 -1.18
N ASN B 381 42.55 -16.15 -0.18
CA ASN B 381 41.80 -17.22 0.45
C ASN B 381 40.62 -17.69 -0.39
N GLY B 382 40.35 -17.05 -1.52
CA GLY B 382 39.27 -17.48 -2.38
C GLY B 382 37.90 -17.28 -1.79
N SER B 383 37.76 -16.44 -0.78
CA SER B 383 36.47 -16.18 -0.18
C SER B 383 35.58 -15.44 -1.17
N GLU B 384 34.45 -16.06 -1.52
CA GLU B 384 33.52 -15.47 -2.47
C GLU B 384 32.76 -14.28 -1.89
N GLN B 385 33.09 -13.87 -0.67
CA GLN B 385 32.51 -12.66 -0.11
C GLN B 385 32.94 -11.44 -0.91
N THR B 386 32.02 -10.49 -1.05
CA THR B 386 32.30 -9.19 -1.64
C THR B 386 32.02 -8.13 -0.59
N VAL B 387 32.80 -7.06 -0.61
CA VAL B 387 32.67 -5.97 0.34
C VAL B 387 32.53 -4.68 -0.45
N VAL B 388 31.41 -3.99 -0.29
CA VAL B 388 31.20 -2.68 -0.89
C VAL B 388 31.38 -1.64 0.22
N ALA B 389 32.39 -0.80 0.08
CA ALA B 389 32.72 0.21 1.06
C ALA B 389 32.23 1.57 0.56
N PHE B 390 31.39 2.22 1.34
CA PHE B 390 30.87 3.54 1.02
C PHE B 390 31.64 4.60 1.77
N PHE B 391 32.03 5.66 1.07
CA PHE B 391 32.70 6.81 1.68
C PHE B 391 31.76 7.99 1.54
N ILE B 392 30.93 8.20 2.57
CA ILE B 392 29.95 9.28 2.57
C ILE B 392 30.63 10.47 3.23
N MET B 393 31.41 11.21 2.46
CA MET B 393 32.15 12.34 3.01
C MET B 393 32.05 13.53 2.07
N PRO B 394 31.30 14.57 2.44
CA PRO B 394 31.05 15.68 1.50
C PRO B 394 32.33 16.37 1.08
N ALA B 395 32.39 16.74 -0.20
CA ALA B 395 33.54 17.43 -0.76
C ALA B 395 33.02 18.47 -1.74
N ARG B 396 33.94 19.10 -2.47
CA ARG B 396 33.60 20.13 -3.44
C ARG B 396 33.45 19.46 -4.80
N THR B 397 32.20 19.24 -5.21
CA THR B 397 31.89 18.49 -6.43
C THR B 397 30.99 19.32 -7.33
N ASN B 398 31.10 19.07 -8.64
CA ASN B 398 30.31 19.81 -9.61
C ASN B 398 28.90 19.23 -9.75
N ASN B 399 28.79 18.00 -10.24
CA ASN B 399 27.51 17.35 -10.44
C ASN B 399 27.72 15.84 -10.47
N PHE B 400 26.65 15.10 -10.75
CA PHE B 400 26.68 13.65 -10.77
C PHE B 400 27.45 13.16 -11.99
N ASN B 401 28.17 12.05 -11.81
CA ASN B 401 28.90 11.44 -12.90
C ASN B 401 27.94 10.88 -13.95
N VAL B 402 28.38 10.86 -15.20
CA VAL B 402 27.53 10.36 -16.28
C VAL B 402 27.36 8.85 -16.18
N GLU B 403 28.43 8.12 -15.84
CA GLU B 403 28.33 6.68 -15.72
C GLU B 403 27.37 6.28 -14.60
N THR B 404 27.40 7.01 -13.50
CA THR B 404 26.55 6.65 -12.36
C THR B 404 25.08 6.89 -12.67
N LEU B 405 24.75 8.04 -13.28
CA LEU B 405 23.39 8.31 -13.69
C LEU B 405 22.91 7.30 -14.73
N LYS B 406 23.79 6.96 -15.68
CA LYS B 406 23.43 5.96 -16.68
C LYS B 406 23.15 4.61 -16.04
N GLY B 407 23.95 4.24 -15.04
CA GLY B 407 23.72 2.98 -14.35
C GLY B 407 22.39 2.95 -13.61
N GLN B 408 22.06 4.04 -12.93
CA GLN B 408 20.77 4.10 -12.25
C GLN B 408 19.61 4.02 -13.24
N ALA B 409 19.73 4.72 -14.37
CA ALA B 409 18.68 4.66 -15.39
C ALA B 409 18.56 3.26 -15.98
N VAL B 410 19.69 2.60 -16.21
CA VAL B 410 19.68 1.24 -16.74
C VAL B 410 19.00 0.29 -15.76
N ARG B 411 19.31 0.42 -14.47
CA ARG B 411 18.66 -0.43 -13.48
C ARG B 411 17.16 -0.16 -13.43
N LYS B 412 16.75 1.10 -13.52
CA LYS B 412 15.33 1.41 -13.55
C LYS B 412 14.65 0.77 -14.75
N GLN B 413 15.29 0.83 -15.92
CA GLN B 413 14.71 0.22 -17.12
C GLN B 413 14.61 -1.28 -16.99
N LEU B 414 15.65 -1.93 -16.47
CA LEU B 414 15.61 -3.37 -16.24
C LEU B 414 14.50 -3.74 -15.27
N TRP B 415 14.35 -2.97 -14.19
CA TRP B 415 13.29 -3.24 -13.23
C TRP B 415 11.92 -3.11 -13.86
N ASP B 416 11.71 -2.05 -14.65
CA ASP B 416 10.41 -1.86 -15.30
C ASP B 416 10.12 -3.00 -16.28
N THR B 417 11.12 -3.40 -17.05
CA THR B 417 10.94 -4.51 -17.99
C THR B 417 10.59 -5.79 -17.24
N ALA B 418 11.32 -6.07 -16.17
CA ALA B 418 11.06 -7.29 -15.40
C ALA B 418 9.67 -7.28 -14.80
N ASN B 419 9.24 -6.14 -14.24
CA ASN B 419 7.89 -6.07 -13.69
C ASN B 419 6.84 -6.26 -14.76
N THR B 420 7.02 -5.64 -15.92
CA THR B 420 6.02 -5.76 -16.98
C THR B 420 5.88 -7.21 -17.44
N VAL B 421 7.02 -7.85 -17.74
CA VAL B 421 6.99 -9.24 -18.18
C VAL B 421 6.43 -10.14 -17.09
N LYS B 422 6.83 -9.90 -15.84
CA LYS B 422 6.36 -10.71 -14.73
C LYS B 422 4.86 -10.59 -14.54
N GLU B 423 4.33 -9.36 -14.66
CA GLU B 423 2.90 -9.15 -14.46
C GLU B 423 2.09 -9.82 -15.55
N LYS B 424 2.50 -9.68 -16.81
CA LYS B 424 1.71 -10.35 -17.84
C LYS B 424 1.90 -11.86 -17.79
N PHE B 425 3.08 -12.34 -17.40
CA PHE B 425 3.27 -13.77 -17.21
C PHE B 425 2.36 -14.30 -16.11
N GLY B 426 2.25 -13.58 -15.00
CA GLY B 426 1.38 -14.01 -13.92
C GLY B 426 -0.09 -13.99 -14.32
N ARG B 427 -0.48 -12.99 -15.11
CA ARG B 427 -1.85 -12.94 -15.63
C ARG B 427 -2.15 -14.15 -16.51
N LYS B 428 -1.26 -14.45 -17.46
CA LYS B 428 -1.46 -15.60 -18.34
C LYS B 428 -1.41 -16.91 -17.56
N LEU B 429 -0.53 -17.00 -16.57
CA LEU B 429 -0.43 -18.20 -15.75
C LEU B 429 -1.69 -18.43 -14.94
N TYR B 430 -2.24 -17.36 -14.35
CA TYR B 430 -3.49 -17.48 -13.62
C TYR B 430 -4.62 -17.92 -14.54
N GLU B 431 -4.69 -17.34 -15.74
CA GLU B 431 -5.73 -17.75 -16.69
C GLU B 431 -5.59 -19.22 -17.07
N SER B 432 -4.35 -19.67 -17.33
CA SER B 432 -4.13 -21.07 -17.70
C SER B 432 -4.48 -22.00 -16.56
N LEU B 433 -4.13 -21.64 -15.33
CA LEU B 433 -4.46 -22.48 -14.18
C LEU B 433 -5.98 -22.53 -13.98
N LEU B 434 -6.67 -21.41 -14.18
CA LEU B 434 -8.12 -21.41 -14.05
C LEU B 434 -8.77 -22.28 -15.11
N VAL B 435 -8.25 -22.26 -16.33
CA VAL B 435 -8.75 -23.17 -17.36
C VAL B 435 -8.48 -24.62 -16.97
N GLY B 436 -7.35 -24.88 -16.31
CA GLY B 436 -7.04 -26.20 -15.84
C GLY B 436 -5.95 -26.88 -16.66
N SER B 437 -5.04 -26.08 -17.20
CA SER B 437 -3.98 -26.59 -18.06
C SER B 437 -2.62 -26.17 -17.53
N LEU B 438 -1.66 -27.06 -17.66
CA LEU B 438 -0.28 -26.72 -17.30
C LEU B 438 0.29 -25.78 -18.35
N PRO B 439 0.75 -24.60 -17.98
CA PRO B 439 1.15 -23.61 -18.99
C PRO B 439 2.38 -24.05 -19.76
N ASP B 440 2.45 -23.63 -21.02
CA ASP B 440 3.61 -23.85 -21.87
C ASP B 440 4.42 -22.56 -21.87
N MET B 441 5.63 -22.62 -21.32
CA MET B 441 6.46 -21.43 -21.22
C MET B 441 7.09 -21.05 -22.55
N ASN B 442 7.08 -21.96 -23.53
CA ASN B 442 7.55 -21.60 -24.86
C ASN B 442 6.61 -20.66 -25.58
N LYS B 443 5.41 -20.42 -25.04
CA LYS B 443 4.42 -19.59 -25.68
C LYS B 443 3.89 -18.46 -24.81
N MET B 444 4.20 -18.44 -23.51
CA MET B 444 3.70 -17.37 -22.65
C MET B 444 4.44 -16.06 -22.85
N LEU B 445 5.53 -16.05 -23.61
CA LEU B 445 6.23 -14.83 -23.97
C LEU B 445 5.90 -14.50 -25.43
N ASP B 446 5.17 -13.41 -25.62
CA ASP B 446 4.90 -12.92 -26.97
C ASP B 446 6.12 -12.16 -27.48
N LYS B 447 6.06 -11.73 -28.75
CA LYS B 447 7.22 -11.09 -29.36
C LYS B 447 7.55 -9.77 -28.69
N GLU B 448 6.55 -9.10 -28.10
CA GLU B 448 6.79 -7.84 -27.41
C GLU B 448 7.73 -8.04 -26.22
N ASP B 449 7.51 -9.12 -25.46
CA ASP B 449 8.37 -9.40 -24.30
C ASP B 449 9.80 -9.67 -24.74
N PHE B 450 9.99 -10.44 -25.81
CA PHE B 450 11.34 -10.70 -26.29
C PHE B 450 12.00 -9.42 -26.78
N THR B 451 11.25 -8.56 -27.47
CA THR B 451 11.80 -7.30 -27.94
C THR B 451 12.25 -6.42 -26.78
N MET B 452 11.41 -6.30 -25.74
CA MET B 452 11.75 -5.41 -24.64
C MET B 452 12.85 -6.01 -23.76
N MET B 453 12.90 -7.33 -23.61
CA MET B 453 14.03 -7.94 -22.91
C MET B 453 15.33 -7.77 -23.70
N LYS B 454 15.27 -7.85 -25.03
CA LYS B 454 16.47 -7.60 -25.82
C LYS B 454 16.93 -6.15 -25.68
N ARG B 455 15.98 -5.22 -25.60
CA ARG B 455 16.34 -3.83 -25.34
C ARG B 455 17.02 -3.69 -24.00
N ALA B 456 16.50 -4.38 -22.97
CA ALA B 456 17.15 -4.35 -21.66
C ALA B 456 18.56 -4.92 -21.72
N ILE B 457 18.73 -6.05 -22.41
CA ILE B 457 20.05 -6.68 -22.53
C ILE B 457 21.03 -5.76 -23.22
N PHE B 458 20.58 -5.08 -24.28
CA PHE B 458 21.44 -4.12 -24.96
C PHE B 458 21.76 -2.92 -24.06
N ALA B 459 20.82 -2.54 -23.20
CA ALA B 459 21.09 -1.47 -22.25
C ALA B 459 22.19 -1.84 -21.27
N THR B 460 22.20 -3.09 -20.80
CA THR B 460 23.18 -3.50 -19.79
C THR B 460 24.59 -3.65 -20.36
N GLN B 461 24.77 -3.61 -21.67
CA GLN B 461 26.10 -3.81 -22.24
C GLN B 461 27.03 -2.67 -21.82
N ARG B 462 28.23 -3.03 -21.38
CA ARG B 462 29.16 -2.04 -20.86
C ARG B 462 30.58 -2.60 -20.93
N GLN B 463 31.53 -1.72 -21.25
CA GLN B 463 32.93 -2.10 -21.37
C GLN B 463 33.81 -1.52 -20.26
N SER B 464 33.55 -0.29 -19.84
CA SER B 464 34.32 0.34 -18.79
C SER B 464 33.92 -0.19 -17.42
N PHE B 465 34.79 0.05 -16.45
CA PHE B 465 34.54 -0.35 -15.06
C PHE B 465 33.70 0.71 -14.35
N PRO B 466 33.00 0.33 -13.28
CA PRO B 466 32.18 1.30 -12.54
C PRO B 466 33.05 2.39 -11.93
N PRO B 467 32.57 3.63 -11.92
CA PRO B 467 33.35 4.71 -11.33
C PRO B 467 33.49 4.53 -9.83
N VAL B 468 34.64 4.96 -9.31
CA VAL B 468 34.83 4.97 -7.86
C VAL B 468 34.00 6.05 -7.21
N CYS B 469 33.98 7.24 -7.79
CA CYS B 469 33.24 8.37 -7.25
C CYS B 469 31.95 8.57 -8.05
N THR B 470 30.87 8.87 -7.34
CA THR B 470 29.57 9.09 -7.97
C THR B 470 29.38 10.52 -8.44
N HIS B 471 30.28 11.44 -8.09
CA HIS B 471 30.20 12.83 -8.48
C HIS B 471 31.42 13.20 -9.32
N ASN B 472 31.38 14.40 -9.89
CA ASN B 472 32.52 14.97 -10.60
C ASN B 472 33.28 15.88 -9.65
N MET B 473 34.46 15.44 -9.23
CA MET B 473 35.24 16.18 -8.26
C MET B 473 35.94 17.36 -8.94
N LEU B 474 35.77 18.56 -8.38
CA LEU B 474 36.41 19.73 -8.95
C LEU B 474 37.93 19.65 -8.83
N ASP B 475 38.44 18.88 -7.86
CA ASP B 475 39.87 18.67 -7.66
C ASP B 475 40.12 17.17 -7.62
N ASP B 476 40.31 16.57 -8.79
CA ASP B 476 40.64 15.15 -8.84
C ASP B 476 42.05 14.89 -8.32
N SER B 477 42.99 15.78 -8.64
CA SER B 477 44.37 15.59 -8.21
C SER B 477 44.53 15.89 -6.72
N SER B 478 43.79 16.86 -6.21
CA SER B 478 43.95 17.29 -4.82
C SER B 478 43.17 16.44 -3.83
N ASP B 479 42.33 15.51 -4.31
CA ASP B 479 41.52 14.70 -3.42
C ASP B 479 42.36 13.61 -2.78
N PRO B 480 42.44 13.54 -1.45
CA PRO B 480 43.22 12.45 -0.83
C PRO B 480 42.58 11.09 -0.98
N ILE B 481 41.24 11.00 -0.95
CA ILE B 481 40.60 9.70 -1.03
C ILE B 481 40.82 9.07 -2.40
N LEU B 482 40.58 9.84 -3.47
CA LEU B 482 40.77 9.30 -4.81
C LEU B 482 42.24 8.99 -5.08
N THR B 483 43.14 9.82 -4.59
CA THR B 483 44.57 9.55 -4.73
C THR B 483 44.95 8.24 -4.05
N THR B 484 44.45 8.03 -2.83
CA THR B 484 44.75 6.79 -2.12
C THR B 484 44.14 5.59 -2.83
N ILE B 485 42.93 5.73 -3.35
CA ILE B 485 42.28 4.63 -4.05
C ILE B 485 43.06 4.24 -5.29
N ARG B 486 43.49 5.22 -6.08
CA ARG B 486 44.26 4.90 -7.28
C ARG B 486 45.66 4.42 -6.95
N ARG B 487 46.21 4.81 -5.78
CA ARG B 487 47.52 4.33 -5.40
C ARG B 487 47.48 2.89 -4.93
N ILE B 488 46.47 2.52 -4.12
CA ILE B 488 46.43 1.17 -3.58
C ILE B 488 45.83 0.17 -4.56
N GLY B 489 45.07 0.63 -5.56
CA GLY B 489 44.59 -0.25 -6.60
C GLY B 489 43.23 -0.87 -6.34
N LEU B 490 42.24 -0.04 -6.06
CA LEU B 490 40.86 -0.49 -5.88
C LEU B 490 40.01 0.20 -6.96
N PHE B 491 39.96 -0.43 -8.14
CA PHE B 491 39.30 0.17 -9.29
C PHE B 491 37.98 -0.51 -9.64
N ASN B 492 37.41 -1.26 -8.70
CA ASN B 492 36.13 -1.94 -8.91
C ASN B 492 36.19 -2.90 -10.09
N SER B 493 37.34 -3.54 -10.26
CA SER B 493 37.49 -4.55 -11.29
C SER B 493 36.86 -5.87 -10.84
N SER B 494 36.74 -6.81 -11.78
CA SER B 494 36.12 -8.09 -11.45
C SER B 494 36.97 -8.89 -10.47
N ALA B 495 38.31 -8.77 -10.57
CA ALA B 495 39.18 -9.51 -9.67
C ALA B 495 39.09 -8.97 -8.24
N ASP B 496 38.87 -7.67 -8.08
CA ASP B 496 38.83 -7.08 -6.76
C ASP B 496 37.60 -7.59 -6.00
N ARG B 497 37.82 -8.07 -4.78
CA ARG B 497 36.73 -8.46 -3.90
C ARG B 497 36.17 -7.29 -3.11
N VAL B 498 36.84 -6.15 -3.12
CA VAL B 498 36.39 -4.94 -2.43
C VAL B 498 36.08 -3.89 -3.47
N LYS B 499 34.81 -3.51 -3.56
CA LYS B 499 34.36 -2.39 -4.36
C LYS B 499 34.27 -1.15 -3.48
N VAL B 500 34.57 0.00 -4.06
CA VAL B 500 34.60 1.26 -3.34
C VAL B 500 33.68 2.25 -4.06
N ILE B 501 32.77 2.86 -3.31
CA ILE B 501 31.89 3.89 -3.83
C ILE B 501 32.05 5.12 -2.96
N PHE B 502 32.54 6.21 -3.56
CA PHE B 502 32.78 7.46 -2.86
C PHE B 502 31.67 8.43 -3.20
N HIS B 503 30.81 8.74 -2.23
CA HIS B 503 29.69 9.64 -2.43
C HIS B 503 29.99 10.94 -1.71
N PRO B 504 30.56 11.94 -2.38
CA PRO B 504 30.98 13.18 -1.72
C PRO B 504 29.84 14.19 -1.58
N GLU B 505 28.76 13.79 -0.92
CA GLU B 505 27.62 14.66 -0.71
C GLU B 505 26.76 14.05 0.38
N PHE B 506 26.02 14.91 1.08
CA PHE B 506 25.12 14.44 2.13
C PHE B 506 23.97 13.63 1.54
N LEU B 507 23.68 12.51 2.17
CA LEU B 507 22.59 11.66 1.70
C LEU B 507 21.25 12.30 2.01
N SER B 508 20.45 12.55 0.97
CA SER B 508 19.13 13.14 1.13
C SER B 508 18.15 12.38 0.27
N SER B 509 16.87 12.47 0.65
CA SER B 509 15.82 11.82 -0.12
C SER B 509 15.58 12.50 -1.46
N THR B 510 16.14 13.68 -1.68
CA THR B 510 16.01 14.39 -2.95
C THR B 510 17.13 14.07 -3.93
N SER B 511 18.10 13.26 -3.54
CA SER B 511 19.15 12.86 -4.45
C SER B 511 18.60 11.87 -5.47
N PRO B 512 18.77 12.12 -6.77
CA PRO B 512 18.27 11.15 -7.76
C PRO B 512 18.91 9.78 -7.66
N LEU B 513 20.18 9.70 -7.25
CA LEU B 513 20.85 8.40 -7.15
C LEU B 513 20.19 7.53 -6.10
N LEU B 514 20.27 7.94 -4.84
CA LEU B 514 19.89 7.11 -3.70
C LEU B 514 18.98 7.94 -2.81
N PRO B 515 17.69 8.01 -3.14
CA PRO B 515 16.76 8.88 -2.40
C PRO B 515 16.40 8.35 -1.02
N VAL B 516 17.43 8.14 -0.19
CA VAL B 516 17.24 7.81 1.21
C VAL B 516 18.20 8.66 2.03
N ASP B 517 17.74 9.08 3.20
CA ASP B 517 18.53 9.95 4.06
C ASP B 517 19.66 9.14 4.70
N TYR B 518 20.49 9.83 5.50
CA TYR B 518 21.60 9.16 6.18
C TYR B 518 21.07 8.09 7.14
N GLU B 519 20.03 8.43 7.89
CA GLU B 519 19.39 7.50 8.81
C GLU B 519 19.10 6.16 8.13
N GLU B 520 18.23 6.20 7.14
CA GLU B 520 17.72 4.97 6.53
C GLU B 520 18.78 4.29 5.67
N PHE B 521 19.70 5.07 5.10
CA PHE B 521 20.77 4.45 4.32
C PHE B 521 21.67 3.60 5.21
N VAL B 522 22.17 4.18 6.32
CA VAL B 522 23.10 3.43 7.14
C VAL B 522 22.42 2.42 8.03
N ARG B 523 21.08 2.45 8.13
CA ARG B 523 20.40 1.33 8.77
C ARG B 523 20.63 0.02 8.03
N GLY B 524 20.79 0.07 6.71
CA GLY B 524 20.97 -1.10 5.89
C GLY B 524 22.40 -1.53 5.65
N CYS B 525 23.37 -0.92 6.32
CA CYS B 525 24.76 -1.33 6.20
C CYS B 525 25.09 -2.35 7.29
N HIS B 526 26.12 -3.15 7.03
CA HIS B 526 26.49 -4.21 7.96
C HIS B 526 27.43 -3.71 9.04
N LEU B 527 28.34 -2.83 8.68
CA LEU B 527 29.37 -2.37 9.60
C LEU B 527 29.71 -0.92 9.28
N GLY B 528 29.97 -0.14 10.32
CA GLY B 528 30.51 1.20 10.18
C GLY B 528 31.93 1.24 10.73
N VAL B 529 32.84 1.78 9.95
CA VAL B 529 34.25 1.83 10.31
C VAL B 529 34.64 3.28 10.53
N PHE B 530 34.97 3.62 11.77
CA PHE B 530 35.36 4.98 12.16
C PHE B 530 36.70 4.93 12.87
N PRO B 531 37.79 4.72 12.14
CA PRO B 531 39.11 4.59 12.77
C PRO B 531 39.79 5.96 12.97
N SER B 532 39.08 6.86 13.64
CA SER B 532 39.50 8.24 13.77
C SER B 532 40.71 8.38 14.68
N TYR B 533 41.51 9.42 14.40
CA TYR B 533 42.70 9.74 15.19
C TYR B 533 42.42 10.84 16.21
N TYR B 534 41.78 11.92 15.79
CA TYR B 534 41.40 13.01 16.69
C TYR B 534 39.88 13.13 16.65
N GLU B 535 39.22 12.59 17.66
CA GLU B 535 37.77 12.64 17.76
C GLU B 535 37.43 12.81 19.23
N PRO B 536 37.14 14.02 19.67
CA PRO B 536 36.92 14.24 21.12
C PRO B 536 35.78 13.41 21.69
N TRP B 537 34.61 13.39 21.05
CA TRP B 537 33.59 12.41 21.40
C TRP B 537 33.30 11.46 20.26
N GLY B 538 32.86 11.96 19.12
CA GLY B 538 32.51 11.11 18.00
C GLY B 538 31.03 10.86 17.92
N TYR B 539 30.34 11.64 17.08
CA TYR B 539 28.89 11.57 16.99
C TYR B 539 28.41 10.60 15.95
N THR B 540 29.17 10.41 14.87
CA THR B 540 28.81 9.41 13.87
C THR B 540 28.85 8.00 14.42
N PRO B 541 29.89 7.55 15.14
CA PRO B 541 29.83 6.21 15.74
C PRO B 541 28.69 6.05 16.73
N ALA B 542 28.37 7.11 17.48
CA ALA B 542 27.29 7.04 18.46
C ALA B 542 25.93 6.91 17.78
N GLU B 543 25.70 7.68 16.72
CA GLU B 543 24.49 7.51 15.92
C GLU B 543 24.41 6.10 15.37
N CYS B 544 25.54 5.58 14.85
CA CYS B 544 25.57 4.24 14.29
C CYS B 544 25.18 3.20 15.33
N THR B 545 25.72 3.33 16.56
CA THR B 545 25.43 2.36 17.61
C THR B 545 23.99 2.47 18.09
N VAL B 546 23.45 3.70 18.19
CA VAL B 546 22.06 3.87 18.57
C VAL B 546 21.13 3.22 17.55
N MET B 547 21.49 3.30 16.28
CA MET B 547 20.69 2.74 15.20
C MET B 547 20.78 1.22 15.16
N GLY B 548 21.71 0.61 15.90
CA GLY B 548 21.82 -0.82 15.97
C GLY B 548 22.86 -1.45 15.08
N ILE B 549 23.69 -0.67 14.40
CA ILE B 549 24.70 -1.20 13.48
C ILE B 549 26.00 -1.44 14.23
N PRO B 550 26.63 -2.62 14.08
CA PRO B 550 27.97 -2.81 14.63
C PRO B 550 28.95 -1.82 14.03
N SER B 551 29.91 -1.39 14.84
CA SER B 551 30.80 -0.32 14.42
C SER B 551 32.22 -0.58 14.89
N ILE B 552 33.15 0.04 14.19
CA ILE B 552 34.57 0.03 14.53
C ILE B 552 34.96 1.45 14.91
N SER B 553 35.37 1.62 16.16
CA SER B 553 35.88 2.89 16.66
C SER B 553 37.29 2.66 17.17
N THR B 554 37.87 3.68 17.79
CA THR B 554 39.23 3.61 18.31
C THR B 554 39.25 4.04 19.76
N ASN B 555 40.36 3.77 20.43
CA ASN B 555 40.55 4.24 21.80
C ASN B 555 41.09 5.65 21.85
N LEU B 556 41.29 6.29 20.71
CA LEU B 556 41.62 7.71 20.63
C LEU B 556 40.38 8.58 20.43
N SER B 557 39.20 7.97 20.37
CA SER B 557 37.95 8.70 20.30
C SER B 557 37.21 8.57 21.61
N GLY B 558 36.40 9.57 21.93
CA GLY B 558 35.68 9.55 23.20
C GLY B 558 34.65 8.45 23.28
N PHE B 559 33.92 8.23 22.18
CA PHE B 559 32.94 7.15 22.15
C PHE B 559 33.61 5.79 22.32
N GLY B 560 34.77 5.60 21.69
CA GLY B 560 35.49 4.35 21.83
C GLY B 560 35.94 4.09 23.26
N CYS B 561 36.46 5.13 23.93
CA CYS B 561 36.84 4.98 25.34
C CYS B 561 35.62 4.69 26.20
N PHE B 562 34.50 5.35 25.93
CA PHE B 562 33.27 5.13 26.68
C PHE B 562 32.82 3.68 26.59
N MET B 563 32.71 3.16 25.37
CA MET B 563 32.31 1.77 25.18
C MET B 563 33.35 0.79 25.70
N GLU B 564 34.63 1.13 25.60
CA GLU B 564 35.67 0.26 26.14
C GLU B 564 35.54 0.12 27.65
N GLU B 565 35.28 1.23 28.35
CA GLU B 565 35.18 1.15 29.80
C GLU B 565 33.81 0.71 30.30
N HIS B 566 32.79 0.68 29.45
CA HIS B 566 31.46 0.29 29.89
C HIS B 566 31.07 -1.13 29.48
N ILE B 567 31.94 -1.85 28.76
CA ILE B 567 31.61 -3.16 28.22
C ILE B 567 32.75 -4.11 28.53
N ALA B 568 32.40 -5.32 29.00
CA ALA B 568 33.43 -6.31 29.32
C ALA B 568 34.12 -6.82 28.06
N ASP B 569 33.34 -7.24 27.05
CA ASP B 569 33.86 -7.70 25.77
C ASP B 569 33.17 -6.93 24.67
N PRO B 570 33.72 -5.77 24.27
CA PRO B 570 33.03 -4.94 23.28
C PRO B 570 32.76 -5.64 21.96
N SER B 571 33.70 -6.48 21.49
CA SER B 571 33.53 -7.10 20.19
C SER B 571 32.34 -8.05 20.15
N ALA B 572 31.96 -8.59 21.31
CA ALA B 572 30.76 -9.44 21.37
C ALA B 572 29.51 -8.64 21.04
N TYR B 573 29.46 -7.39 21.46
CA TYR B 573 28.31 -6.52 21.24
C TYR B 573 28.35 -5.80 19.91
N GLY B 574 29.41 -5.96 19.13
CA GLY B 574 29.52 -5.31 17.84
C GLY B 574 30.36 -4.06 17.82
N ILE B 575 31.08 -3.75 18.89
CA ILE B 575 31.96 -2.58 18.94
C ILE B 575 33.39 -3.10 18.88
N TYR B 576 34.12 -2.74 17.84
CA TYR B 576 35.52 -3.11 17.69
C TYR B 576 36.37 -1.87 17.93
N ILE B 577 37.23 -1.92 18.94
CA ILE B 577 38.03 -0.77 19.33
C ILE B 577 39.47 -1.00 18.86
N LEU B 578 39.93 -0.17 17.94
CA LEU B 578 41.32 -0.19 17.51
C LEU B 578 42.22 0.37 18.60
N ASP B 579 43.42 -0.18 18.70
CA ASP B 579 44.41 0.27 19.66
C ASP B 579 45.33 1.29 18.99
N ARG B 580 44.73 2.41 18.58
CA ARG B 580 45.47 3.43 17.84
C ARG B 580 46.35 4.30 18.74
N ARG B 581 46.21 4.20 20.06
CA ARG B 581 46.99 5.04 20.96
C ARG B 581 48.35 4.45 21.30
N PHE B 582 48.49 3.12 21.28
CA PHE B 582 49.74 2.46 21.63
C PHE B 582 50.28 1.62 20.49
N ARG B 583 49.90 1.93 19.25
CA ARG B 583 50.33 1.17 18.09
C ARG B 583 50.78 2.12 16.99
N SER B 584 51.76 1.67 16.21
CA SER B 584 52.13 2.40 15.02
C SER B 584 51.03 2.26 13.96
N LEU B 585 51.02 3.21 13.01
CA LEU B 585 49.93 3.25 12.05
C LEU B 585 49.87 1.96 11.23
N ASP B 586 51.03 1.36 10.95
CA ASP B 586 51.03 0.06 10.26
C ASP B 586 50.36 -1.01 11.12
N ASP B 587 50.65 -1.02 12.43
CA ASP B 587 50.00 -1.95 13.33
C ASP B 587 48.50 -1.68 13.41
N SER B 588 48.11 -0.40 13.39
CA SER B 588 46.70 -0.06 13.38
C SER B 588 46.00 -0.58 12.13
N CYS B 589 46.65 -0.44 10.97
CA CYS B 589 46.08 -0.98 9.73
C CYS B 589 45.99 -2.50 9.78
N SER B 590 47.00 -3.15 10.34
CA SER B 590 46.95 -4.61 10.46
C SER B 590 45.82 -5.05 11.38
N GLN B 591 45.64 -4.36 12.51
CA GLN B 591 44.56 -4.71 13.43
C GLN B 591 43.20 -4.44 12.81
N LEU B 592 43.06 -3.34 12.08
CA LEU B 592 41.80 -3.07 11.39
C LEU B 592 41.52 -4.12 10.33
N THR B 593 42.56 -4.56 9.61
CA THR B 593 42.38 -5.64 8.65
C THR B 593 41.93 -6.92 9.34
N SER B 594 42.50 -7.22 10.50
CA SER B 594 42.07 -8.39 11.26
C SER B 594 40.62 -8.26 11.69
N PHE B 595 40.21 -7.07 12.14
CA PHE B 595 38.81 -6.84 12.51
C PHE B 595 37.88 -7.07 11.32
N LEU B 596 38.24 -6.50 10.17
CA LEU B 596 37.39 -6.62 8.98
C LEU B 596 37.32 -8.05 8.49
N TYR B 597 38.46 -8.76 8.52
CA TYR B 597 38.47 -10.16 8.10
C TYR B 597 37.70 -11.04 9.05
N SER B 598 37.79 -10.78 10.36
CA SER B 598 36.99 -11.52 11.32
C SER B 598 35.51 -11.28 11.13
N PHE B 599 35.12 -10.04 10.83
CA PHE B 599 33.73 -9.75 10.52
C PHE B 599 33.28 -10.48 9.26
N CYS B 600 34.14 -10.51 8.24
CA CYS B 600 33.80 -11.19 7.00
C CYS B 600 33.64 -12.70 7.21
N GLN B 601 34.51 -13.28 8.04
CA GLN B 601 34.48 -14.71 8.30
C GLN B 601 33.31 -15.15 9.17
N GLN B 602 32.60 -14.21 9.79
CA GLN B 602 31.41 -14.54 10.56
C GLN B 602 30.32 -15.09 9.65
N SER B 603 29.53 -16.01 10.17
CA SER B 603 28.39 -16.51 9.44
C SER B 603 27.20 -15.57 9.62
N ARG B 604 26.09 -15.88 8.95
CA ARG B 604 24.89 -15.07 9.12
C ARG B 604 24.36 -15.16 10.54
N ARG B 605 24.44 -16.34 11.16
CA ARG B 605 23.94 -16.52 12.51
C ARG B 605 24.70 -15.65 13.50
N GLN B 606 26.04 -15.70 13.44
CA GLN B 606 26.86 -14.88 14.33
C GLN B 606 26.64 -13.40 14.08
N ARG B 607 26.50 -13.01 12.81
CA ARG B 607 26.25 -11.62 12.49
C ARG B 607 24.93 -11.14 13.07
N ILE B 608 23.89 -11.96 12.98
CA ILE B 608 22.59 -11.59 13.54
C ILE B 608 22.67 -11.49 15.06
N ILE B 609 23.34 -12.44 15.71
CA ILE B 609 23.46 -12.39 17.16
C ILE B 609 24.20 -11.12 17.60
N GLN B 610 25.29 -10.81 16.91
CA GLN B 610 26.07 -9.62 17.22
C GLN B 610 25.25 -8.36 17.01
N ARG B 611 24.44 -8.32 15.95
CA ARG B 611 23.60 -7.16 15.71
C ARG B 611 22.54 -7.01 16.77
N ASN B 612 21.99 -8.12 17.27
CA ASN B 612 21.05 -8.05 18.38
C ASN B 612 21.70 -7.46 19.62
N ARG B 613 22.92 -7.87 19.93
CA ARG B 613 23.62 -7.28 21.06
C ARG B 613 23.88 -5.80 20.86
N THR B 614 24.21 -5.40 19.64
CA THR B 614 24.41 -3.98 19.36
C THR B 614 23.12 -3.19 19.57
N GLU B 615 21.99 -3.74 19.14
CA GLU B 615 20.71 -3.10 19.41
C GLU B 615 20.43 -3.01 20.89
N ARG B 616 20.91 -3.97 21.68
CA ARG B 616 20.82 -3.85 23.13
C ARG B 616 21.61 -2.64 23.62
N LEU B 617 22.78 -2.40 23.03
CA LEU B 617 23.73 -1.42 23.56
C LEU B 617 23.17 0.00 23.66
N SER B 618 22.13 0.34 22.91
CA SER B 618 21.72 1.73 22.76
C SER B 618 21.23 2.37 24.05
N ASP B 619 20.94 1.58 25.09
CA ASP B 619 20.48 2.15 26.35
C ASP B 619 21.58 2.92 27.07
N LEU B 620 22.84 2.66 26.77
CA LEU B 620 23.94 3.37 27.42
C LEU B 620 24.09 4.79 26.90
N LEU B 621 23.62 5.05 25.69
CA LEU B 621 23.87 6.32 25.01
C LEU B 621 22.74 7.31 25.17
N ASP B 622 21.69 6.99 25.93
CA ASP B 622 20.60 7.92 26.13
C ASP B 622 20.98 8.97 27.15
N TRP B 623 20.22 10.08 27.14
CA TRP B 623 20.42 11.10 28.15
C TRP B 623 19.87 10.68 29.50
N LYS B 624 18.98 9.68 29.54
CA LYS B 624 18.46 9.18 30.80
C LYS B 624 19.57 8.65 31.70
N TYR B 625 20.52 7.93 31.12
CA TYR B 625 21.66 7.44 31.89
C TYR B 625 22.78 8.46 31.97
N LEU B 626 23.06 9.17 30.87
CA LEU B 626 24.24 10.02 30.80
C LEU B 626 24.02 11.39 31.41
N GLY B 627 22.79 11.74 31.81
CA GLY B 627 22.58 13.00 32.50
C GLY B 627 22.99 13.00 33.94
N ARG B 628 23.21 11.83 34.53
CA ARG B 628 23.65 11.79 35.93
C ARG B 628 25.07 12.33 36.08
N TYR B 629 25.88 12.29 35.01
CA TYR B 629 27.19 12.91 35.08
C TYR B 629 27.09 14.42 35.17
N TYR B 630 26.19 15.02 34.38
CA TYR B 630 25.96 16.46 34.49
C TYR B 630 25.36 16.81 35.84
N MET B 631 24.46 15.96 36.33
CA MET B 631 23.91 16.15 37.67
C MET B 631 25.01 16.16 38.72
N SER B 632 25.93 15.19 38.63
CA SER B 632 27.04 15.13 39.58
C SER B 632 27.91 16.36 39.48
N ALA B 633 28.19 16.83 38.26
CA ALA B 633 29.01 18.02 38.08
C ALA B 633 28.37 19.24 38.71
N ARG B 634 27.06 19.40 38.50
CA ARG B 634 26.34 20.52 39.12
C ARG B 634 26.35 20.41 40.62
N HIS B 635 26.21 19.19 41.16
CA HIS B 635 26.22 19.01 42.60
C HIS B 635 27.58 19.34 43.21
N MET B 636 28.68 18.94 42.55
CA MET B 636 29.99 19.35 43.05
C MET B 636 30.17 20.86 42.97
N ALA B 637 29.66 21.48 41.90
CA ALA B 637 29.77 22.93 41.79
C ALA B 637 29.04 23.61 42.95
N LEU B 638 27.83 23.13 43.26
CA LEU B 638 27.07 23.68 44.38
C LEU B 638 27.79 23.45 45.70
N SER B 639 28.36 22.26 45.87
CA SER B 639 29.10 21.95 47.10
C SER B 639 30.30 22.86 47.27
N LYS B 640 31.04 23.11 46.18
CA LYS B 640 32.25 23.91 46.28
C LYS B 640 31.93 25.39 46.48
N ALA B 641 30.95 25.91 45.75
CA ALA B 641 30.63 27.32 45.86
C ALA B 641 29.85 27.64 47.13
N PHE B 642 29.00 26.73 47.58
CA PHE B 642 28.16 26.93 48.76
C PHE B 642 28.31 25.74 49.69
N PRO B 643 29.48 25.59 50.33
CA PRO B 643 29.69 24.42 51.19
C PRO B 643 28.79 24.39 52.41
N GLU B 644 28.26 25.53 52.83
CA GLU B 644 27.40 25.56 54.02
C GLU B 644 26.01 25.01 53.72
N HIS B 645 25.48 25.28 52.53
CA HIS B 645 24.12 24.86 52.20
C HIS B 645 24.07 23.54 51.45
N PHE B 646 25.13 23.20 50.72
CA PHE B 646 25.16 21.99 49.91
C PHE B 646 26.37 21.14 50.28
N THR B 647 26.15 19.83 50.38
CA THR B 647 27.21 18.86 50.62
C THR B 647 27.11 17.76 49.57
N TYR B 648 28.26 17.34 49.04
CA TYR B 648 28.31 16.35 47.98
C TYR B 648 29.06 15.12 48.45
N GLU B 649 28.49 13.95 48.20
CA GLU B 649 29.15 12.67 48.46
C GLU B 649 29.43 11.98 47.13
N PRO B 650 30.69 11.97 46.66
CA PRO B 650 31.08 11.34 45.39
C PRO B 650 30.85 9.84 45.37
N TRP C 43 -35.90 25.47 -3.62
CA TRP C 43 -36.29 26.86 -3.83
C TRP C 43 -35.58 27.86 -2.91
N GLU C 44 -35.58 29.12 -3.34
CA GLU C 44 -35.07 30.23 -2.56
C GLU C 44 -36.18 31.26 -2.33
N ASP C 45 -37.39 30.75 -2.08
CA ASP C 45 -38.56 31.61 -1.96
C ASP C 45 -38.46 32.51 -0.73
N GLU C 46 -39.03 33.70 -0.85
CA GLU C 46 -39.12 34.65 0.27
C GLU C 46 -40.41 34.36 1.02
N PHE C 47 -40.30 33.69 2.16
CA PHE C 47 -41.46 33.31 2.96
C PHE C 47 -41.18 33.62 4.41
N ASP C 48 -42.25 33.83 5.18
CA ASP C 48 -42.13 34.26 6.58
C ASP C 48 -42.14 33.03 7.48
N LEU C 49 -41.03 32.78 8.16
CA LEU C 49 -40.94 31.70 9.15
C LEU C 49 -40.25 32.20 10.40
N GLU C 50 -40.50 33.46 10.77
CA GLU C 50 -39.79 34.06 11.89
C GLU C 50 -40.18 33.41 13.21
N ASN C 51 -41.47 33.21 13.43
CA ASN C 51 -41.96 32.56 14.65
C ASN C 51 -42.61 31.20 14.40
N ALA C 52 -42.70 30.78 13.14
CA ALA C 52 -43.32 29.49 12.84
C ALA C 52 -42.45 28.35 13.33
N VAL C 53 -43.09 27.30 13.85
CA VAL C 53 -42.42 26.11 14.34
C VAL C 53 -42.97 24.91 13.60
N LEU C 54 -42.09 23.98 13.24
CA LEU C 54 -42.46 22.78 12.48
C LEU C 54 -42.25 21.54 13.33
N PHE C 55 -43.30 20.74 13.47
CA PHE C 55 -43.24 19.44 14.11
C PHE C 55 -43.48 18.37 13.05
N GLU C 56 -42.53 17.45 12.90
CA GLU C 56 -42.64 16.37 11.92
C GLU C 56 -42.94 15.07 12.68
N VAL C 57 -44.20 14.69 12.69
CA VAL C 57 -44.67 13.53 13.45
C VAL C 57 -44.53 12.29 12.58
N ALA C 58 -43.84 11.29 13.11
CA ALA C 58 -43.63 10.04 12.40
C ALA C 58 -43.29 8.95 13.41
N TRP C 59 -43.91 7.78 13.25
CA TRP C 59 -43.63 6.66 14.12
C TRP C 59 -42.20 6.14 14.00
N GLU C 60 -41.49 6.51 12.93
CA GLU C 60 -40.16 6.00 12.66
C GLU C 60 -39.05 6.92 13.14
N VAL C 61 -39.39 7.94 13.93
CA VAL C 61 -38.36 8.84 14.46
C VAL C 61 -37.58 8.10 15.54
N ALA C 62 -36.28 7.89 15.30
CA ALA C 62 -35.42 7.14 16.20
C ALA C 62 -35.94 5.73 16.44
N ASN C 63 -36.64 5.17 15.45
CA ASN C 63 -37.23 3.84 15.55
C ASN C 63 -37.24 3.23 14.15
N LYS C 64 -36.21 2.47 13.81
CA LYS C 64 -36.06 1.95 12.46
C LYS C 64 -36.97 0.74 12.27
N VAL C 65 -38.15 0.97 11.72
CA VAL C 65 -39.09 -0.12 11.45
C VAL C 65 -39.57 -0.02 10.01
N GLY C 66 -38.80 0.62 9.14
CA GLY C 66 -39.20 0.80 7.76
C GLY C 66 -38.21 1.65 7.01
N GLY C 67 -38.64 2.09 5.83
CA GLY C 67 -37.82 2.91 4.96
C GLY C 67 -37.99 4.40 5.17
N ILE C 68 -39.07 4.79 5.86
CA ILE C 68 -39.28 6.20 6.21
C ILE C 68 -38.24 6.69 7.19
N TYR C 69 -37.61 5.78 7.95
CA TYR C 69 -36.56 6.18 8.87
C TYR C 69 -35.42 6.88 8.14
N THR C 70 -34.96 6.29 7.04
CA THR C 70 -33.89 6.91 6.26
C THR C 70 -34.36 8.20 5.60
N VAL C 71 -35.63 8.27 5.21
CA VAL C 71 -36.16 9.50 4.62
C VAL C 71 -36.07 10.64 5.63
N LEU C 72 -36.55 10.41 6.85
CA LEU C 72 -36.50 11.44 7.88
C LEU C 72 -35.06 11.78 8.25
N GLN C 73 -34.21 10.76 8.37
CA GLN C 73 -32.83 10.99 8.75
C GLN C 73 -32.10 11.84 7.72
N THR C 74 -32.34 11.60 6.44
CA THR C 74 -31.67 12.37 5.40
C THR C 74 -32.30 13.74 5.20
N LYS C 75 -33.61 13.87 5.41
CA LYS C 75 -34.28 15.15 5.23
C LYS C 75 -34.10 16.08 6.42
N ALA C 76 -33.65 15.56 7.56
CA ALA C 76 -33.48 16.40 8.74
C ALA C 76 -32.51 17.54 8.49
N LYS C 77 -31.43 17.28 7.75
CA LYS C 77 -30.43 18.32 7.52
C LYS C 77 -31.01 19.48 6.71
N VAL C 78 -31.68 19.16 5.60
CA VAL C 78 -32.18 20.23 4.74
C VAL C 78 -33.38 20.92 5.37
N THR C 79 -34.12 20.24 6.26
CA THR C 79 -35.21 20.91 6.95
C THR C 79 -34.68 21.81 8.06
N GLY C 80 -33.62 21.39 8.75
CA GLY C 80 -32.97 22.23 9.73
C GLY C 80 -32.33 23.46 9.12
N ASP C 81 -31.64 23.31 8.00
CA ASP C 81 -31.01 24.45 7.33
C ASP C 81 -32.02 25.51 6.90
N GLU C 82 -33.31 25.27 7.07
CA GLU C 82 -34.35 26.25 6.77
C GLU C 82 -35.15 26.67 7.99
N TRP C 83 -35.35 25.78 8.96
CA TRP C 83 -36.18 26.10 10.11
C TRP C 83 -35.39 26.39 11.37
N GLY C 84 -34.08 26.23 11.37
CA GLY C 84 -33.30 26.53 12.56
C GLY C 84 -33.68 25.62 13.72
N ASP C 85 -33.85 26.23 14.89
CA ASP C 85 -34.21 25.52 16.10
C ASP C 85 -35.71 25.33 16.26
N ASN C 86 -36.50 25.86 15.32
CA ASN C 86 -37.94 25.69 15.32
C ASN C 86 -38.38 24.41 14.62
N TYR C 87 -37.50 23.43 14.51
CA TYR C 87 -37.78 22.16 13.86
C TYR C 87 -37.70 21.06 14.91
N PHE C 88 -38.80 20.33 15.09
CA PHE C 88 -38.89 19.26 16.05
C PHE C 88 -39.37 17.99 15.37
N LEU C 89 -39.05 16.85 15.97
CA LEU C 89 -39.38 15.54 15.41
C LEU C 89 -40.10 14.73 16.49
N VAL C 90 -41.43 14.77 16.47
CA VAL C 90 -42.21 13.96 17.40
C VAL C 90 -42.09 12.49 17.01
N GLY C 91 -42.04 11.62 18.01
CA GLY C 91 -41.88 10.20 17.77
C GLY C 91 -42.19 9.38 19.00
N PRO C 92 -42.10 8.07 18.88
CA PRO C 92 -42.36 7.19 20.03
C PRO C 92 -41.09 6.89 20.82
N TYR C 93 -41.27 6.63 22.10
CA TYR C 93 -40.17 6.32 23.01
C TYR C 93 -39.85 4.84 22.93
N THR C 94 -38.60 4.52 22.61
CA THR C 94 -38.10 3.15 22.62
C THR C 94 -36.79 3.13 23.39
N GLU C 95 -36.62 2.09 24.22
CA GLU C 95 -35.40 1.98 25.01
C GLU C 95 -34.17 1.85 24.12
N GLN C 96 -34.25 0.99 23.10
CA GLN C 96 -33.10 0.78 22.22
C GLN C 96 -32.79 2.04 21.42
N GLY C 97 -33.81 2.65 20.83
CA GLY C 97 -33.57 3.82 20.00
C GLY C 97 -32.98 4.97 20.78
N VAL C 98 -33.51 5.23 21.97
CA VAL C 98 -32.94 6.27 22.83
C VAL C 98 -31.54 5.90 23.26
N ARG C 99 -31.33 4.64 23.63
CA ARG C 99 -30.04 4.23 24.17
C ARG C 99 -28.93 4.28 23.12
N THR C 100 -29.27 4.17 21.83
CA THR C 100 -28.25 4.16 20.80
C THR C 100 -28.22 5.40 19.91
N GLN C 101 -29.29 6.21 19.91
CA GLN C 101 -29.41 7.29 18.92
C GLN C 101 -29.82 8.64 19.49
N VAL C 102 -30.42 8.70 20.67
CA VAL C 102 -30.97 9.94 21.19
C VAL C 102 -30.16 10.37 22.40
N GLU C 103 -29.68 11.61 22.37
CA GLU C 103 -28.96 12.22 23.50
C GLU C 103 -29.94 13.14 24.22
N LEU C 104 -30.39 12.73 25.40
CA LEU C 104 -31.41 13.51 26.09
C LEU C 104 -30.85 14.86 26.52
N LEU C 105 -31.65 15.91 26.32
CA LEU C 105 -31.21 17.28 26.59
C LEU C 105 -32.19 18.00 27.50
N GLU C 106 -31.95 19.30 27.69
CA GLU C 106 -32.86 20.19 28.38
C GLU C 106 -33.44 21.17 27.35
N ALA C 107 -34.76 21.33 27.37
CA ALA C 107 -35.43 22.05 26.31
C ALA C 107 -34.95 23.51 26.24
N PRO C 108 -34.90 24.08 25.04
CA PRO C 108 -34.33 25.43 24.89
C PRO C 108 -35.32 26.59 25.01
N THR C 109 -36.63 26.35 25.09
CA THR C 109 -37.56 27.45 25.22
C THR C 109 -38.45 27.25 26.44
N PRO C 110 -38.75 28.32 27.19
CA PRO C 110 -39.53 28.14 28.43
C PRO C 110 -40.89 27.50 28.21
N ALA C 111 -41.56 27.82 27.10
CA ALA C 111 -42.81 27.14 26.78
C ALA C 111 -42.59 25.65 26.64
N LEU C 112 -41.43 25.24 26.13
CA LEU C 112 -41.17 23.81 25.96
C LEU C 112 -40.95 23.12 27.30
N LYS C 113 -40.21 23.75 28.23
CA LYS C 113 -40.12 23.19 29.57
C LYS C 113 -41.49 23.10 30.23
N ARG C 114 -42.31 24.15 30.10
CA ARG C 114 -43.62 24.11 30.73
C ARG C 114 -44.48 23.00 30.15
N THR C 115 -44.43 22.82 28.82
CA THR C 115 -45.19 21.74 28.18
C THR C 115 -44.72 20.37 28.68
N LEU C 116 -43.40 20.14 28.67
CA LEU C 116 -42.88 18.86 29.12
C LEU C 116 -43.24 18.59 30.58
N ASP C 117 -43.09 19.60 31.44
CA ASP C 117 -43.39 19.42 32.86
C ASP C 117 -44.86 19.15 33.09
N SER C 118 -45.74 19.89 32.41
CA SER C 118 -47.17 19.66 32.58
C SER C 118 -47.57 18.26 32.11
N MET C 119 -47.05 17.84 30.96
CA MET C 119 -47.43 16.53 30.44
C MET C 119 -46.82 15.41 31.27
N ASN C 120 -45.65 15.64 31.88
CA ASN C 120 -45.04 14.62 32.72
C ASN C 120 -45.74 14.51 34.07
N SER C 121 -46.23 15.64 34.59
CA SER C 121 -46.94 15.62 35.86
C SER C 121 -48.43 15.32 35.69
N LYS C 122 -48.92 15.23 34.46
CA LYS C 122 -50.33 14.91 34.20
C LYS C 122 -50.52 13.47 33.74
N GLY C 123 -49.61 12.58 34.12
CA GLY C 123 -49.79 11.16 33.90
C GLY C 123 -49.03 10.55 32.74
N CYS C 124 -48.17 11.31 32.06
CA CYS C 124 -47.41 10.81 30.94
C CYS C 124 -45.92 10.93 31.23
N LYS C 125 -45.12 10.37 30.32
CA LYS C 125 -43.66 10.46 30.41
C LYS C 125 -43.11 10.83 29.05
N VAL C 126 -42.62 12.06 28.91
CA VAL C 126 -42.16 12.61 27.65
C VAL C 126 -40.67 12.88 27.76
N TYR C 127 -39.93 12.54 26.71
CA TYR C 127 -38.48 12.70 26.67
C TYR C 127 -38.14 13.73 25.62
N PHE C 128 -37.25 14.65 25.95
CA PHE C 128 -36.74 15.61 24.99
C PHE C 128 -35.27 15.32 24.74
N GLY C 129 -34.88 15.24 23.47
CA GLY C 129 -33.51 14.91 23.18
C GLY C 129 -33.07 15.43 21.84
N ARG C 130 -31.87 15.04 21.45
CA ARG C 130 -31.32 15.34 20.14
C ARG C 130 -31.04 14.04 19.42
N TRP C 131 -31.53 13.92 18.19
CA TRP C 131 -31.31 12.74 17.37
C TRP C 131 -29.90 12.80 16.80
N LEU C 132 -29.09 11.79 17.11
CA LEU C 132 -27.67 11.80 16.72
C LEU C 132 -27.53 11.38 15.26
N ILE C 133 -27.98 12.29 14.40
CA ILE C 133 -27.81 12.18 12.95
C ILE C 133 -27.27 13.50 12.44
N GLU C 134 -27.08 13.60 11.13
CA GLU C 134 -26.63 14.85 10.53
C GLU C 134 -27.74 15.89 10.65
N GLY C 135 -27.37 17.07 11.14
CA GLY C 135 -28.33 18.11 11.47
C GLY C 135 -28.73 18.14 12.93
N GLY C 136 -28.60 17.02 13.63
CA GLY C 136 -28.94 16.92 15.04
C GLY C 136 -30.26 17.55 15.42
N PRO C 137 -31.36 17.10 14.82
CA PRO C 137 -32.65 17.70 15.13
C PRO C 137 -33.12 17.34 16.53
N LEU C 138 -33.93 18.22 17.11
CA LEU C 138 -34.48 17.97 18.43
C LEU C 138 -35.73 17.11 18.32
N VAL C 139 -35.79 16.06 19.13
CA VAL C 139 -36.85 15.08 19.08
C VAL C 139 -37.63 15.12 20.38
N VAL C 140 -38.95 14.99 20.27
CA VAL C 140 -39.86 14.93 21.39
C VAL C 140 -40.44 13.53 21.40
N LEU C 141 -39.81 12.62 22.12
CA LEU C 141 -40.24 11.23 22.16
C LEU C 141 -41.32 11.04 23.23
N LEU C 142 -42.28 10.18 22.93
CA LEU C 142 -43.44 9.95 23.79
C LEU C 142 -43.52 8.47 24.10
N ASP C 143 -43.69 8.14 25.39
CA ASP C 143 -43.86 6.75 25.81
C ASP C 143 -45.34 6.42 25.70
N VAL C 144 -45.70 5.67 24.66
CA VAL C 144 -47.11 5.33 24.45
C VAL C 144 -47.60 4.36 25.50
N GLY C 145 -46.76 3.42 25.93
CA GLY C 145 -47.18 2.48 26.95
C GLY C 145 -47.49 3.12 28.28
N ALA C 146 -46.64 4.07 28.71
CA ALA C 146 -46.84 4.74 29.99
C ALA C 146 -48.13 5.53 30.04
N SER C 147 -48.71 5.87 28.89
CA SER C 147 -49.99 6.57 28.83
C SER C 147 -51.13 5.65 28.41
N ALA C 148 -50.93 4.34 28.50
CA ALA C 148 -51.97 3.40 28.09
C ALA C 148 -53.17 3.42 29.03
N TRP C 149 -53.00 3.92 30.26
CA TRP C 149 -54.07 3.87 31.25
C TRP C 149 -55.30 4.67 30.82
N ALA C 150 -55.14 5.64 29.93
CA ALA C 150 -56.25 6.44 29.43
C ALA C 150 -56.84 5.90 28.14
N LEU C 151 -56.26 4.83 27.58
CA LEU C 151 -56.61 4.39 26.24
C LEU C 151 -58.11 4.25 26.06
N GLU C 152 -58.76 3.52 26.98
CA GLU C 152 -60.21 3.32 26.88
C GLU C 152 -60.92 4.66 26.79
N ARG C 153 -60.65 5.55 27.75
CA ARG C 153 -61.27 6.88 27.70
C ARG C 153 -60.90 7.58 26.40
N TRP C 154 -59.63 7.48 26.00
CA TRP C 154 -59.21 8.09 24.75
C TRP C 154 -59.98 7.51 23.58
N LYS C 155 -60.21 6.19 23.58
CA LYS C 155 -61.00 5.60 22.51
C LYS C 155 -62.39 6.22 22.47
N GLY C 156 -62.98 6.48 23.63
CA GLY C 156 -64.25 7.16 23.67
C GLY C 156 -64.20 8.52 22.97
N GLU C 157 -63.10 9.26 23.20
CA GLU C 157 -62.93 10.52 22.49
C GLU C 157 -62.89 10.30 20.99
N LEU C 158 -62.20 9.25 20.55
CA LEU C 158 -62.17 8.93 19.12
C LEU C 158 -63.56 8.61 18.58
N TRP C 159 -64.45 8.14 19.44
CA TRP C 159 -65.84 7.92 19.03
C TRP C 159 -66.63 9.23 18.96
N ASP C 160 -66.30 10.19 19.82
CA ASP C 160 -67.13 11.40 19.95
C ASP C 160 -66.81 12.44 18.90
N THR C 161 -65.74 12.28 18.13
CA THR C 161 -65.34 13.28 17.15
C THR C 161 -65.12 12.74 15.75
N CYS C 162 -64.75 11.47 15.59
CA CYS C 162 -64.37 10.94 14.30
C CYS C 162 -65.16 9.72 13.86
N ASN C 163 -66.00 9.15 14.72
CA ASN C 163 -66.76 7.93 14.41
C ASN C 163 -65.84 6.79 13.97
N ILE C 164 -64.70 6.66 14.64
CA ILE C 164 -63.72 5.62 14.34
C ILE C 164 -63.56 4.72 15.56
N GLY C 165 -63.73 3.43 15.37
CA GLY C 165 -63.50 2.48 16.44
C GLY C 165 -62.38 1.52 16.12
N VAL C 166 -61.66 1.07 17.15
CA VAL C 166 -60.54 0.16 16.95
C VAL C 166 -60.70 -1.05 17.87
N PRO C 167 -60.47 -2.26 17.37
CA PRO C 167 -60.55 -3.44 18.22
C PRO C 167 -59.39 -3.50 19.20
N TRP C 168 -59.60 -4.29 20.26
CA TRP C 168 -58.57 -4.42 21.29
C TRP C 168 -57.36 -5.19 20.80
N TYR C 169 -57.55 -6.14 19.88
CA TYR C 169 -56.46 -7.03 19.50
C TYR C 169 -55.44 -6.38 18.55
N ASP C 170 -55.75 -5.21 17.99
CA ASP C 170 -54.83 -4.53 17.08
C ASP C 170 -53.87 -3.71 17.91
N ARG C 171 -52.75 -4.34 18.30
CA ARG C 171 -51.76 -3.64 19.12
C ARG C 171 -51.15 -2.48 18.34
N GLU C 172 -50.89 -2.67 17.05
CA GLU C 172 -50.32 -1.61 16.23
C GLU C 172 -51.26 -0.42 16.14
N ALA C 173 -52.56 -0.68 15.91
CA ALA C 173 -53.52 0.42 15.81
C ALA C 173 -53.75 1.10 17.16
N ASN C 174 -53.73 0.34 18.25
CA ASN C 174 -53.88 0.95 19.56
C ASN C 174 -52.66 1.81 19.91
N ASP C 175 -51.47 1.35 19.53
CA ASP C 175 -50.28 2.18 19.69
C ASP C 175 -50.38 3.44 18.86
N ALA C 176 -50.93 3.32 17.64
CA ALA C 176 -51.14 4.51 16.81
C ALA C 176 -52.10 5.48 17.46
N VAL C 177 -53.18 4.97 18.06
CA VAL C 177 -54.15 5.84 18.73
C VAL C 177 -53.50 6.54 19.91
N LEU C 178 -52.74 5.81 20.72
CA LEU C 178 -52.05 6.42 21.85
C LEU C 178 -51.07 7.49 21.38
N PHE C 179 -50.31 7.20 20.33
CA PHE C 179 -49.34 8.16 19.80
C PHE C 179 -50.04 9.40 19.28
N GLY C 180 -51.17 9.23 18.59
CA GLY C 180 -51.89 10.38 18.07
C GLY C 180 -52.46 11.26 19.17
N PHE C 181 -53.05 10.65 20.20
CA PHE C 181 -53.54 11.43 21.32
C PHE C 181 -52.41 12.13 22.05
N LEU C 182 -51.27 11.46 22.22
CA LEU C 182 -50.13 12.10 22.86
C LEU C 182 -49.63 13.29 22.05
N THR C 183 -49.54 13.14 20.73
CA THR C 183 -49.09 14.23 19.88
C THR C 183 -50.07 15.41 19.91
N THR C 184 -51.38 15.11 19.85
CA THR C 184 -52.35 16.20 19.90
C THR C 184 -52.29 16.93 21.22
N TRP C 185 -52.17 16.20 22.33
CA TRP C 185 -52.06 16.82 23.64
C TRP C 185 -50.78 17.66 23.72
N PHE C 186 -49.68 17.15 23.17
CA PHE C 186 -48.43 17.90 23.17
C PHE C 186 -48.56 19.20 22.39
N LEU C 187 -49.18 19.15 21.21
CA LEU C 187 -49.34 20.35 20.40
C LEU C 187 -50.25 21.36 21.09
N GLY C 188 -51.35 20.89 21.68
CA GLY C 188 -52.23 21.79 22.40
C GLY C 188 -51.55 22.45 23.59
N GLU C 189 -50.80 21.67 24.37
CA GLU C 189 -50.11 22.23 25.52
C GLU C 189 -48.99 23.18 25.09
N PHE C 190 -48.30 22.86 23.99
CA PHE C 190 -47.27 23.75 23.48
C PHE C 190 -47.87 25.08 23.04
N LEU C 191 -49.03 25.04 22.40
CA LEU C 191 -49.69 26.29 22.02
C LEU C 191 -50.20 27.04 23.24
N ALA C 192 -50.66 26.33 24.26
CA ALA C 192 -51.18 26.99 25.46
C ALA C 192 -50.05 27.67 26.25
N GLN C 193 -48.93 26.99 26.43
CA GLN C 193 -47.84 27.52 27.25
C GLN C 193 -47.03 28.59 26.54
N SER C 194 -47.22 28.79 25.24
CA SER C 194 -46.49 29.83 24.52
C SER C 194 -47.03 31.19 24.92
N GLU C 195 -46.15 32.04 25.46
CA GLU C 195 -46.56 33.38 25.83
C GLU C 195 -47.00 34.19 24.62
N GLU C 196 -46.29 34.04 23.50
CA GLU C 196 -46.74 34.54 22.21
C GLU C 196 -47.08 33.34 21.34
N LYS C 197 -48.31 33.29 20.86
CA LYS C 197 -48.78 32.12 20.12
C LYS C 197 -48.11 32.07 18.75
N PRO C 198 -47.34 31.03 18.43
CA PRO C 198 -46.70 30.95 17.12
C PRO C 198 -47.58 30.26 16.09
N HIS C 199 -47.05 30.08 14.88
CA HIS C 199 -47.72 29.31 13.84
C HIS C 199 -47.09 27.92 13.80
N VAL C 200 -47.89 26.90 14.04
CA VAL C 200 -47.42 25.53 14.13
C VAL C 200 -47.77 24.80 12.84
N VAL C 201 -46.78 24.15 12.25
CA VAL C 201 -46.97 23.30 11.08
C VAL C 201 -46.68 21.87 11.51
N ALA C 202 -47.71 21.04 11.53
CA ALA C 202 -47.58 19.63 11.91
C ALA C 202 -47.64 18.79 10.65
N HIS C 203 -46.57 18.06 10.37
CA HIS C 203 -46.46 17.21 9.19
C HIS C 203 -46.46 15.75 9.66
N PHE C 204 -47.57 15.07 9.47
CA PHE C 204 -47.71 13.68 9.88
C PHE C 204 -47.39 12.76 8.73
N HIS C 205 -46.65 11.69 9.01
CA HIS C 205 -46.27 10.71 8.01
C HIS C 205 -46.97 9.38 8.28
N GLU C 206 -47.64 8.85 7.26
CA GLU C 206 -48.33 7.56 7.29
C GLU C 206 -49.51 7.53 8.26
N TRP C 207 -50.30 6.45 8.20
CA TRP C 207 -51.51 6.34 8.99
C TRP C 207 -51.23 6.19 10.47
N LEU C 208 -50.03 5.73 10.84
CA LEU C 208 -49.70 5.57 12.25
C LEU C 208 -49.71 6.92 12.96
N ALA C 209 -49.26 7.97 12.28
CA ALA C 209 -49.23 9.31 12.84
C ALA C 209 -50.46 10.13 12.46
N GLY C 210 -51.37 9.60 11.64
CA GLY C 210 -52.46 10.40 11.13
C GLY C 210 -53.63 10.59 12.08
N VAL C 211 -53.80 9.70 13.05
CA VAL C 211 -54.86 9.90 14.04
C VAL C 211 -54.61 11.16 14.85
N GLY C 212 -53.34 11.53 15.06
CA GLY C 212 -53.05 12.82 15.63
C GLY C 212 -53.56 13.96 14.78
N LEU C 213 -53.45 13.83 13.46
CA LEU C 213 -54.00 14.84 12.56
C LEU C 213 -55.51 14.92 12.70
N CYS C 214 -56.17 13.76 12.77
CA CYS C 214 -57.62 13.75 12.94
C CYS C 214 -58.03 14.45 14.23
N LEU C 215 -57.28 14.21 15.31
CA LEU C 215 -57.61 14.86 16.58
C LEU C 215 -57.29 16.35 16.54
N CYS C 216 -56.20 16.74 15.90
CA CYS C 216 -55.87 18.16 15.79
C CYS C 216 -56.94 18.92 15.03
N ARG C 217 -57.45 18.33 13.95
CA ARG C 217 -58.53 18.99 13.21
C ARG C 217 -59.84 19.00 13.96
N ALA C 218 -60.01 18.11 14.95
CA ALA C 218 -61.25 18.00 15.70
C ALA C 218 -61.23 18.82 16.99
N ARG C 219 -60.17 19.59 17.23
CA ARG C 219 -60.08 20.45 18.40
C ARG C 219 -59.84 21.92 18.03
N ARG C 220 -59.94 22.26 16.74
CA ARG C 220 -59.78 23.64 16.27
C ARG C 220 -58.46 24.25 16.73
N LEU C 221 -57.43 23.43 16.79
CA LEU C 221 -56.11 23.93 17.13
C LEU C 221 -55.56 24.78 15.99
N PRO C 222 -54.94 25.92 16.28
CA PRO C 222 -54.37 26.74 15.21
C PRO C 222 -53.11 26.13 14.63
N VAL C 223 -53.26 25.01 13.91
CA VAL C 223 -52.14 24.26 13.38
C VAL C 223 -52.40 23.93 11.92
N ALA C 224 -51.37 24.06 11.10
CA ALA C 224 -51.44 23.70 9.68
C ALA C 224 -50.97 22.26 9.54
N THR C 225 -51.89 21.37 9.16
CA THR C 225 -51.63 19.94 9.14
C THR C 225 -51.36 19.47 7.72
N ILE C 226 -50.25 18.76 7.54
CA ILE C 226 -49.89 18.10 6.29
C ILE C 226 -49.91 16.61 6.55
N PHE C 227 -50.36 15.83 5.57
CA PHE C 227 -50.35 14.38 5.65
C PHE C 227 -49.58 13.84 4.45
N THR C 228 -48.59 12.99 4.73
CA THR C 228 -47.84 12.33 3.67
C THR C 228 -48.01 10.83 3.79
N THR C 229 -48.42 10.19 2.70
CA THR C 229 -48.54 8.74 2.64
C THR C 229 -47.40 8.20 1.77
N HIS C 230 -46.55 7.38 2.36
CA HIS C 230 -45.47 6.75 1.62
C HIS C 230 -45.90 5.45 0.97
N ALA C 231 -47.09 4.96 1.29
CA ALA C 231 -47.69 3.80 0.65
C ALA C 231 -49.15 3.71 1.07
N THR C 232 -50.06 3.55 0.11
CA THR C 232 -51.46 3.37 0.46
C THR C 232 -51.64 2.04 1.18
N LEU C 233 -52.56 2.02 2.15
CA LEU C 233 -52.66 0.87 3.05
C LEU C 233 -53.27 -0.34 2.36
N LEU C 234 -54.36 -0.16 1.62
CA LEU C 234 -54.98 -1.28 0.94
C LEU C 234 -54.22 -1.73 -0.31
N GLY C 235 -53.31 -0.90 -0.81
CA GLY C 235 -52.63 -1.24 -2.05
C GLY C 235 -51.80 -2.50 -1.94
N ARG C 236 -51.11 -2.67 -0.82
CA ARG C 236 -50.27 -3.85 -0.64
C ARG C 236 -51.11 -5.13 -0.69
N TYR C 237 -52.20 -5.16 0.07
CA TYR C 237 -53.06 -6.34 0.08
C TYR C 237 -53.73 -6.57 -1.27
N LEU C 238 -54.20 -5.50 -1.92
CA LEU C 238 -54.88 -5.66 -3.19
C LEU C 238 -53.93 -6.15 -4.28
N CYS C 239 -52.69 -5.65 -4.28
CA CYS C 239 -51.72 -6.13 -5.26
C CYS C 239 -51.30 -7.56 -4.97
N ALA C 240 -51.17 -7.91 -3.67
CA ALA C 240 -50.90 -9.29 -3.31
C ALA C 240 -52.05 -10.22 -3.68
N GLY C 241 -53.26 -9.68 -3.82
CA GLY C 241 -54.40 -10.48 -4.25
C GLY C 241 -54.29 -10.97 -5.68
N ALA C 242 -53.48 -10.31 -6.52
CA ALA C 242 -53.25 -10.71 -7.91
C ALA C 242 -54.55 -10.76 -8.70
N VAL C 243 -55.34 -9.70 -8.60
CA VAL C 243 -56.60 -9.59 -9.30
C VAL C 243 -56.55 -8.36 -10.19
N ASP C 244 -55.35 -8.07 -10.73
CA ASP C 244 -55.11 -6.88 -11.56
C ASP C 244 -55.43 -5.60 -10.78
N PHE C 245 -54.60 -5.38 -9.77
CA PHE C 245 -54.78 -4.24 -8.87
C PHE C 245 -54.85 -2.93 -9.64
N TYR C 246 -53.88 -2.68 -10.52
CA TYR C 246 -53.83 -1.40 -11.22
C TYR C 246 -54.88 -1.31 -12.32
N ASN C 247 -55.30 -2.44 -12.88
CA ASN C 247 -56.32 -2.42 -13.93
C ASN C 247 -57.71 -2.19 -13.36
N ASN C 248 -57.95 -2.60 -12.12
CA ASN C 248 -59.28 -2.52 -11.50
C ASN C 248 -59.35 -1.45 -10.42
N LEU C 249 -58.47 -0.44 -10.50
CA LEU C 249 -58.43 0.59 -9.46
C LEU C 249 -59.77 1.29 -9.31
N GLU C 250 -60.52 1.44 -10.39
CA GLU C 250 -61.83 2.06 -10.35
C GLU C 250 -62.96 1.06 -10.13
N ASN C 251 -62.66 -0.21 -9.92
CA ASN C 251 -63.65 -1.23 -9.65
C ASN C 251 -63.35 -1.98 -8.37
N PHE C 252 -62.97 -1.25 -7.32
CA PHE C 252 -62.74 -1.82 -6.00
C PHE C 252 -63.78 -1.30 -5.02
N ASN C 253 -64.22 -2.20 -4.14
CA ASN C 253 -65.03 -1.83 -2.98
C ASN C 253 -64.07 -1.79 -1.79
N VAL C 254 -63.64 -0.57 -1.42
CA VAL C 254 -62.60 -0.42 -0.41
C VAL C 254 -63.07 -0.94 0.94
N ASP C 255 -64.32 -0.65 1.32
CA ASP C 255 -64.84 -1.14 2.59
C ASP C 255 -64.96 -2.66 2.57
N LYS C 256 -65.42 -3.23 1.47
CA LYS C 256 -65.54 -4.68 1.37
C LYS C 256 -64.18 -5.36 1.44
N GLU C 257 -63.18 -4.82 0.74
CA GLU C 257 -61.85 -5.39 0.77
C GLU C 257 -61.24 -5.29 2.17
N ALA C 258 -61.43 -4.15 2.83
CA ALA C 258 -60.96 -4.01 4.20
C ALA C 258 -61.64 -5.01 5.13
N GLY C 259 -62.95 -5.20 4.97
CA GLY C 259 -63.65 -6.18 5.78
C GLY C 259 -63.16 -7.59 5.54
N GLU C 260 -62.82 -7.90 4.29
CA GLU C 260 -62.20 -9.20 4.00
C GLU C 260 -60.86 -9.33 4.70
N ARG C 261 -60.06 -8.28 4.70
CA ARG C 261 -58.76 -8.29 5.35
C ARG C 261 -58.83 -7.92 6.83
N GLN C 262 -60.01 -7.55 7.33
CA GLN C 262 -60.21 -7.20 8.74
C GLN C 262 -59.32 -6.04 9.17
N ILE C 263 -59.09 -5.11 8.25
CA ILE C 263 -58.29 -3.92 8.53
C ILE C 263 -59.12 -2.68 8.27
N TYR C 264 -60.43 -2.77 8.52
CA TYR C 264 -61.32 -1.65 8.22
C TYR C 264 -61.01 -0.44 9.09
N HIS C 265 -60.62 -0.66 10.35
CA HIS C 265 -60.29 0.47 11.22
C HIS C 265 -59.07 1.22 10.73
N ARG C 266 -58.03 0.48 10.31
CA ARG C 266 -56.82 1.13 9.81
C ARG C 266 -57.10 1.93 8.55
N TYR C 267 -57.85 1.34 7.61
CA TYR C 267 -58.21 2.06 6.39
C TYR C 267 -59.05 3.29 6.72
N CYS C 268 -59.99 3.16 7.66
CA CYS C 268 -60.82 4.28 8.03
C CYS C 268 -60.00 5.41 8.63
N MET C 269 -59.02 5.08 9.48
CA MET C 269 -58.25 6.13 10.11
C MET C 269 -57.29 6.79 9.12
N GLU C 270 -56.73 6.02 8.18
CA GLU C 270 -55.90 6.67 7.15
C GLU C 270 -56.74 7.55 6.24
N ARG C 271 -57.95 7.11 5.89
CA ARG C 271 -58.82 7.93 5.07
C ARG C 271 -59.23 9.20 5.80
N ALA C 272 -59.48 9.10 7.11
CA ALA C 272 -59.80 10.28 7.90
C ALA C 272 -58.61 11.25 7.95
N ALA C 273 -57.41 10.71 8.11
CA ALA C 273 -56.22 11.56 8.12
C ALA C 273 -56.04 12.27 6.78
N ALA C 274 -56.24 11.55 5.68
CA ALA C 274 -56.11 12.17 4.36
C ALA C 274 -57.18 13.21 4.12
N HIS C 275 -58.41 12.95 4.57
CA HIS C 275 -59.51 13.90 4.36
C HIS C 275 -59.32 15.15 5.20
N CYS C 276 -58.88 15.00 6.45
CA CYS C 276 -58.80 16.14 7.36
C CYS C 276 -57.61 17.05 7.08
N ALA C 277 -56.53 16.53 6.51
CA ALA C 277 -55.31 17.32 6.35
C ALA C 277 -55.56 18.55 5.50
N HIS C 278 -54.92 19.66 5.88
CA HIS C 278 -54.94 20.85 5.04
C HIS C 278 -54.28 20.58 3.70
N VAL C 279 -53.13 19.90 3.71
CA VAL C 279 -52.39 19.55 2.51
C VAL C 279 -52.16 18.06 2.50
N PHE C 280 -52.47 17.41 1.39
CA PHE C 280 -52.26 15.99 1.20
C PHE C 280 -51.16 15.81 0.17
N THR C 281 -50.07 15.17 0.56
CA THR C 281 -48.98 14.89 -0.36
C THR C 281 -48.74 13.40 -0.45
N THR C 282 -47.93 13.01 -1.43
CA THR C 282 -47.60 11.63 -1.67
C THR C 282 -46.20 11.58 -2.27
N VAL C 283 -45.55 10.43 -2.15
CA VAL C 283 -44.16 10.30 -2.60
C VAL C 283 -44.04 10.02 -4.08
N SER C 284 -45.14 9.77 -4.79
CA SER C 284 -45.06 9.41 -6.19
C SER C 284 -46.39 9.67 -6.87
N GLN C 285 -46.35 9.69 -8.20
CA GLN C 285 -47.56 9.87 -8.99
C GLN C 285 -48.40 8.60 -9.05
N ILE C 286 -47.76 7.43 -9.06
CA ILE C 286 -48.50 6.18 -9.04
C ILE C 286 -49.21 6.00 -7.71
N THR C 287 -48.52 6.31 -6.61
CA THR C 287 -49.19 6.30 -5.31
C THR C 287 -50.20 7.43 -5.21
N ALA C 288 -50.00 8.51 -5.95
CA ALA C 288 -51.01 9.56 -6.01
C ALA C 288 -52.30 9.06 -6.65
N ILE C 289 -52.18 8.27 -7.71
CA ILE C 289 -53.36 7.66 -8.33
C ILE C 289 -54.01 6.66 -7.38
N GLU C 290 -53.18 5.85 -6.71
CA GLU C 290 -53.70 4.90 -5.72
C GLU C 290 -54.49 5.63 -4.64
N ALA C 291 -53.97 6.77 -4.17
CA ALA C 291 -54.65 7.53 -3.13
C ALA C 291 -55.90 8.22 -3.64
N GLN C 292 -55.88 8.66 -4.90
CA GLN C 292 -57.06 9.28 -5.49
C GLN C 292 -58.20 8.28 -5.60
N HIS C 293 -57.88 7.03 -5.93
CA HIS C 293 -58.94 6.03 -6.11
C HIS C 293 -59.31 5.29 -4.85
N LEU C 294 -58.40 5.19 -3.88
CA LEU C 294 -58.65 4.45 -2.64
C LEU C 294 -58.99 5.37 -1.47
N LEU C 295 -58.17 6.39 -1.23
CA LEU C 295 -58.44 7.36 -0.17
C LEU C 295 -59.42 8.43 -0.59
N LYS C 296 -59.80 8.46 -1.87
CA LYS C 296 -60.81 9.39 -2.39
C LYS C 296 -60.41 10.85 -2.20
N ARG C 297 -59.12 11.13 -2.35
CA ARG C 297 -58.64 12.50 -2.35
C ARG C 297 -57.41 12.59 -3.24
N LYS C 298 -57.41 13.56 -4.14
CA LYS C 298 -56.27 13.77 -5.02
C LYS C 298 -55.20 14.57 -4.28
N PRO C 299 -53.96 14.09 -4.20
CA PRO C 299 -52.91 14.82 -3.49
C PRO C 299 -52.67 16.20 -4.09
N ASP C 300 -52.35 17.14 -3.20
CA ASP C 300 -52.05 18.50 -3.64
C ASP C 300 -50.68 18.59 -4.29
N ILE C 301 -49.67 17.96 -3.69
CA ILE C 301 -48.32 17.92 -4.24
C ILE C 301 -47.83 16.48 -4.16
N VAL C 302 -46.90 16.13 -5.04
CA VAL C 302 -46.14 14.90 -4.94
C VAL C 302 -44.75 15.28 -4.42
N THR C 303 -44.35 14.66 -3.31
CA THR C 303 -43.09 14.97 -2.64
C THR C 303 -42.16 13.77 -2.73
N PRO C 304 -41.33 13.66 -3.75
CA PRO C 304 -40.48 12.48 -3.91
C PRO C 304 -39.45 12.37 -2.80
N ASN C 305 -39.07 11.14 -2.50
CA ASN C 305 -38.00 10.91 -1.54
C ASN C 305 -36.66 11.23 -2.18
N GLY C 306 -35.76 11.81 -1.39
CA GLY C 306 -34.44 12.16 -1.84
C GLY C 306 -33.38 11.45 -1.01
N LEU C 307 -32.13 11.67 -1.40
CA LEU C 307 -30.99 11.09 -0.73
C LEU C 307 -29.97 12.18 -0.43
N ASN C 308 -29.15 11.95 0.58
CA ASN C 308 -28.03 12.83 0.88
C ASN C 308 -26.82 12.40 0.05
N VAL C 309 -26.90 12.71 -1.25
CA VAL C 309 -25.83 12.33 -2.16
C VAL C 309 -24.55 13.03 -1.74
N LYS C 310 -23.46 12.28 -1.69
CA LYS C 310 -22.24 12.78 -1.07
C LYS C 310 -21.00 12.37 -1.87
N LYS C 311 -21.14 12.22 -3.18
CA LYS C 311 -20.07 11.68 -4.02
C LYS C 311 -19.60 10.33 -3.49
N PHE C 312 -20.59 9.56 -3.01
CA PHE C 312 -20.44 8.29 -2.28
C PHE C 312 -19.02 7.74 -2.15
N GLU C 317 -13.97 8.89 -10.15
CA GLU C 317 -13.92 7.92 -9.06
C GLU C 317 -15.01 6.87 -9.17
N PHE C 318 -16.07 7.18 -9.93
CA PHE C 318 -17.08 6.16 -10.21
C PHE C 318 -16.57 5.06 -11.11
N GLN C 319 -15.46 5.27 -11.82
CA GLN C 319 -14.90 4.23 -12.68
C GLN C 319 -13.64 3.59 -12.10
N ASN C 320 -13.00 4.22 -11.12
CA ASN C 320 -12.02 3.52 -10.30
C ASN C 320 -12.72 2.51 -9.41
N LEU C 321 -13.78 2.94 -8.73
CA LEU C 321 -14.56 2.03 -7.90
C LEU C 321 -15.24 0.96 -8.74
N HIS C 322 -15.75 1.34 -9.90
CA HIS C 322 -16.34 0.34 -10.79
C HIS C 322 -15.31 -0.70 -11.20
N ALA C 323 -14.10 -0.27 -11.54
CA ALA C 323 -13.06 -1.21 -11.94
C ALA C 323 -12.68 -2.15 -10.80
N GLN C 324 -12.48 -1.60 -9.59
CA GLN C 324 -12.10 -2.44 -8.46
C GLN C 324 -13.21 -3.43 -8.10
N SER C 325 -14.44 -2.95 -8.05
CA SER C 325 -15.56 -3.81 -7.70
C SER C 325 -15.82 -4.85 -8.77
N LYS C 326 -15.64 -4.48 -10.04
CA LYS C 326 -15.78 -5.45 -11.12
C LYS C 326 -14.70 -6.51 -11.02
N ALA C 327 -13.49 -6.13 -10.62
CA ALA C 327 -12.44 -7.11 -10.40
C ALA C 327 -12.81 -8.08 -9.28
N ARG C 328 -13.37 -7.56 -8.19
CA ARG C 328 -13.78 -8.45 -7.09
C ARG C 328 -14.90 -9.38 -7.52
N ILE C 329 -15.88 -8.87 -8.28
CA ILE C 329 -16.96 -9.71 -8.77
C ILE C 329 -16.43 -10.76 -9.74
N GLN C 330 -15.44 -10.40 -10.56
CA GLN C 330 -14.82 -11.36 -11.46
C GLN C 330 -14.12 -12.45 -10.68
N GLU C 331 -13.46 -12.09 -9.59
CA GLU C 331 -12.83 -13.10 -8.74
C GLU C 331 -13.87 -14.05 -8.14
N PHE C 332 -14.99 -13.49 -7.66
CA PHE C 332 -16.04 -14.36 -7.13
C PHE C 332 -16.58 -15.30 -8.19
N VAL C 333 -16.81 -14.78 -9.40
CA VAL C 333 -17.35 -15.61 -10.47
C VAL C 333 -16.34 -16.68 -10.88
N ARG C 334 -15.05 -16.35 -10.83
CA ARG C 334 -14.01 -17.33 -11.11
C ARG C 334 -14.03 -18.44 -10.08
N GLY C 335 -14.17 -18.09 -8.81
CA GLY C 335 -14.25 -19.11 -7.78
C GLY C 335 -15.48 -19.98 -7.92
N HIS C 336 -16.64 -19.36 -8.13
CA HIS C 336 -17.89 -20.10 -8.17
C HIS C 336 -17.93 -21.08 -9.33
N PHE C 337 -17.44 -20.68 -10.50
CA PHE C 337 -17.51 -21.48 -11.72
C PHE C 337 -16.22 -22.23 -12.00
N TYR C 338 -15.45 -22.56 -10.96
CA TYR C 338 -14.18 -23.24 -11.17
C TYR C 338 -14.40 -24.60 -11.83
N GLY C 339 -13.55 -24.92 -12.79
CA GLY C 339 -13.75 -26.10 -13.61
C GLY C 339 -14.77 -25.93 -14.71
N HIS C 340 -15.39 -24.75 -14.81
CA HIS C 340 -16.37 -24.47 -15.85
C HIS C 340 -16.14 -23.10 -16.47
N LEU C 341 -14.94 -22.54 -16.36
CA LEU C 341 -14.63 -21.21 -16.86
C LEU C 341 -14.28 -21.25 -18.35
N ASP C 342 -15.24 -21.74 -19.13
CA ASP C 342 -15.06 -21.89 -20.57
C ASP C 342 -15.51 -20.68 -21.36
N PHE C 343 -15.92 -19.61 -20.69
CA PHE C 343 -16.43 -18.42 -21.36
C PHE C 343 -15.50 -17.23 -21.10
N ASN C 344 -15.54 -16.26 -22.01
CA ASN C 344 -14.74 -15.06 -21.88
C ASN C 344 -15.29 -14.20 -20.74
N LEU C 345 -14.45 -13.89 -19.76
CA LEU C 345 -14.85 -13.03 -18.66
C LEU C 345 -14.70 -11.55 -18.99
N ASP C 346 -14.06 -11.22 -20.11
CA ASP C 346 -13.96 -9.84 -20.56
C ASP C 346 -15.20 -9.38 -21.32
N LYS C 347 -16.10 -10.30 -21.65
CA LYS C 347 -17.36 -9.99 -22.32
C LYS C 347 -18.55 -10.40 -21.46
N THR C 348 -18.34 -10.49 -20.15
CA THR C 348 -19.38 -10.90 -19.22
C THR C 348 -20.03 -9.65 -18.60
N LEU C 349 -21.35 -9.61 -18.63
CA LEU C 349 -22.13 -8.50 -18.10
C LEU C 349 -22.80 -8.92 -16.80
N TYR C 350 -22.67 -8.10 -15.77
CA TYR C 350 -23.20 -8.40 -14.45
C TYR C 350 -24.48 -7.61 -14.22
N PHE C 351 -25.61 -8.31 -14.25
CA PHE C 351 -26.90 -7.76 -13.88
C PHE C 351 -27.20 -8.12 -12.43
N PHE C 352 -28.09 -7.35 -11.80
CA PHE C 352 -28.44 -7.68 -10.43
C PHE C 352 -29.83 -7.14 -10.09
N ILE C 353 -30.48 -7.82 -9.16
CA ILE C 353 -31.71 -7.37 -8.53
C ILE C 353 -31.55 -7.58 -7.03
N ALA C 354 -32.05 -6.62 -6.25
CA ALA C 354 -31.90 -6.65 -4.81
C ALA C 354 -33.19 -6.16 -4.16
N GLY C 355 -33.19 -6.14 -2.84
CA GLY C 355 -34.32 -5.66 -2.05
C GLY C 355 -34.98 -6.77 -1.28
N ARG C 356 -36.15 -6.44 -0.72
CA ARG C 356 -36.92 -7.43 0.02
C ARG C 356 -37.34 -8.57 -0.88
N TYR C 357 -37.42 -9.76 -0.30
CA TYR C 357 -37.66 -10.98 -1.06
C TYR C 357 -39.17 -11.13 -1.29
N GLU C 358 -39.68 -10.33 -2.21
CA GLU C 358 -41.07 -10.36 -2.62
C GLU C 358 -41.11 -10.71 -4.10
N PHE C 359 -41.49 -11.95 -4.42
CA PHE C 359 -41.35 -12.45 -5.78
C PHE C 359 -42.22 -11.64 -6.75
N SER C 360 -43.51 -11.51 -6.45
CA SER C 360 -44.41 -10.81 -7.36
C SER C 360 -44.23 -9.31 -7.32
N ASN C 361 -44.06 -8.74 -6.13
CA ASN C 361 -44.00 -7.29 -5.99
C ASN C 361 -42.73 -6.72 -6.59
N LYS C 362 -41.59 -7.35 -6.32
CA LYS C 362 -40.32 -6.88 -6.85
C LYS C 362 -40.09 -7.28 -8.29
N GLY C 363 -41.01 -8.05 -8.88
CA GLY C 363 -40.89 -8.45 -10.28
C GLY C 363 -39.73 -9.37 -10.57
N ALA C 364 -39.41 -10.27 -9.65
CA ALA C 364 -38.31 -11.21 -9.89
C ALA C 364 -38.71 -12.27 -10.90
N ASP C 365 -40.00 -12.61 -10.97
CA ASP C 365 -40.46 -13.56 -12.00
C ASP C 365 -40.29 -12.98 -13.39
N VAL C 366 -40.60 -11.70 -13.57
CA VAL C 366 -40.40 -11.04 -14.85
C VAL C 366 -38.92 -11.03 -15.22
N PHE C 367 -38.06 -10.76 -14.25
CA PHE C 367 -36.62 -10.79 -14.50
C PHE C 367 -36.16 -12.18 -14.91
N LEU C 368 -36.67 -13.23 -14.25
CA LEU C 368 -36.25 -14.58 -14.59
C LEU C 368 -36.74 -14.99 -15.97
N GLU C 369 -37.99 -14.66 -16.31
CA GLU C 369 -38.50 -14.99 -17.64
C GLU C 369 -37.72 -14.24 -18.72
N ALA C 370 -37.42 -12.96 -18.50
CA ALA C 370 -36.62 -12.22 -19.46
C ALA C 370 -35.21 -12.76 -19.54
N LEU C 371 -34.67 -13.29 -18.44
CA LEU C 371 -33.35 -13.91 -18.47
C LEU C 371 -33.36 -15.16 -19.33
N ALA C 372 -34.41 -15.99 -19.20
CA ALA C 372 -34.51 -17.17 -20.05
C ALA C 372 -34.62 -16.79 -21.52
N ARG C 373 -35.46 -15.79 -21.83
CA ARG C 373 -35.61 -15.35 -23.22
C ARG C 373 -34.30 -14.77 -23.76
N LEU C 374 -33.57 -14.02 -22.93
CA LEU C 374 -32.31 -13.46 -23.36
C LEU C 374 -31.26 -14.54 -23.54
N ASN C 375 -31.29 -15.59 -22.71
CA ASN C 375 -30.40 -16.72 -22.92
C ASN C 375 -30.66 -17.36 -24.27
N TYR C 376 -31.93 -17.56 -24.61
CA TYR C 376 -32.26 -18.10 -25.92
C TYR C 376 -31.78 -17.18 -27.03
N LEU C 377 -31.96 -15.87 -26.87
CA LEU C 377 -31.53 -14.92 -27.89
C LEU C 377 -30.01 -14.95 -28.08
N LEU C 378 -29.26 -14.98 -26.99
CA LEU C 378 -27.81 -15.02 -27.06
C LEU C 378 -27.33 -16.31 -27.68
N ARG C 379 -27.99 -17.43 -27.37
CA ARG C 379 -27.58 -18.71 -27.96
C ARG C 379 -27.87 -18.74 -29.46
N VAL C 380 -29.07 -18.34 -29.87
CA VAL C 380 -29.44 -18.40 -31.27
C VAL C 380 -28.57 -17.45 -32.09
N ASN C 381 -28.39 -16.21 -31.61
CA ASN C 381 -27.60 -15.24 -32.35
C ASN C 381 -26.10 -15.51 -32.24
N GLY C 382 -25.69 -16.49 -31.44
CA GLY C 382 -24.28 -16.81 -31.35
C GLY C 382 -23.45 -15.76 -30.67
N SER C 383 -24.07 -14.84 -29.94
CA SER C 383 -23.33 -13.81 -29.25
C SER C 383 -22.50 -14.42 -28.13
N GLU C 384 -21.19 -14.21 -28.20
CA GLU C 384 -20.28 -14.75 -27.20
C GLU C 384 -20.37 -14.01 -25.87
N GLN C 385 -21.30 -13.06 -25.75
CA GLN C 385 -21.53 -12.39 -24.48
C GLN C 385 -22.06 -13.38 -23.46
N THR C 386 -21.64 -13.21 -22.21
CA THR C 386 -22.17 -13.96 -21.08
C THR C 386 -22.78 -12.96 -20.11
N VAL C 387 -23.85 -13.37 -19.45
CA VAL C 387 -24.56 -12.54 -18.50
C VAL C 387 -24.66 -13.29 -17.19
N VAL C 388 -24.08 -12.74 -16.13
CA VAL C 388 -24.20 -13.29 -14.79
C VAL C 388 -25.21 -12.43 -14.03
N ALA C 389 -26.33 -13.03 -13.66
CA ALA C 389 -27.40 -12.34 -12.96
C ALA C 389 -27.36 -12.70 -11.48
N PHE C 390 -27.24 -11.69 -10.63
CA PHE C 390 -27.22 -11.87 -9.19
C PHE C 390 -28.59 -11.57 -8.62
N PHE C 391 -29.06 -12.44 -7.74
CA PHE C 391 -30.32 -12.24 -7.02
C PHE C 391 -29.97 -12.08 -5.55
N ILE C 392 -29.78 -10.81 -5.14
CA ILE C 392 -29.41 -10.49 -3.76
C ILE C 392 -30.71 -10.26 -3.01
N MET C 393 -31.34 -11.33 -2.57
CA MET C 393 -32.64 -11.21 -1.90
C MET C 393 -32.67 -12.11 -0.68
N PRO C 394 -32.63 -11.56 0.52
CA PRO C 394 -32.49 -12.39 1.73
C PRO C 394 -33.67 -13.34 1.89
N ALA C 395 -33.36 -14.56 2.34
CA ALA C 395 -34.35 -15.58 2.58
C ALA C 395 -33.95 -16.34 3.84
N ARG C 396 -34.68 -17.42 4.12
CA ARG C 396 -34.43 -18.25 5.29
C ARG C 396 -33.49 -19.37 4.90
N THR C 397 -32.21 -19.22 5.24
CA THR C 397 -31.16 -20.14 4.81
C THR C 397 -30.40 -20.67 6.01
N ASN C 398 -29.86 -21.88 5.87
CA ASN C 398 -29.13 -22.50 6.98
C ASN C 398 -27.68 -22.01 7.02
N ASN C 399 -26.90 -22.32 6.00
CA ASN C 399 -25.49 -21.94 5.93
C ASN C 399 -25.05 -21.94 4.48
N PHE C 400 -23.76 -21.71 4.28
CA PHE C 400 -23.18 -21.64 2.93
C PHE C 400 -23.12 -23.02 2.31
N ASN C 401 -23.33 -23.06 0.99
CA ASN C 401 -23.25 -24.32 0.26
C ASN C 401 -21.82 -24.83 0.25
N VAL C 402 -21.68 -26.16 0.18
CA VAL C 402 -20.35 -26.76 0.19
C VAL C 402 -19.63 -26.49 -1.14
N GLU C 403 -20.35 -26.57 -2.26
CA GLU C 403 -19.73 -26.31 -3.55
C GLU C 403 -19.22 -24.88 -3.64
N THR C 404 -19.99 -23.93 -3.12
CA THR C 404 -19.60 -22.53 -3.22
C THR C 404 -18.35 -22.23 -2.39
N LEU C 405 -18.32 -22.75 -1.16
CA LEU C 405 -17.14 -22.57 -0.31
C LEU C 405 -15.93 -23.25 -0.93
N LYS C 406 -16.13 -24.45 -1.49
CA LYS C 406 -15.02 -25.14 -2.15
C LYS C 406 -14.51 -24.35 -3.34
N GLY C 407 -15.41 -23.73 -4.10
CA GLY C 407 -14.98 -22.92 -5.23
C GLY C 407 -14.17 -21.71 -4.80
N GLN C 408 -14.62 -21.03 -3.75
CA GLN C 408 -13.85 -19.89 -3.25
C GLN C 408 -12.48 -20.32 -2.76
N ALA C 409 -12.40 -21.45 -2.05
CA ALA C 409 -11.11 -21.94 -1.57
C ALA C 409 -10.21 -22.33 -2.74
N VAL C 410 -10.78 -22.95 -3.77
CA VAL C 410 -10.00 -23.33 -4.95
C VAL C 410 -9.45 -22.10 -5.65
N ARG C 411 -10.26 -21.06 -5.79
CA ARG C 411 -9.78 -19.83 -6.40
C ARG C 411 -8.68 -19.20 -5.57
N LYS C 412 -8.82 -19.21 -4.24
CA LYS C 412 -7.76 -18.67 -3.39
C LYS C 412 -6.46 -19.44 -3.58
N GLN C 413 -6.56 -20.78 -3.65
CA GLN C 413 -5.36 -21.59 -3.85
C GLN C 413 -4.71 -21.32 -5.20
N LEU C 414 -5.51 -21.22 -6.25
CA LEU C 414 -4.98 -20.89 -7.58
C LEU C 414 -4.31 -19.53 -7.57
N TRP C 415 -4.93 -18.54 -6.93
CA TRP C 415 -4.33 -17.22 -6.85
C TRP C 415 -3.00 -17.24 -6.12
N ASP C 416 -2.95 -17.95 -4.99
CA ASP C 416 -1.70 -18.03 -4.22
C ASP C 416 -0.61 -18.73 -5.04
N THR C 417 -0.96 -19.82 -5.73
CA THR C 417 0.01 -20.51 -6.56
C THR C 417 0.53 -19.60 -7.68
N ALA C 418 -0.38 -18.89 -8.33
CA ALA C 418 0.01 -18.01 -9.42
C ALA C 418 0.91 -16.89 -8.92
N ASN C 419 0.58 -16.29 -7.78
CA ASN C 419 1.44 -15.24 -7.24
C ASN C 419 2.81 -15.78 -6.87
N THR C 420 2.88 -16.96 -6.26
CA THR C 420 4.17 -17.50 -5.86
C THR C 420 5.05 -17.76 -7.07
N VAL C 421 4.50 -18.44 -8.07
CA VAL C 421 5.27 -18.74 -9.28
C VAL C 421 5.65 -17.45 -9.99
N LYS C 422 4.73 -16.49 -10.07
CA LYS C 422 5.00 -15.23 -10.73
C LYS C 422 6.11 -14.45 -10.04
N GLU C 423 6.09 -14.42 -8.71
CA GLU C 423 7.12 -13.67 -7.98
C GLU C 423 8.49 -14.31 -8.14
N LYS C 424 8.58 -15.63 -8.03
CA LYS C 424 9.92 -16.21 -8.21
C LYS C 424 10.37 -16.13 -9.66
N PHE C 425 9.44 -16.23 -10.62
CA PHE C 425 9.80 -16.02 -12.01
C PHE C 425 10.32 -14.61 -12.25
N GLY C 426 9.66 -13.61 -11.67
CA GLY C 426 10.12 -12.25 -11.83
C GLY C 426 11.47 -12.02 -11.20
N ARG C 427 11.72 -12.63 -10.04
CA ARG C 427 13.02 -12.55 -9.40
C ARG C 427 14.10 -13.15 -10.29
N LYS C 428 13.87 -14.35 -10.81
CA LYS C 428 14.86 -14.99 -11.68
C LYS C 428 15.05 -14.21 -12.98
N LEU C 429 13.97 -13.66 -13.52
CA LEU C 429 14.04 -12.87 -14.74
C LEU C 429 14.85 -11.61 -14.53
N TYR C 430 14.63 -10.92 -13.41
CA TYR C 430 15.41 -9.73 -13.09
C TYR C 430 16.88 -10.08 -12.94
N GLU C 431 17.19 -11.19 -12.27
CA GLU C 431 18.58 -11.59 -12.12
C GLU C 431 19.21 -11.89 -13.48
N SER C 432 18.49 -12.60 -14.35
CA SER C 432 19.02 -12.92 -15.67
C SER C 432 19.25 -11.68 -16.50
N LEU C 433 18.31 -10.73 -16.44
CA LEU C 433 18.46 -9.49 -17.19
C LEU C 433 19.65 -8.68 -16.67
N LEU C 434 19.84 -8.67 -15.34
CA LEU C 434 20.98 -7.95 -14.77
C LEU C 434 22.29 -8.59 -15.20
N VAL C 435 22.34 -9.92 -15.27
CA VAL C 435 23.54 -10.58 -15.78
C VAL C 435 23.74 -10.23 -17.26
N GLY C 436 22.66 -10.09 -18.01
CA GLY C 436 22.76 -9.69 -19.39
C GLY C 436 22.47 -10.82 -20.36
N SER C 437 21.62 -11.75 -19.95
CA SER C 437 21.33 -12.94 -20.74
C SER C 437 19.83 -13.04 -20.99
N LEU C 438 19.47 -13.49 -22.18
CA LEU C 438 18.06 -13.73 -22.48
C LEU C 438 17.58 -14.95 -21.72
N PRO C 439 16.52 -14.83 -20.93
CA PRO C 439 16.12 -15.93 -20.05
C PRO C 439 15.61 -17.14 -20.83
N ASP C 440 15.87 -18.32 -20.26
CA ASP C 440 15.36 -19.57 -20.80
C ASP C 440 14.19 -20.02 -19.94
N MET C 441 12.99 -20.02 -20.52
CA MET C 441 11.80 -20.43 -19.80
C MET C 441 11.69 -21.93 -19.60
N ASN C 442 12.48 -22.73 -20.32
CA ASN C 442 12.51 -24.16 -20.05
C ASN C 442 13.19 -24.48 -18.73
N LYS C 443 13.82 -23.50 -18.09
CA LYS C 443 14.55 -23.73 -16.85
C LYS C 443 14.15 -22.81 -15.71
N MET C 444 13.34 -21.77 -15.96
CA MET C 444 12.93 -20.89 -14.87
C MET C 444 11.83 -21.48 -14.01
N LEU C 445 11.26 -22.62 -14.37
CA LEU C 445 10.34 -23.33 -13.49
C LEU C 445 11.07 -24.55 -12.92
N ASP C 446 11.34 -24.50 -11.62
CA ASP C 446 11.91 -25.64 -10.93
C ASP C 446 10.82 -26.66 -10.63
N LYS C 447 11.22 -27.81 -10.09
CA LYS C 447 10.27 -28.89 -9.87
C LYS C 447 9.20 -28.51 -8.86
N GLU C 448 9.52 -27.61 -7.93
CA GLU C 448 8.54 -27.17 -6.95
C GLU C 448 7.37 -26.45 -7.63
N ASP C 449 7.68 -25.60 -8.61
CA ASP C 449 6.64 -24.88 -9.33
C ASP C 449 5.74 -25.83 -10.10
N PHE C 450 6.32 -26.83 -10.77
CA PHE C 450 5.51 -27.80 -11.49
C PHE C 450 4.63 -28.60 -10.52
N THR C 451 5.18 -28.98 -9.37
CA THR C 451 4.41 -29.72 -8.39
C THR C 451 3.22 -28.91 -7.90
N MET C 452 3.45 -27.64 -7.57
CA MET C 452 2.37 -26.83 -7.01
C MET C 452 1.35 -26.42 -8.08
N MET C 453 1.79 -26.22 -9.33
CA MET C 453 0.83 -26.00 -10.40
C MET C 453 0.01 -27.24 -10.68
N LYS C 454 0.62 -28.43 -10.60
CA LYS C 454 -0.16 -29.66 -10.76
C LYS C 454 -1.18 -29.81 -9.64
N ARG C 455 -0.79 -29.43 -8.42
CA ARG C 455 -1.76 -29.44 -7.33
C ARG C 455 -2.92 -28.51 -7.60
N ALA C 456 -2.62 -27.31 -8.14
CA ALA C 456 -3.69 -26.39 -8.51
C ALA C 456 -4.60 -26.98 -9.58
N ILE C 457 -4.00 -27.59 -10.61
CA ILE C 457 -4.78 -28.19 -11.69
C ILE C 457 -5.69 -29.28 -11.16
N PHE C 458 -5.17 -30.12 -10.25
CA PHE C 458 -6.01 -31.15 -9.64
C PHE C 458 -7.11 -30.54 -8.78
N ALA C 459 -6.84 -29.38 -8.16
CA ALA C 459 -7.87 -28.71 -7.39
C ALA C 459 -9.01 -28.24 -8.29
N THR C 460 -8.70 -27.73 -9.48
CA THR C 460 -9.74 -27.19 -10.35
C THR C 460 -10.61 -28.26 -10.99
N GLN C 461 -10.26 -29.54 -10.89
CA GLN C 461 -11.04 -30.58 -11.52
C GLN C 461 -12.43 -30.67 -10.90
N ARG C 462 -13.45 -30.74 -11.75
CA ARG C 462 -14.83 -30.71 -11.28
C ARG C 462 -15.73 -31.30 -12.34
N GLN C 463 -16.74 -32.05 -11.89
CA GLN C 463 -17.70 -32.70 -12.79
C GLN C 463 -19.09 -32.09 -12.72
N SER C 464 -19.54 -31.68 -11.53
CA SER C 464 -20.85 -31.08 -11.38
C SER C 464 -20.84 -29.63 -11.85
N PHE C 465 -22.05 -29.10 -12.09
CA PHE C 465 -22.23 -27.72 -12.50
C PHE C 465 -22.26 -26.80 -11.27
N PRO C 466 -21.95 -25.53 -11.45
CA PRO C 466 -21.97 -24.58 -10.32
C PRO C 466 -23.38 -24.47 -9.75
N PRO C 467 -23.49 -24.36 -8.43
CA PRO C 467 -24.81 -24.22 -7.82
C PRO C 467 -25.46 -22.89 -8.18
N VAL C 468 -26.78 -22.91 -8.31
CA VAL C 468 -27.51 -21.68 -8.54
C VAL C 468 -27.51 -20.82 -7.28
N CYS C 469 -27.76 -21.42 -6.13
CA CYS C 469 -27.83 -20.72 -4.86
C CYS C 469 -26.54 -20.93 -4.08
N THR C 470 -26.05 -19.87 -3.45
CA THR C 470 -24.83 -19.93 -2.67
C THR C 470 -25.05 -20.38 -1.23
N HIS C 471 -26.31 -20.50 -0.80
CA HIS C 471 -26.64 -20.92 0.55
C HIS C 471 -27.48 -22.20 0.48
N ASN C 472 -27.71 -22.79 1.65
CA ASN C 472 -28.58 -23.95 1.79
C ASN C 472 -29.96 -23.45 2.21
N MET C 473 -30.92 -23.52 1.30
CA MET C 473 -32.25 -23.01 1.56
C MET C 473 -33.03 -24.00 2.41
N LEU C 474 -33.58 -23.51 3.52
CA LEU C 474 -34.38 -24.38 4.39
C LEU C 474 -35.64 -24.87 3.70
N ASP C 475 -36.12 -24.13 2.70
CA ASP C 475 -37.30 -24.52 1.92
C ASP C 475 -36.92 -24.48 0.45
N ASP C 476 -36.35 -25.57 -0.05
CA ASP C 476 -36.04 -25.65 -1.48
C ASP C 476 -37.30 -25.73 -2.32
N SER C 477 -38.30 -26.48 -1.86
CA SER C 477 -39.53 -26.63 -2.62
C SER C 477 -40.38 -25.36 -2.58
N SER C 478 -40.37 -24.66 -1.44
CA SER C 478 -41.22 -23.49 -1.27
C SER C 478 -40.64 -22.21 -1.84
N ASP C 479 -39.38 -22.24 -2.30
CA ASP C 479 -38.74 -21.04 -2.80
C ASP C 479 -39.24 -20.72 -4.20
N PRO C 480 -39.81 -19.54 -4.44
CA PRO C 480 -40.25 -19.21 -5.80
C PRO C 480 -39.11 -18.99 -6.78
N ILE C 481 -37.99 -18.41 -6.33
CA ILE C 481 -36.90 -18.13 -7.25
C ILE C 481 -36.28 -19.42 -7.77
N LEU C 482 -35.96 -20.35 -6.86
CA LEU C 482 -35.37 -21.62 -7.28
C LEU C 482 -36.34 -22.43 -8.12
N THR C 483 -37.63 -22.41 -7.77
CA THR C 483 -38.63 -23.11 -8.58
C THR C 483 -38.68 -22.55 -9.99
N THR C 484 -38.67 -21.22 -10.11
CA THR C 484 -38.70 -20.60 -11.44
C THR C 484 -37.43 -20.91 -12.22
N ILE C 485 -36.28 -20.91 -11.54
CA ILE C 485 -35.02 -21.20 -12.21
C ILE C 485 -35.01 -22.63 -12.76
N ARG C 486 -35.44 -23.58 -11.95
CA ARG C 486 -35.47 -24.96 -12.42
C ARG C 486 -36.57 -25.20 -13.45
N ARG C 487 -37.63 -24.39 -13.43
CA ARG C 487 -38.67 -24.54 -14.43
C ARG C 487 -38.22 -23.98 -15.79
N ILE C 488 -37.58 -22.82 -15.80
CA ILE C 488 -37.20 -22.20 -17.07
C ILE C 488 -35.92 -22.80 -17.64
N GLY C 489 -35.08 -23.42 -16.80
CA GLY C 489 -33.91 -24.12 -17.30
C GLY C 489 -32.66 -23.29 -17.35
N LEU C 490 -32.29 -22.67 -16.23
CA LEU C 490 -31.04 -21.91 -16.11
C LEU C 490 -30.20 -22.61 -15.04
N PHE C 491 -29.43 -23.61 -15.46
CA PHE C 491 -28.67 -24.45 -14.54
C PHE C 491 -27.17 -24.18 -14.59
N ASN C 492 -26.77 -23.04 -15.15
CA ASN C 492 -25.36 -22.65 -15.23
C ASN C 492 -24.54 -23.68 -16.00
N SER C 493 -25.16 -24.26 -17.03
CA SER C 493 -24.46 -25.18 -17.91
C SER C 493 -23.60 -24.42 -18.91
N SER C 494 -22.74 -25.16 -19.61
CA SER C 494 -21.84 -24.53 -20.58
C SER C 494 -22.61 -23.92 -21.74
N ALA C 495 -23.71 -24.56 -22.15
CA ALA C 495 -24.49 -24.04 -23.27
C ALA C 495 -25.20 -22.74 -22.89
N ASP C 496 -25.62 -22.60 -21.64
CA ASP C 496 -26.34 -21.42 -21.22
C ASP C 496 -25.43 -20.19 -21.27
N ARG C 497 -25.90 -19.13 -21.93
CA ARG C 497 -25.21 -17.86 -21.95
C ARG C 497 -25.54 -17.00 -20.74
N VAL C 498 -26.54 -17.37 -19.96
CA VAL C 498 -26.94 -16.63 -18.76
C VAL C 498 -26.70 -17.54 -17.56
N LYS C 499 -25.77 -17.14 -16.71
CA LYS C 499 -25.53 -17.76 -15.42
C LYS C 499 -26.32 -17.02 -14.35
N VAL C 500 -26.79 -17.75 -13.36
CA VAL C 500 -27.62 -17.19 -12.29
C VAL C 500 -26.97 -17.54 -10.96
N ILE C 501 -26.77 -16.54 -10.12
CA ILE C 501 -26.26 -16.72 -8.77
C ILE C 501 -27.25 -16.09 -7.80
N PHE C 502 -27.85 -16.91 -6.94
CA PHE C 502 -28.84 -16.46 -5.98
C PHE C 502 -28.18 -16.40 -4.61
N HIS C 503 -27.99 -15.18 -4.10
CA HIS C 503 -27.36 -14.96 -2.81
C HIS C 503 -28.42 -14.53 -1.81
N PRO C 504 -29.03 -15.46 -1.06
CA PRO C 504 -30.14 -15.12 -0.17
C PRO C 504 -29.68 -14.60 1.19
N GLU C 505 -28.91 -13.52 1.18
CA GLU C 505 -28.40 -12.93 2.40
C GLU C 505 -27.87 -11.54 2.07
N PHE C 506 -27.92 -10.65 3.06
CA PHE C 506 -27.40 -9.30 2.89
C PHE C 506 -25.90 -9.34 2.66
N LEU C 507 -25.44 -8.57 1.68
CA LEU C 507 -24.02 -8.52 1.38
C LEU C 507 -23.30 -7.79 2.51
N SER C 508 -22.30 -8.44 3.08
CA SER C 508 -21.54 -7.89 4.19
C SER C 508 -20.06 -8.11 3.95
N SER C 509 -19.24 -7.23 4.52
CA SER C 509 -17.79 -7.41 4.44
C SER C 509 -17.29 -8.55 5.31
N THR C 510 -18.14 -9.09 6.18
CA THR C 510 -17.78 -10.23 7.01
C THR C 510 -18.18 -11.57 6.39
N SER C 511 -18.81 -11.55 5.23
CA SER C 511 -19.15 -12.80 4.55
C SER C 511 -17.88 -13.44 3.99
N PRO C 512 -17.62 -14.71 4.31
CA PRO C 512 -16.42 -15.36 3.76
C PRO C 512 -16.42 -15.44 2.24
N LEU C 513 -17.59 -15.58 1.59
CA LEU C 513 -17.64 -15.66 0.14
C LEU C 513 -17.16 -14.36 -0.50
N LEU C 514 -17.90 -13.29 -0.29
CA LEU C 514 -17.73 -12.04 -1.02
C LEU C 514 -17.66 -10.90 0.00
N PRO C 515 -16.49 -10.68 0.59
CA PRO C 515 -16.40 -9.70 1.68
C PRO C 515 -16.47 -8.26 1.20
N VAL C 516 -17.56 -7.90 0.52
CA VAL C 516 -17.84 -6.52 0.16
C VAL C 516 -19.31 -6.25 0.46
N ASP C 517 -19.60 -5.06 0.95
CA ASP C 517 -20.96 -4.71 1.33
C ASP C 517 -21.77 -4.40 0.07
N TYR C 518 -23.00 -3.90 0.25
CA TYR C 518 -23.90 -3.72 -0.88
C TYR C 518 -23.37 -2.67 -1.86
N GLU C 519 -22.87 -1.55 -1.34
CA GLU C 519 -22.45 -0.45 -2.20
C GLU C 519 -21.31 -0.86 -3.12
N GLU C 520 -20.24 -1.41 -2.54
CA GLU C 520 -19.09 -1.81 -3.35
C GLU C 520 -19.47 -2.93 -4.30
N PHE C 521 -20.32 -3.85 -3.89
CA PHE C 521 -20.72 -4.92 -4.80
C PHE C 521 -21.44 -4.37 -6.01
N VAL C 522 -22.48 -3.55 -5.80
CA VAL C 522 -23.27 -3.07 -6.92
C VAL C 522 -22.58 -1.99 -7.73
N ARG C 523 -21.49 -1.40 -7.21
CA ARG C 523 -20.71 -0.48 -8.03
C ARG C 523 -20.09 -1.19 -9.23
N GLY C 524 -19.67 -2.43 -9.05
CA GLY C 524 -19.06 -3.21 -10.10
C GLY C 524 -20.01 -3.94 -11.01
N CYS C 525 -21.30 -3.75 -10.85
CA CYS C 525 -22.29 -4.35 -11.74
C CYS C 525 -22.59 -3.41 -12.89
N HIS C 526 -22.98 -3.98 -14.02
CA HIS C 526 -23.23 -3.21 -15.23
C HIS C 526 -24.64 -2.64 -15.27
N LEU C 527 -25.61 -3.40 -14.80
CA LEU C 527 -27.01 -3.01 -14.89
C LEU C 527 -27.75 -3.55 -13.67
N GLY C 528 -28.70 -2.76 -13.17
CA GLY C 528 -29.63 -3.21 -12.15
C GLY C 528 -31.03 -3.28 -12.74
N VAL C 529 -31.68 -4.41 -12.53
CA VAL C 529 -33.02 -4.65 -13.08
C VAL C 529 -34.01 -4.72 -11.94
N PHE C 530 -34.92 -3.75 -11.89
CA PHE C 530 -35.94 -3.65 -10.85
C PHE C 530 -37.31 -3.55 -11.50
N PRO C 531 -37.82 -4.64 -12.06
CA PRO C 531 -39.12 -4.60 -12.76
C PRO C 531 -40.30 -4.79 -11.81
N SER C 532 -40.35 -3.94 -10.78
CA SER C 532 -41.31 -4.10 -9.70
C SER C 532 -42.72 -3.77 -10.16
N TYR C 533 -43.70 -4.43 -9.51
CA TYR C 533 -45.11 -4.21 -9.76
C TYR C 533 -45.73 -3.25 -8.76
N TYR C 534 -45.48 -3.45 -7.47
CA TYR C 534 -45.97 -2.56 -6.43
C TYR C 534 -44.75 -1.98 -5.71
N GLU C 535 -44.40 -0.75 -6.05
CA GLU C 535 -43.26 -0.07 -5.44
C GLU C 535 -43.63 1.39 -5.31
N PRO C 536 -44.07 1.82 -4.12
CA PRO C 536 -44.55 3.21 -3.99
C PRO C 536 -43.50 4.26 -4.34
N TRP C 537 -42.28 4.14 -3.84
CA TRP C 537 -41.19 4.95 -4.35
C TRP C 537 -40.10 4.10 -4.99
N GLY C 538 -39.48 3.21 -4.23
CA GLY C 538 -38.40 2.40 -4.75
C GLY C 538 -37.04 2.94 -4.37
N TYR C 539 -36.46 2.39 -3.31
CA TYR C 539 -35.21 2.91 -2.78
C TYR C 539 -33.99 2.24 -3.37
N THR C 540 -34.12 0.95 -3.72
CA THR C 540 -33.01 0.26 -4.39
C THR C 540 -32.69 0.85 -5.76
N PRO C 541 -33.66 1.10 -6.65
CA PRO C 541 -33.30 1.77 -7.91
C PRO C 541 -32.70 3.14 -7.71
N ALA C 542 -33.19 3.90 -6.72
CA ALA C 542 -32.67 5.24 -6.46
C ALA C 542 -31.24 5.20 -5.98
N GLU C 543 -30.92 4.27 -5.06
CA GLU C 543 -29.54 4.10 -4.63
C GLU C 543 -28.66 3.65 -5.78
N CYS C 544 -29.18 2.77 -6.64
CA CYS C 544 -28.44 2.33 -7.81
C CYS C 544 -28.10 3.50 -8.73
N THR C 545 -29.06 4.40 -8.95
CA THR C 545 -28.84 5.55 -9.82
C THR C 545 -27.89 6.55 -9.19
N VAL C 546 -28.00 6.77 -7.87
CA VAL C 546 -27.10 7.69 -7.19
C VAL C 546 -25.66 7.22 -7.30
N MET C 547 -25.44 5.90 -7.24
CA MET C 547 -24.11 5.35 -7.36
C MET C 547 -23.65 5.22 -8.80
N GLY C 548 -24.47 5.62 -9.78
CA GLY C 548 -24.04 5.73 -11.15
C GLY C 548 -24.27 4.53 -12.03
N ILE C 549 -24.99 3.52 -11.57
CA ILE C 549 -25.22 2.30 -12.33
C ILE C 549 -26.48 2.45 -13.16
N PRO C 550 -26.44 2.17 -14.46
CA PRO C 550 -27.68 2.15 -15.24
C PRO C 550 -28.65 1.13 -14.70
N SER C 551 -29.94 1.45 -14.76
CA SER C 551 -30.93 0.63 -14.10
C SER C 551 -32.18 0.51 -14.96
N ILE C 552 -32.93 -0.56 -14.68
CA ILE C 552 -34.22 -0.82 -15.30
C ILE C 552 -35.27 -0.73 -14.20
N SER C 553 -36.18 0.23 -14.34
CA SER C 553 -37.31 0.39 -13.44
C SER C 553 -38.58 0.29 -14.26
N THR C 554 -39.72 0.55 -13.63
CA THR C 554 -41.01 0.48 -14.29
C THR C 554 -41.78 1.76 -14.06
N ASN C 555 -42.86 1.94 -14.83
CA ASN C 555 -43.75 3.08 -14.62
C ASN C 555 -44.79 2.80 -13.55
N LEU C 556 -44.76 1.64 -12.93
CA LEU C 556 -45.57 1.33 -11.75
C LEU C 556 -44.83 1.58 -10.45
N SER C 557 -43.59 2.06 -10.53
CA SER C 557 -42.82 2.44 -9.35
C SER C 557 -42.68 3.96 -9.33
N GLY C 558 -42.55 4.50 -8.11
CA GLY C 558 -42.46 5.95 -7.98
C GLY C 558 -41.19 6.52 -8.58
N PHE C 559 -40.06 5.84 -8.38
CA PHE C 559 -38.81 6.27 -8.97
C PHE C 559 -38.88 6.26 -10.49
N GLY C 560 -39.51 5.23 -11.06
CA GLY C 560 -39.65 5.15 -12.50
C GLY C 560 -40.49 6.29 -13.06
N CYS C 561 -41.60 6.61 -12.41
CA CYS C 561 -42.41 7.74 -12.84
C CYS C 561 -41.65 9.05 -12.71
N PHE C 562 -40.89 9.21 -11.62
CA PHE C 562 -40.11 10.42 -11.42
C PHE C 562 -39.10 10.62 -12.55
N MET C 563 -38.32 9.59 -12.85
CA MET C 563 -37.33 9.71 -13.92
C MET C 563 -37.98 9.81 -15.30
N GLU C 564 -39.14 9.16 -15.49
CA GLU C 564 -39.84 9.29 -16.76
C GLU C 564 -40.28 10.74 -16.99
N GLU C 565 -40.80 11.39 -15.96
CA GLU C 565 -41.27 12.77 -16.13
C GLU C 565 -40.17 13.81 -16.04
N HIS C 566 -38.98 13.45 -15.56
CA HIS C 566 -37.90 14.42 -15.44
C HIS C 566 -36.84 14.31 -16.54
N ILE C 567 -36.97 13.36 -17.45
CA ILE C 567 -35.95 13.10 -18.46
C ILE C 567 -36.62 12.98 -19.82
N ALA C 568 -36.04 13.62 -20.83
CA ALA C 568 -36.62 13.57 -22.17
C ALA C 568 -36.47 12.19 -22.79
N ASP C 569 -35.26 11.63 -22.74
CA ASP C 569 -35.00 10.27 -23.25
C ASP C 569 -34.29 9.50 -22.15
N PRO C 570 -35.05 8.82 -21.27
CA PRO C 570 -34.42 8.14 -20.13
C PRO C 570 -33.39 7.10 -20.52
N SER C 571 -33.64 6.35 -21.61
CA SER C 571 -32.73 5.28 -21.98
C SER C 571 -31.35 5.80 -22.36
N ALA C 572 -31.28 7.05 -22.82
CA ALA C 572 -29.98 7.65 -23.13
C ALA C 572 -29.14 7.80 -21.87
N TYR C 573 -29.77 8.11 -20.75
CA TYR C 573 -29.10 8.32 -19.48
C TYR C 573 -28.89 7.03 -18.69
N GLY C 574 -29.38 5.91 -19.18
CA GLY C 574 -29.23 4.65 -18.49
C GLY C 574 -30.41 4.19 -17.68
N ILE C 575 -31.56 4.85 -17.80
CA ILE C 575 -32.77 4.44 -17.11
C ILE C 575 -33.72 3.86 -18.13
N TYR C 576 -34.04 2.58 -17.98
CA TYR C 576 -34.99 1.90 -18.86
C TYR C 576 -36.29 1.68 -18.11
N ILE C 577 -37.37 2.26 -18.60
CA ILE C 577 -38.66 2.20 -17.92
C ILE C 577 -39.56 1.22 -18.65
N LEU C 578 -39.91 0.13 -17.98
CA LEU C 578 -40.87 -0.82 -18.50
C LEU C 578 -42.27 -0.24 -18.47
N ASP C 579 -43.08 -0.59 -19.47
CA ASP C 579 -44.46 -0.14 -19.53
C ASP C 579 -45.37 -1.21 -18.92
N ARG C 580 -45.16 -1.43 -17.61
CA ARG C 580 -45.89 -2.47 -16.89
C ARG C 580 -47.31 -2.07 -16.55
N ARG C 581 -47.69 -0.80 -16.72
CA ARG C 581 -49.03 -0.36 -16.36
C ARG C 581 -50.04 -0.55 -17.48
N PHE C 582 -49.59 -0.53 -18.74
CA PHE C 582 -50.48 -0.66 -19.89
C PHE C 582 -50.13 -1.87 -20.76
N ARG C 583 -49.45 -2.86 -20.20
CA ARG C 583 -49.04 -4.03 -20.95
C ARG C 583 -49.38 -5.29 -20.17
N SER C 584 -49.67 -6.36 -20.89
CA SER C 584 -49.83 -7.66 -20.27
C SER C 584 -48.47 -8.18 -19.79
N LEU C 585 -48.50 -9.14 -18.87
CA LEU C 585 -47.27 -9.64 -18.28
C LEU C 585 -46.34 -10.22 -19.34
N ASP C 586 -46.89 -10.91 -20.34
CA ASP C 586 -46.07 -11.42 -21.44
C ASP C 586 -45.43 -10.27 -22.22
N ASP C 587 -46.19 -9.21 -22.46
CA ASP C 587 -45.63 -8.04 -23.13
C ASP C 587 -44.55 -7.38 -22.29
N SER C 588 -44.74 -7.34 -20.96
CA SER C 588 -43.72 -6.78 -20.08
C SER C 588 -42.45 -7.61 -20.15
N CYS C 589 -42.57 -8.94 -20.16
CA CYS C 589 -41.39 -9.79 -20.27
C CYS C 589 -40.70 -9.61 -21.63
N SER C 590 -41.49 -9.46 -22.69
CA SER C 590 -40.89 -9.23 -24.01
C SER C 590 -40.16 -7.90 -24.06
N GLN C 591 -40.74 -6.85 -23.48
CA GLN C 591 -40.08 -5.55 -23.48
C GLN C 591 -38.83 -5.56 -22.62
N LEU C 592 -38.87 -6.25 -21.48
CA LEU C 592 -37.67 -6.39 -20.66
C LEU C 592 -36.58 -7.16 -21.39
N THR C 593 -36.97 -8.20 -22.13
CA THR C 593 -36.01 -8.94 -22.95
C THR C 593 -35.39 -8.04 -24.01
N SER C 594 -36.20 -7.18 -24.63
CA SER C 594 -35.68 -6.23 -25.60
C SER C 594 -34.70 -5.27 -24.95
N PHE C 595 -35.03 -4.78 -23.75
CA PHE C 595 -34.12 -3.88 -23.03
C PHE C 595 -32.79 -4.57 -22.73
N LEU C 596 -32.86 -5.80 -22.24
CA LEU C 596 -31.63 -6.53 -21.89
C LEU C 596 -30.81 -6.85 -23.12
N TYR C 597 -31.46 -7.24 -24.22
CA TYR C 597 -30.74 -7.52 -25.45
C TYR C 597 -30.12 -6.26 -26.04
N SER C 598 -30.83 -5.13 -25.96
CA SER C 598 -30.26 -3.87 -26.44
C SER C 598 -29.05 -3.46 -25.60
N PHE C 599 -29.12 -3.68 -24.29
CA PHE C 599 -27.96 -3.41 -23.44
C PHE C 599 -26.81 -4.33 -23.79
N CYS C 600 -27.08 -5.60 -24.05
CA CYS C 600 -26.03 -6.54 -24.41
C CYS C 600 -25.37 -6.18 -25.74
N GLN C 601 -26.18 -5.74 -26.71
CA GLN C 601 -25.69 -5.39 -28.03
C GLN C 601 -24.89 -4.09 -28.05
N GLN C 602 -24.94 -3.30 -26.98
CA GLN C 602 -24.13 -2.10 -26.90
C GLN C 602 -22.65 -2.46 -26.86
N SER C 603 -21.84 -1.60 -27.45
CA SER C 603 -20.40 -1.76 -27.38
C SER C 603 -19.88 -1.19 -26.06
N ARG C 604 -18.58 -1.33 -25.83
CA ARG C 604 -17.99 -0.75 -24.64
C ARG C 604 -18.09 0.77 -24.66
N ARG C 605 -17.92 1.38 -25.85
CA ARG C 605 -18.01 2.82 -25.95
C ARG C 605 -19.38 3.33 -25.53
N GLN C 606 -20.44 2.75 -26.09
CA GLN C 606 -21.80 3.19 -25.76
C GLN C 606 -22.11 2.94 -24.30
N ARG C 607 -21.64 1.81 -23.76
CA ARG C 607 -21.85 1.51 -22.35
C ARG C 607 -21.18 2.55 -21.46
N ILE C 608 -19.95 2.95 -21.79
CA ILE C 608 -19.26 3.96 -21.00
C ILE C 608 -19.97 5.31 -21.09
N ILE C 609 -20.40 5.70 -22.30
CA ILE C 609 -21.09 6.98 -22.46
C ILE C 609 -22.38 6.99 -21.64
N GLN C 610 -23.15 5.90 -21.72
CA GLN C 610 -24.39 5.79 -20.98
C GLN C 610 -24.15 5.83 -19.48
N ARG C 611 -23.08 5.19 -19.02
CA ARG C 611 -22.76 5.22 -17.60
C ARG C 611 -22.36 6.62 -17.16
N ASN C 612 -21.66 7.37 -18.01
CA ASN C 612 -21.35 8.77 -17.68
C ASN C 612 -22.62 9.58 -17.52
N ARG C 613 -23.58 9.40 -18.42
CA ARG C 613 -24.85 10.11 -18.29
C ARG C 613 -25.58 9.72 -17.01
N THR C 614 -25.54 8.44 -16.65
CA THR C 614 -26.17 8.01 -15.40
C THR C 614 -25.50 8.66 -14.20
N GLU C 615 -24.18 8.77 -14.21
CA GLU C 615 -23.49 9.48 -13.14
C GLU C 615 -23.89 10.95 -13.11
N ARG C 616 -24.20 11.54 -14.25
CA ARG C 616 -24.77 12.88 -14.25
C ARG C 616 -26.11 12.92 -13.53
N LEU C 617 -26.93 11.89 -13.71
CA LEU C 617 -28.31 11.92 -13.26
C LEU C 617 -28.47 12.13 -11.75
N SER C 618 -27.45 11.84 -10.94
CA SER C 618 -27.63 11.78 -9.50
C SER C 618 -28.00 13.11 -8.85
N ASP C 619 -27.86 14.22 -9.57
CA ASP C 619 -28.21 15.52 -8.99
C ASP C 619 -29.71 15.68 -8.80
N LEU C 620 -30.53 14.90 -9.51
CA LEU C 620 -31.98 15.00 -9.37
C LEU C 620 -32.47 14.36 -8.08
N LEU C 621 -31.71 13.43 -7.52
CA LEU C 621 -32.16 12.63 -6.40
C LEU C 621 -31.69 13.16 -5.06
N ASP C 622 -31.02 14.30 -5.02
CA ASP C 622 -30.57 14.86 -3.77
C ASP C 622 -31.72 15.55 -3.06
N TRP C 623 -31.54 15.79 -1.75
CA TRP C 623 -32.52 16.55 -1.01
C TRP C 623 -32.44 18.04 -1.30
N LYS C 624 -31.31 18.49 -1.88
CA LYS C 624 -31.19 19.90 -2.25
C LYS C 624 -32.24 20.30 -3.28
N TYR C 625 -32.50 19.43 -4.25
CA TYR C 625 -33.54 19.71 -5.23
C TYR C 625 -34.92 19.25 -4.75
N LEU C 626 -35.00 18.09 -4.11
CA LEU C 626 -36.28 17.48 -3.80
C LEU C 626 -36.90 18.03 -2.52
N GLY C 627 -36.19 18.86 -1.76
CA GLY C 627 -36.80 19.49 -0.60
C GLY C 627 -37.72 20.64 -0.91
N ARG C 628 -37.66 21.18 -2.13
CA ARG C 628 -38.55 22.26 -2.50
C ARG C 628 -40.00 21.79 -2.58
N TYR C 629 -40.23 20.49 -2.82
CA TYR C 629 -41.59 19.97 -2.80
C TYR C 629 -42.15 19.98 -1.38
N TYR C 630 -41.35 19.58 -0.39
CA TYR C 630 -41.78 19.68 0.99
C TYR C 630 -41.97 21.13 1.41
N MET C 631 -41.08 22.00 0.94
CA MET C 631 -41.24 23.43 1.20
C MET C 631 -42.56 23.95 0.65
N SER C 632 -42.89 23.56 -0.59
CA SER C 632 -44.16 23.98 -1.19
C SER C 632 -45.34 23.44 -0.40
N ALA C 633 -45.27 22.18 0.04
CA ALA C 633 -46.36 21.60 0.82
C ALA C 633 -46.57 22.35 2.12
N ARG C 634 -45.48 22.68 2.81
CA ARG C 634 -45.59 23.44 4.05
C ARG C 634 -46.16 24.83 3.79
N HIS C 635 -45.76 25.46 2.68
CA HIS C 635 -46.27 26.79 2.35
C HIS C 635 -47.76 26.76 2.05
N MET C 636 -48.24 25.74 1.32
CA MET C 636 -49.68 25.63 1.11
C MET C 636 -50.41 25.37 2.42
N ALA C 637 -49.82 24.56 3.31
CA ALA C 637 -50.46 24.32 4.59
C ALA C 637 -50.59 25.62 5.38
N LEU C 638 -49.53 26.42 5.40
CA LEU C 638 -49.57 27.72 6.08
C LEU C 638 -50.60 28.64 5.44
N SER C 639 -50.66 28.65 4.10
CA SER C 639 -51.62 29.50 3.41
C SER C 639 -53.05 29.09 3.73
N LYS C 640 -53.32 27.79 3.78
CA LYS C 640 -54.68 27.32 4.02
C LYS C 640 -55.10 27.54 5.48
N ALA C 641 -54.22 27.23 6.42
CA ALA C 641 -54.57 27.36 7.82
C ALA C 641 -54.57 28.81 8.29
N PHE C 642 -53.68 29.64 7.74
CA PHE C 642 -53.55 31.04 8.13
C PHE C 642 -53.58 31.92 6.88
N PRO C 643 -54.74 32.01 6.22
CA PRO C 643 -54.80 32.79 4.97
C PRO C 643 -54.53 34.28 5.16
N GLU C 644 -54.72 34.81 6.37
CA GLU C 644 -54.49 36.22 6.60
C GLU C 644 -53.01 36.57 6.72
N HIS C 645 -52.21 35.67 7.27
CA HIS C 645 -50.78 35.94 7.49
C HIS C 645 -49.89 35.37 6.39
N PHE C 646 -50.32 34.30 5.73
CA PHE C 646 -49.51 33.66 4.71
C PHE C 646 -50.30 33.57 3.41
N THR C 647 -49.62 33.83 2.30
CA THR C 647 -50.19 33.69 0.97
C THR C 647 -49.25 32.85 0.13
N TYR C 648 -49.82 31.94 -0.66
CA TYR C 648 -49.03 31.01 -1.48
C TYR C 648 -49.35 31.23 -2.95
N GLU C 649 -48.29 31.32 -3.76
CA GLU C 649 -48.42 31.38 -5.21
C GLU C 649 -47.85 30.11 -5.82
N PRO C 650 -48.69 29.17 -6.28
CA PRO C 650 -48.26 27.89 -6.87
C PRO C 650 -47.44 28.09 -8.15
N TRP D 43 24.05 -35.95 8.98
CA TRP D 43 25.39 -36.50 8.78
C TRP D 43 25.85 -36.46 7.33
N GLU D 44 27.16 -36.55 7.16
CA GLU D 44 27.81 -36.65 5.86
C GLU D 44 28.60 -37.96 5.78
N ASP D 45 28.02 -39.02 6.32
CA ASP D 45 28.73 -40.30 6.41
C ASP D 45 28.96 -40.90 5.03
N GLU D 46 30.08 -41.62 4.91
CA GLU D 46 30.41 -42.34 3.68
C GLU D 46 29.80 -43.74 3.79
N PHE D 47 28.68 -43.95 3.10
CA PHE D 47 27.98 -45.23 3.15
C PHE D 47 27.58 -45.63 1.74
N ASP D 48 27.42 -46.92 1.53
CA ASP D 48 27.15 -47.48 0.20
C ASP D 48 25.65 -47.60 0.00
N LEU D 49 25.12 -46.82 -0.95
CA LEU D 49 23.72 -46.91 -1.34
C LEU D 49 23.58 -46.90 -2.86
N GLU D 50 24.52 -47.55 -3.54
CA GLU D 50 24.55 -47.50 -5.00
C GLU D 50 23.35 -48.24 -5.59
N ASN D 51 23.08 -49.46 -5.11
CA ASN D 51 21.95 -50.24 -5.59
C ASN D 51 20.86 -50.42 -4.54
N ALA D 52 21.05 -49.90 -3.33
CA ALA D 52 20.05 -50.04 -2.29
C ALA D 52 18.82 -49.22 -2.61
N VAL D 53 17.64 -49.77 -2.30
CA VAL D 53 16.37 -49.13 -2.53
C VAL D 53 15.62 -49.05 -1.20
N LEU D 54 14.97 -47.94 -0.94
CA LEU D 54 14.25 -47.70 0.31
C LEU D 54 12.76 -47.58 0.04
N PHE D 55 11.97 -48.40 0.74
CA PHE D 55 10.52 -48.32 0.73
C PHE D 55 10.06 -47.88 2.11
N GLU D 56 9.34 -46.76 2.18
CA GLU D 56 8.80 -46.26 3.44
C GLU D 56 7.30 -46.55 3.49
N VAL D 57 6.94 -47.60 4.21
CA VAL D 57 5.56 -48.07 4.29
C VAL D 57 4.85 -47.33 5.41
N ALA D 58 3.72 -46.71 5.08
CA ALA D 58 2.93 -45.97 6.05
C ALA D 58 1.51 -45.85 5.53
N TRP D 59 0.54 -46.07 6.41
CA TRP D 59 -0.87 -45.93 6.05
C TRP D 59 -1.24 -44.50 5.71
N GLU D 60 -0.42 -43.53 6.07
CA GLU D 60 -0.74 -42.12 5.89
C GLU D 60 -0.13 -41.53 4.63
N VAL D 61 0.41 -42.36 3.75
CA VAL D 61 0.98 -41.85 2.50
C VAL D 61 -0.17 -41.44 1.58
N ALA D 62 -0.23 -40.14 1.26
CA ALA D 62 -1.31 -39.57 0.46
C ALA D 62 -2.68 -39.82 1.08
N ASN D 63 -2.73 -39.93 2.41
CA ASN D 63 -3.96 -40.21 3.13
C ASN D 63 -3.86 -39.53 4.49
N LYS D 64 -4.38 -38.32 4.59
CA LYS D 64 -4.22 -37.52 5.82
C LYS D 64 -5.21 -38.00 6.86
N VAL D 65 -4.77 -38.87 7.75
CA VAL D 65 -5.62 -39.36 8.83
C VAL D 65 -4.89 -39.24 10.15
N GLY D 66 -3.91 -38.34 10.22
CA GLY D 66 -3.13 -38.18 11.43
C GLY D 66 -2.00 -37.19 11.23
N GLY D 67 -1.08 -37.19 12.20
CA GLY D 67 0.05 -36.29 12.17
C GLY D 67 1.27 -36.84 11.47
N ILE D 68 1.30 -38.16 11.27
CA ILE D 68 2.39 -38.78 10.53
C ILE D 68 2.39 -38.35 9.07
N TYR D 69 1.24 -37.91 8.56
CA TYR D 69 1.17 -37.44 7.18
C TYR D 69 2.13 -36.28 6.96
N THR D 70 2.12 -35.29 7.86
CA THR D 70 3.04 -34.16 7.74
C THR D 70 4.48 -34.59 7.95
N VAL D 71 4.72 -35.57 8.82
CA VAL D 71 6.08 -36.07 9.02
C VAL D 71 6.63 -36.64 7.72
N LEU D 72 5.86 -37.51 7.07
CA LEU D 72 6.31 -38.10 5.81
C LEU D 72 6.45 -37.04 4.73
N GLN D 73 5.50 -36.12 4.65
CA GLN D 73 5.53 -35.09 3.62
C GLN D 73 6.76 -34.21 3.76
N THR D 74 7.13 -33.85 4.99
CA THR D 74 8.29 -33.01 5.19
C THR D 74 9.60 -33.77 5.10
N LYS D 75 9.62 -35.05 5.48
CA LYS D 75 10.84 -35.86 5.40
C LYS D 75 11.13 -36.36 4.00
N ALA D 76 10.13 -36.32 3.11
CA ALA D 76 10.34 -36.82 1.75
C ALA D 76 11.48 -36.11 1.05
N LYS D 77 11.60 -34.78 1.24
CA LYS D 77 12.63 -34.03 0.56
C LYS D 77 14.03 -34.46 0.99
N VAL D 78 14.25 -34.56 2.30
CA VAL D 78 15.59 -34.88 2.78
C VAL D 78 15.91 -36.35 2.55
N THR D 79 14.89 -37.22 2.46
CA THR D 79 15.17 -38.61 2.14
C THR D 79 15.47 -38.78 0.65
N GLY D 80 14.78 -38.03 -0.20
CA GLY D 80 15.09 -38.02 -1.62
C GLY D 80 16.46 -37.47 -1.93
N ASP D 81 16.84 -36.36 -1.29
CA ASP D 81 18.17 -35.79 -1.51
C ASP D 81 19.29 -36.73 -1.15
N GLU D 82 19.00 -37.90 -0.58
CA GLU D 82 20.00 -38.90 -0.27
C GLU D 82 19.81 -40.20 -1.03
N TRP D 83 18.57 -40.59 -1.34
CA TRP D 83 18.33 -41.86 -2.01
C TRP D 83 18.01 -41.73 -3.49
N GLY D 84 17.91 -40.52 -4.02
CA GLY D 84 17.63 -40.38 -5.44
C GLY D 84 16.29 -40.96 -5.82
N ASP D 85 16.29 -41.76 -6.90
CA ASP D 85 15.09 -42.39 -7.41
C ASP D 85 14.84 -43.75 -6.78
N ASN D 86 15.74 -44.20 -5.90
CA ASN D 86 15.57 -45.44 -5.18
C ASN D 86 14.75 -45.28 -3.90
N TYR D 87 13.95 -44.23 -3.82
CA TYR D 87 13.11 -43.95 -2.67
C TYR D 87 11.66 -44.07 -3.09
N PHE D 88 10.92 -44.97 -2.43
CA PHE D 88 9.51 -45.20 -2.73
C PHE D 88 8.70 -45.08 -1.45
N LEU D 89 7.41 -44.81 -1.62
CA LEU D 89 6.50 -44.59 -0.50
C LEU D 89 5.28 -45.49 -0.70
N VAL D 90 5.31 -46.67 -0.09
CA VAL D 90 4.16 -47.56 -0.14
C VAL D 90 3.03 -46.98 0.71
N GLY D 91 1.80 -47.15 0.24
CA GLY D 91 0.65 -46.61 0.93
C GLY D 91 -0.64 -47.21 0.43
N PRO D 92 -1.76 -46.79 1.01
CA PRO D 92 -3.06 -47.30 0.57
C PRO D 92 -3.68 -46.43 -0.52
N TYR D 93 -4.50 -47.06 -1.35
CA TYR D 93 -5.18 -46.37 -2.44
C TYR D 93 -6.45 -45.73 -1.93
N THR D 94 -6.58 -44.42 -2.11
CA THR D 94 -7.80 -43.69 -1.81
C THR D 94 -8.16 -42.84 -3.03
N GLU D 95 -9.45 -42.80 -3.35
CA GLU D 95 -9.90 -42.01 -4.50
C GLU D 95 -9.61 -40.54 -4.30
N GLN D 96 -9.92 -40.01 -3.11
CA GLN D 96 -9.68 -38.59 -2.84
C GLN D 96 -8.19 -38.27 -2.85
N GLY D 97 -7.38 -39.11 -2.20
CA GLY D 97 -5.95 -38.83 -2.12
C GLY D 97 -5.29 -38.84 -3.49
N VAL D 98 -5.62 -39.81 -4.32
CA VAL D 98 -5.09 -39.85 -5.68
C VAL D 98 -5.61 -38.66 -6.48
N ARG D 99 -6.90 -38.35 -6.34
CA ARG D 99 -7.52 -37.32 -7.16
C ARG D 99 -6.98 -35.92 -6.83
N THR D 100 -6.48 -35.72 -5.61
CA THR D 100 -6.00 -34.39 -5.23
C THR D 100 -4.49 -34.29 -5.06
N GLN D 101 -3.78 -35.41 -4.90
CA GLN D 101 -2.38 -35.37 -4.49
C GLN D 101 -1.43 -36.24 -5.30
N VAL D 102 -1.92 -37.25 -5.99
CA VAL D 102 -1.05 -38.23 -6.67
C VAL D 102 -1.23 -38.08 -8.16
N GLU D 103 -0.11 -37.90 -8.87
CA GLU D 103 -0.07 -37.85 -10.32
C GLU D 103 0.41 -39.21 -10.81
N LEU D 104 -0.48 -40.01 -11.38
CA LEU D 104 -0.10 -41.36 -11.79
C LEU D 104 0.91 -41.33 -12.92
N LEU D 105 1.94 -42.15 -12.81
CA LEU D 105 3.02 -42.18 -13.79
C LEU D 105 3.23 -43.57 -14.36
N GLU D 106 4.29 -43.71 -15.15
CA GLU D 106 4.76 -45.00 -15.65
C GLU D 106 6.08 -45.31 -14.96
N ALA D 107 6.20 -46.53 -14.44
CA ALA D 107 7.32 -46.86 -13.58
C ALA D 107 8.65 -46.72 -14.33
N PRO D 108 9.72 -46.32 -13.63
CA PRO D 108 10.99 -46.04 -14.31
C PRO D 108 11.96 -47.22 -14.42
N THR D 109 11.70 -48.35 -13.79
CA THR D 109 12.61 -49.48 -13.91
C THR D 109 11.87 -50.72 -14.39
N PRO D 110 12.48 -51.52 -15.28
CA PRO D 110 11.76 -52.67 -15.83
C PRO D 110 11.27 -53.66 -14.78
N ALA D 111 12.06 -53.87 -13.73
CA ALA D 111 11.60 -54.70 -12.62
C ALA D 111 10.33 -54.13 -12.01
N LEU D 112 10.20 -52.80 -11.97
CA LEU D 112 9.01 -52.19 -11.38
C LEU D 112 7.79 -52.39 -12.27
N LYS D 113 7.94 -52.26 -13.59
CA LYS D 113 6.82 -52.59 -14.47
C LYS D 113 6.43 -54.06 -14.33
N ARG D 114 7.41 -54.95 -14.28
CA ARG D 114 7.09 -56.37 -14.16
C ARG D 114 6.36 -56.66 -12.86
N THR D 115 6.80 -56.05 -11.77
CA THR D 115 6.12 -56.23 -10.48
C THR D 115 4.69 -55.72 -10.53
N LEU D 116 4.50 -54.50 -11.04
CA LEU D 116 3.15 -53.94 -11.11
C LEU D 116 2.25 -54.79 -11.99
N ASP D 117 2.75 -55.22 -13.14
CA ASP D 117 1.95 -56.01 -14.08
C ASP D 117 1.59 -57.35 -13.48
N SER D 118 2.54 -58.03 -12.84
CA SER D 118 2.26 -59.33 -12.23
C SER D 118 1.23 -59.19 -11.12
N MET D 119 1.38 -58.18 -10.27
CA MET D 119 0.45 -58.04 -9.16
C MET D 119 -0.92 -57.58 -9.63
N ASN D 120 -0.99 -56.82 -10.73
CA ASN D 120 -2.28 -56.40 -11.26
C ASN D 120 -2.99 -57.54 -11.97
N SER D 121 -2.23 -58.43 -12.62
CA SER D 121 -2.83 -59.58 -13.29
C SER D 121 -3.03 -60.76 -12.37
N LYS D 122 -2.55 -60.68 -11.12
CA LYS D 122 -2.73 -61.76 -10.15
C LYS D 122 -3.80 -61.43 -9.11
N GLY D 123 -4.76 -60.59 -9.48
CA GLY D 123 -5.93 -60.36 -8.65
C GLY D 123 -5.93 -59.08 -7.83
N CYS D 124 -4.95 -58.22 -7.99
CA CYS D 124 -4.87 -56.98 -7.23
C CYS D 124 -4.89 -55.79 -8.18
N LYS D 125 -4.98 -54.60 -7.61
CA LYS D 125 -4.95 -53.35 -8.38
C LYS D 125 -3.98 -52.40 -7.69
N VAL D 126 -2.82 -52.19 -8.31
CA VAL D 126 -1.74 -51.39 -7.74
C VAL D 126 -1.53 -50.17 -8.62
N TYR D 127 -1.37 -49.02 -7.99
CA TYR D 127 -1.19 -47.75 -8.69
C TYR D 127 0.23 -47.25 -8.43
N PHE D 128 0.87 -46.72 -9.46
CA PHE D 128 2.17 -46.09 -9.31
C PHE D 128 2.05 -44.62 -9.67
N GLY D 129 2.58 -43.76 -8.82
CA GLY D 129 2.42 -42.34 -9.08
C GLY D 129 3.51 -41.53 -8.43
N ARG D 130 3.35 -40.22 -8.51
CA ARG D 130 4.22 -39.27 -7.84
C ARG D 130 3.39 -38.45 -6.87
N TRP D 131 3.84 -38.36 -5.63
CA TRP D 131 3.17 -37.58 -4.61
C TRP D 131 3.51 -36.11 -4.82
N LEU D 132 2.49 -35.29 -5.00
CA LEU D 132 2.67 -33.88 -5.35
C LEU D 132 3.01 -33.07 -4.10
N ILE D 133 4.21 -33.30 -3.60
CA ILE D 133 4.79 -32.56 -2.49
C ILE D 133 6.23 -32.19 -2.87
N GLU D 134 6.93 -31.55 -1.94
CA GLU D 134 8.33 -31.23 -2.16
C GLU D 134 9.14 -32.52 -2.25
N GLY D 135 9.99 -32.61 -3.26
CA GLY D 135 10.72 -33.82 -3.56
C GLY D 135 10.04 -34.74 -4.55
N GLY D 136 8.72 -34.66 -4.67
CA GLY D 136 7.94 -35.48 -5.57
C GLY D 136 8.31 -36.96 -5.51
N PRO D 137 8.22 -37.57 -4.34
CA PRO D 137 8.61 -38.98 -4.22
C PRO D 137 7.63 -39.89 -4.96
N LEU D 138 8.15 -41.01 -5.45
CA LEU D 138 7.33 -41.98 -6.13
C LEU D 138 6.59 -42.85 -5.11
N VAL D 139 5.29 -43.01 -5.31
CA VAL D 139 4.43 -43.72 -4.38
C VAL D 139 3.86 -44.95 -5.07
N VAL D 140 3.79 -46.04 -4.32
CA VAL D 140 3.21 -47.30 -4.78
C VAL D 140 1.96 -47.51 -3.96
N LEU D 141 0.82 -47.05 -4.45
CA LEU D 141 -0.43 -47.16 -3.74
C LEU D 141 -1.08 -48.51 -4.01
N LEU D 142 -1.73 -49.06 -2.98
CA LEU D 142 -2.33 -50.37 -3.03
C LEU D 142 -3.80 -50.26 -2.65
N ASP D 143 -4.68 -50.85 -3.45
CA ASP D 143 -6.11 -50.88 -3.15
C ASP D 143 -6.37 -52.08 -2.25
N VAL D 144 -6.56 -51.82 -0.96
CA VAL D 144 -6.77 -52.91 -0.01
C VAL D 144 -8.12 -53.57 -0.23
N GLY D 145 -9.14 -52.79 -0.58
CA GLY D 145 -10.46 -53.38 -0.81
C GLY D 145 -10.49 -54.32 -1.99
N ALA D 146 -9.84 -53.94 -3.09
CA ALA D 146 -9.83 -54.78 -4.29
C ALA D 146 -9.15 -56.12 -4.06
N SER D 147 -8.33 -56.24 -3.02
CA SER D 147 -7.69 -57.51 -2.68
C SER D 147 -8.32 -58.16 -1.44
N ALA D 148 -9.53 -57.74 -1.07
CA ALA D 148 -10.18 -58.31 0.10
C ALA D 148 -10.61 -59.75 -0.12
N TRP D 149 -10.72 -60.20 -1.37
CA TRP D 149 -11.22 -61.54 -1.65
C TRP D 149 -10.33 -62.64 -1.07
N ALA D 150 -9.05 -62.34 -0.82
CA ALA D 150 -8.14 -63.30 -0.24
C ALA D 150 -8.03 -63.17 1.28
N LEU D 151 -8.72 -62.20 1.88
CA LEU D 151 -8.48 -61.86 3.28
C LEU D 151 -8.55 -63.10 4.16
N GLU D 152 -9.63 -63.89 4.04
CA GLU D 152 -9.77 -65.08 4.86
C GLU D 152 -8.56 -65.98 4.72
N ARG D 153 -8.20 -66.32 3.47
CA ARG D 153 -7.01 -67.13 3.25
C ARG D 153 -5.78 -66.44 3.83
N TRP D 154 -5.68 -65.13 3.60
CA TRP D 154 -4.56 -64.39 4.15
C TRP D 154 -4.52 -64.47 5.67
N LYS D 155 -5.70 -64.39 6.31
CA LYS D 155 -5.73 -64.54 7.76
C LYS D 155 -5.17 -65.89 8.17
N GLY D 156 -5.49 -66.94 7.41
CA GLY D 156 -4.90 -68.24 7.69
C GLY D 156 -3.39 -68.19 7.67
N GLU D 157 -2.83 -67.48 6.70
CA GLU D 157 -1.38 -67.30 6.66
C GLU D 157 -0.88 -66.62 7.93
N LEU D 158 -1.60 -65.59 8.39
CA LEU D 158 -1.23 -64.93 9.62
C LEU D 158 -1.29 -65.88 10.81
N TRP D 159 -2.12 -66.91 10.73
CA TRP D 159 -2.15 -67.94 11.77
C TRP D 159 -0.98 -68.90 11.66
N ASP D 160 -0.50 -69.17 10.45
CA ASP D 160 0.50 -70.21 10.25
C ASP D 160 1.93 -69.74 10.52
N THR D 161 2.14 -68.43 10.69
CA THR D 161 3.48 -67.90 10.88
C THR D 161 3.65 -67.05 12.12
N CYS D 162 2.59 -66.39 12.61
CA CYS D 162 2.72 -65.43 13.70
C CYS D 162 1.82 -65.70 14.88
N ASN D 163 0.89 -66.66 14.78
CA ASN D 163 -0.08 -66.94 15.85
C ASN D 163 -0.86 -65.69 16.25
N ILE D 164 -1.26 -64.90 15.25
CA ILE D 164 -2.03 -63.68 15.48
C ILE D 164 -3.37 -63.82 14.78
N GLY D 165 -4.45 -63.62 15.54
CA GLY D 165 -5.77 -63.65 14.98
C GLY D 165 -6.47 -62.31 15.09
N VAL D 166 -7.33 -61.99 14.14
CA VAL D 166 -8.04 -60.72 14.15
C VAL D 166 -9.54 -60.97 13.99
N PRO D 167 -10.39 -60.31 14.77
CA PRO D 167 -11.83 -60.47 14.61
C PRO D 167 -12.33 -59.83 13.32
N TRP D 168 -13.51 -60.27 12.90
CA TRP D 168 -14.10 -59.76 11.66
C TRP D 168 -14.55 -58.32 11.80
N TYR D 169 -14.97 -57.91 13.00
CA TYR D 169 -15.57 -56.59 13.16
C TYR D 169 -14.56 -55.45 13.19
N ASP D 170 -13.27 -55.75 13.30
CA ASP D 170 -12.24 -54.71 13.33
C ASP D 170 -11.88 -54.35 11.89
N ARG D 171 -12.62 -53.39 11.32
CA ARG D 171 -12.35 -52.97 9.95
C ARG D 171 -10.96 -52.37 9.81
N GLU D 172 -10.55 -51.58 10.81
CA GLU D 172 -9.22 -50.97 10.76
C GLU D 172 -8.13 -52.03 10.79
N ALA D 173 -8.26 -53.03 11.66
CA ALA D 173 -7.24 -54.08 11.74
C ALA D 173 -7.26 -54.97 10.51
N ASN D 174 -8.44 -55.24 9.94
CA ASN D 174 -8.50 -56.03 8.72
C ASN D 174 -7.88 -55.27 7.55
N ASP D 175 -8.10 -53.97 7.48
CA ASP D 175 -7.44 -53.15 6.47
C ASP D 175 -5.93 -53.17 6.68
N ALA D 176 -5.48 -53.13 7.93
CA ALA D 176 -4.05 -53.23 8.21
C ALA D 176 -3.49 -54.56 7.73
N VAL D 177 -4.22 -55.66 7.97
CA VAL D 177 -3.76 -56.98 7.53
C VAL D 177 -3.67 -57.03 6.01
N LEU D 178 -4.69 -56.52 5.32
CA LEU D 178 -4.65 -56.50 3.86
C LEU D 178 -3.48 -55.67 3.35
N PHE D 179 -3.26 -54.50 3.96
CA PHE D 179 -2.16 -53.64 3.56
C PHE D 179 -0.81 -54.31 3.78
N GLY D 180 -0.66 -55.00 4.91
CA GLY D 180 0.59 -55.68 5.19
C GLY D 180 0.87 -56.82 4.23
N PHE D 181 -0.15 -57.62 3.92
CA PHE D 181 0.04 -58.69 2.94
C PHE D 181 0.35 -58.12 1.56
N LEU D 182 -0.33 -57.04 1.18
CA LEU D 182 -0.05 -56.42 -0.11
C LEU D 182 1.37 -55.90 -0.18
N THR D 183 1.85 -55.24 0.89
CA THR D 183 3.21 -54.74 0.91
C THR D 183 4.23 -55.86 0.86
N THR D 184 4.00 -56.93 1.62
CA THR D 184 4.95 -58.05 1.59
C THR D 184 4.99 -58.69 0.22
N TRP D 185 3.82 -58.87 -0.41
CA TRP D 185 3.78 -59.43 -1.75
C TRP D 185 4.49 -58.52 -2.74
N PHE D 186 4.30 -57.20 -2.60
CA PHE D 186 4.98 -56.25 -3.47
C PHE D 186 6.50 -56.34 -3.32
N LEU D 187 6.98 -56.41 -2.07
CA LEU D 187 8.41 -56.48 -1.85
C LEU D 187 8.99 -57.78 -2.39
N GLY D 188 8.29 -58.90 -2.17
CA GLY D 188 8.78 -60.17 -2.70
C GLY D 188 8.82 -60.19 -4.21
N GLU D 189 7.77 -59.67 -4.85
CA GLU D 189 7.74 -59.63 -6.32
C GLU D 189 8.80 -58.68 -6.86
N PHE D 190 9.03 -57.55 -6.19
CA PHE D 190 10.06 -56.61 -6.61
C PHE D 190 11.44 -57.25 -6.53
N LEU D 191 11.69 -58.02 -5.47
CA LEU D 191 12.96 -58.73 -5.36
C LEU D 191 13.08 -59.82 -6.41
N ALA D 192 11.97 -60.50 -6.72
CA ALA D 192 12.01 -61.58 -7.70
C ALA D 192 12.26 -61.05 -9.11
N GLN D 193 11.57 -59.98 -9.49
CA GLN D 193 11.68 -59.45 -10.85
C GLN D 193 12.97 -58.68 -11.09
N SER D 194 13.73 -58.36 -10.05
CA SER D 194 14.98 -57.64 -10.23
C SER D 194 16.02 -58.58 -10.85
N GLU D 195 16.52 -58.19 -12.03
CA GLU D 195 17.55 -59.00 -12.69
C GLU D 195 18.80 -59.08 -11.84
N GLU D 196 19.20 -57.97 -11.22
CA GLU D 196 20.23 -57.95 -10.19
C GLU D 196 19.56 -57.64 -8.87
N LYS D 197 19.73 -58.53 -7.89
CA LYS D 197 19.03 -58.40 -6.63
C LYS D 197 19.61 -57.24 -5.83
N PRO D 198 18.82 -56.21 -5.51
CA PRO D 198 19.35 -55.10 -4.73
C PRO D 198 19.22 -55.31 -3.23
N HIS D 199 19.61 -54.31 -2.44
CA HIS D 199 19.40 -54.32 -1.00
C HIS D 199 18.19 -53.45 -0.69
N VAL D 200 17.17 -54.04 -0.11
CA VAL D 200 15.91 -53.36 0.16
C VAL D 200 15.84 -53.00 1.64
N VAL D 201 15.54 -51.74 1.92
CA VAL D 201 15.32 -51.26 3.28
C VAL D 201 13.86 -50.86 3.37
N ALA D 202 13.10 -51.61 4.17
CA ALA D 202 11.68 -51.35 4.37
C ALA D 202 11.49 -50.71 5.74
N HIS D 203 10.99 -49.49 5.76
CA HIS D 203 10.77 -48.74 6.99
C HIS D 203 9.26 -48.61 7.21
N PHE D 204 8.73 -49.38 8.14
CA PHE D 204 7.30 -49.36 8.45
C PHE D 204 7.02 -48.40 9.59
N HIS D 205 5.96 -47.62 9.44
CA HIS D 205 5.55 -46.66 10.46
C HIS D 205 4.24 -47.10 11.10
N GLU D 206 4.23 -47.19 12.43
CA GLU D 206 3.07 -47.55 13.24
C GLU D 206 2.60 -48.98 12.98
N TRP D 207 1.66 -49.44 13.81
CA TRP D 207 1.17 -50.81 13.72
C TRP D 207 0.35 -51.06 12.46
N LEU D 208 -0.34 -50.04 11.96
CA LEU D 208 -1.16 -50.22 10.76
C LEU D 208 -0.31 -50.69 9.59
N ALA D 209 0.86 -50.08 9.42
CA ALA D 209 1.81 -50.51 8.40
C ALA D 209 2.77 -51.59 8.90
N GLY D 210 2.68 -51.97 10.18
CA GLY D 210 3.70 -52.83 10.75
C GLY D 210 3.49 -54.31 10.55
N VAL D 211 2.25 -54.75 10.29
CA VAL D 211 1.99 -56.17 10.16
C VAL D 211 2.77 -56.78 9.01
N GLY D 212 2.90 -56.06 7.88
CA GLY D 212 3.71 -56.56 6.80
C GLY D 212 5.14 -56.85 7.21
N LEU D 213 5.65 -56.08 8.17
CA LEU D 213 6.99 -56.34 8.70
C LEU D 213 7.11 -57.78 9.17
N CYS D 214 6.12 -58.26 9.91
CA CYS D 214 6.14 -59.65 10.36
C CYS D 214 6.25 -60.59 9.17
N LEU D 215 5.46 -60.32 8.11
CA LEU D 215 5.52 -61.18 6.93
C LEU D 215 6.85 -61.05 6.22
N CYS D 216 7.49 -59.90 6.31
CA CYS D 216 8.83 -59.75 5.75
C CYS D 216 9.83 -60.64 6.49
N ARG D 217 9.52 -60.94 7.76
CA ARG D 217 10.42 -61.76 8.56
C ARG D 217 10.04 -63.23 8.54
N ALA D 218 8.79 -63.55 8.21
CA ALA D 218 8.32 -64.92 8.15
C ALA D 218 8.47 -65.54 6.77
N ARG D 219 9.07 -64.81 5.83
CA ARG D 219 9.33 -65.34 4.49
C ARG D 219 10.81 -65.25 4.12
N ARG D 220 11.67 -64.87 5.06
CA ARG D 220 13.11 -64.81 4.84
C ARG D 220 13.48 -63.95 3.64
N LEU D 221 12.72 -62.87 3.45
CA LEU D 221 13.04 -61.94 2.37
C LEU D 221 14.31 -61.17 2.70
N PRO D 222 15.21 -61.00 1.73
CA PRO D 222 16.44 -60.23 1.99
C PRO D 222 16.16 -58.74 2.12
N VAL D 223 15.50 -58.35 3.21
CA VAL D 223 15.08 -56.98 3.43
C VAL D 223 15.46 -56.55 4.84
N ALA D 224 15.96 -55.33 4.97
CA ALA D 224 16.27 -54.75 6.27
C ALA D 224 15.05 -53.97 6.74
N THR D 225 14.43 -54.45 7.82
CA THR D 225 13.17 -53.90 8.30
C THR D 225 13.41 -52.98 9.49
N ILE D 226 12.87 -51.77 9.41
CA ILE D 226 12.86 -50.81 10.50
C ILE D 226 11.41 -50.60 10.91
N PHE D 227 11.18 -50.44 12.21
CA PHE D 227 9.85 -50.16 12.72
C PHE D 227 9.91 -48.87 13.54
N THR D 228 9.04 -47.92 13.22
CA THR D 228 8.94 -46.68 13.97
C THR D 228 7.55 -46.56 14.56
N THR D 229 7.47 -46.34 15.87
CA THR D 229 6.20 -46.10 16.56
C THR D 229 6.14 -44.64 16.94
N HIS D 230 5.15 -43.93 16.40
CA HIS D 230 4.93 -42.54 16.75
C HIS D 230 4.07 -42.38 17.99
N ALA D 231 3.48 -43.47 18.48
CA ALA D 231 2.73 -43.50 19.73
C ALA D 231 2.45 -44.94 20.10
N THR D 232 2.74 -45.33 21.34
CA THR D 232 2.42 -46.67 21.78
C THR D 232 0.90 -46.84 21.83
N LEU D 233 0.44 -48.05 21.50
CA LEU D 233 -0.99 -48.26 21.27
C LEU D 233 -1.77 -48.25 22.59
N LEU D 234 -1.27 -48.95 23.60
CA LEU D 234 -1.96 -48.99 24.88
C LEU D 234 -1.79 -47.71 25.69
N GLY D 235 -0.83 -46.85 25.32
CA GLY D 235 -0.56 -45.67 26.12
C GLY D 235 -1.74 -44.73 26.20
N ARG D 236 -2.42 -44.52 25.06
CA ARG D 236 -3.56 -43.60 25.04
C ARG D 236 -4.67 -44.09 25.96
N TYR D 237 -5.00 -45.37 25.88
CA TYR D 237 -6.06 -45.93 26.70
C TYR D 237 -5.67 -45.94 28.18
N LEU D 238 -4.42 -46.29 28.49
CA LEU D 238 -3.99 -46.35 29.88
C LEU D 238 -3.94 -44.96 30.51
N CYS D 239 -3.47 -43.96 29.76
CA CYS D 239 -3.45 -42.61 30.30
C CYS D 239 -4.85 -42.03 30.42
N ALA D 240 -5.74 -42.40 29.50
CA ALA D 240 -7.13 -41.96 29.61
C ALA D 240 -7.82 -42.55 30.85
N GLY D 241 -7.27 -43.63 31.41
CA GLY D 241 -7.85 -44.20 32.62
C GLY D 241 -7.59 -43.40 33.88
N ALA D 242 -6.60 -42.51 33.86
CA ALA D 242 -6.25 -41.66 35.01
C ALA D 242 -5.95 -42.50 36.24
N VAL D 243 -5.09 -43.51 36.07
CA VAL D 243 -4.69 -44.40 37.15
C VAL D 243 -3.17 -44.31 37.30
N ASP D 244 -2.63 -43.10 37.06
CA ASP D 244 -1.19 -42.85 37.13
C ASP D 244 -0.44 -43.74 36.13
N PHE D 245 -0.69 -43.45 34.86
CA PHE D 245 -0.11 -44.23 33.77
C PHE D 245 1.41 -44.27 33.86
N TYR D 246 2.04 -43.11 34.04
CA TYR D 246 3.51 -43.07 34.05
C TYR D 246 4.08 -43.58 35.37
N ASN D 247 3.33 -43.47 36.46
CA ASN D 247 3.82 -43.97 37.74
C ASN D 247 3.74 -45.48 37.84
N ASN D 248 2.81 -46.11 37.12
CA ASN D 248 2.57 -47.55 37.21
C ASN D 248 3.04 -48.28 35.95
N LEU D 249 3.97 -47.69 35.21
CA LEU D 249 4.42 -48.28 33.96
C LEU D 249 4.96 -49.69 34.15
N GLU D 250 5.57 -49.95 35.30
CA GLU D 250 6.10 -51.28 35.62
C GLU D 250 5.10 -52.15 36.36
N ASN D 251 3.87 -51.69 36.55
CA ASN D 251 2.83 -52.45 37.23
C ASN D 251 1.58 -52.55 36.37
N PHE D 252 1.76 -52.79 35.07
CA PHE D 252 0.65 -52.99 34.15
C PHE D 252 0.65 -54.44 33.65
N ASN D 253 -0.54 -55.00 33.51
CA ASN D 253 -0.74 -56.26 32.80
C ASN D 253 -1.25 -55.89 31.41
N VAL D 254 -0.34 -55.92 30.44
CA VAL D 254 -0.64 -55.44 29.10
C VAL D 254 -1.74 -56.29 28.46
N ASP D 255 -1.65 -57.61 28.60
CA ASP D 255 -2.67 -58.48 28.04
C ASP D 255 -4.02 -58.25 28.71
N LYS D 256 -4.02 -58.09 30.04
CA LYS D 256 -5.28 -57.85 30.75
C LYS D 256 -5.90 -56.52 30.34
N GLU D 257 -5.08 -55.48 30.23
CA GLU D 257 -5.61 -54.18 29.82
C GLU D 257 -6.14 -54.22 28.39
N ALA D 258 -5.43 -54.90 27.50
CA ALA D 258 -5.92 -55.06 26.13
C ALA D 258 -7.24 -55.82 26.11
N GLY D 259 -7.34 -56.89 26.90
CA GLY D 259 -8.59 -57.63 26.96
C GLY D 259 -9.74 -56.79 27.51
N GLU D 260 -9.45 -55.93 28.48
CA GLU D 260 -10.47 -54.99 28.96
C GLU D 260 -10.89 -54.04 27.84
N ARG D 261 -9.95 -53.56 27.05
CA ARG D 261 -10.25 -52.66 25.95
C ARG D 261 -10.61 -53.39 24.66
N GLN D 262 -10.51 -54.72 24.65
CA GLN D 262 -10.85 -55.54 23.48
C GLN D 262 -10.01 -55.16 22.27
N ILE D 263 -8.75 -54.78 22.51
CA ILE D 263 -7.82 -54.44 21.44
C ILE D 263 -6.60 -55.35 21.53
N TYR D 264 -6.81 -56.59 21.97
CA TYR D 264 -5.68 -57.49 22.17
C TYR D 264 -5.00 -57.83 20.86
N HIS D 265 -5.76 -57.97 19.77
CA HIS D 265 -5.16 -58.27 18.48
C HIS D 265 -4.26 -57.14 18.00
N ARG D 266 -4.72 -55.90 18.15
CA ARG D 266 -3.90 -54.76 17.72
C ARG D 266 -2.61 -54.67 18.54
N TYR D 267 -2.71 -54.83 19.86
CA TYR D 267 -1.52 -54.81 20.70
C TYR D 267 -0.58 -55.95 20.33
N CYS D 268 -1.13 -57.14 20.07
CA CYS D 268 -0.30 -58.28 19.69
C CYS D 268 0.43 -58.02 18.38
N MET D 269 -0.26 -57.42 17.40
CA MET D 269 0.39 -57.21 16.11
C MET D 269 1.44 -56.11 16.19
N GLU D 270 1.20 -55.07 16.99
CA GLU D 270 2.24 -54.05 17.16
C GLU D 270 3.43 -54.61 17.91
N ARG D 271 3.19 -55.44 18.92
CA ARG D 271 4.30 -56.06 19.64
C ARG D 271 5.09 -56.99 18.73
N ALA D 272 4.40 -57.73 17.86
CA ALA D 272 5.09 -58.58 16.89
C ALA D 272 5.93 -57.75 15.92
N ALA D 273 5.39 -56.63 15.46
CA ALA D 273 6.15 -55.76 14.57
C ALA D 273 7.39 -55.22 15.26
N ALA D 274 7.26 -54.79 16.52
CA ALA D 274 8.41 -54.28 17.25
C ALA D 274 9.45 -55.37 17.51
N HIS D 275 9.00 -56.58 17.83
CA HIS D 275 9.92 -57.67 18.11
C HIS D 275 10.66 -58.11 16.85
N CYS D 276 9.96 -58.18 15.72
CA CYS D 276 10.56 -58.73 14.50
C CYS D 276 11.51 -57.76 13.81
N ALA D 277 11.31 -56.45 13.97
CA ALA D 277 12.09 -55.49 13.22
C ALA D 277 13.57 -55.61 13.51
N HIS D 278 14.40 -55.42 12.47
CA HIS D 278 15.84 -55.35 12.69
C HIS D 278 16.20 -54.18 13.58
N VAL D 279 15.61 -53.01 13.32
CA VAL D 279 15.87 -51.80 14.07
C VAL D 279 14.53 -51.28 14.57
N PHE D 280 14.46 -50.98 15.86
CA PHE D 280 13.28 -50.40 16.48
C PHE D 280 13.61 -48.97 16.87
N THR D 281 12.86 -48.02 16.32
CA THR D 281 13.05 -46.62 16.65
C THR D 281 11.76 -46.04 17.21
N THR D 282 11.88 -44.85 17.78
CA THR D 282 10.75 -44.15 18.37
C THR D 282 11.00 -42.67 18.23
N VAL D 283 9.92 -41.88 18.31
CA VAL D 283 10.03 -40.45 18.08
C VAL D 283 10.45 -39.67 19.32
N SER D 284 10.55 -40.32 20.47
CA SER D 284 10.87 -39.61 21.69
C SER D 284 11.41 -40.57 22.74
N GLN D 285 12.02 -40.01 23.77
CA GLN D 285 12.54 -40.81 24.87
C GLN D 285 11.43 -41.25 25.82
N ILE D 286 10.40 -40.44 26.00
CA ILE D 286 9.27 -40.83 26.83
C ILE D 286 8.49 -41.96 26.17
N THR D 287 8.27 -41.86 24.85
CA THR D 287 7.66 -42.97 24.13
C THR D 287 8.61 -44.16 24.07
N ALA D 288 9.92 -43.91 24.13
CA ALA D 288 10.88 -45.01 24.21
C ALA D 288 10.71 -45.78 25.51
N ILE D 289 10.50 -45.09 26.62
CA ILE D 289 10.23 -45.75 27.89
C ILE D 289 8.90 -46.50 27.84
N GLU D 290 7.87 -45.86 27.25
CA GLU D 290 6.58 -46.52 27.09
C GLU D 290 6.74 -47.82 26.30
N ALA D 291 7.53 -47.79 25.22
CA ALA D 291 7.73 -48.97 24.41
C ALA D 291 8.58 -50.01 25.11
N GLN D 292 9.54 -49.59 25.92
CA GLN D 292 10.34 -50.55 26.67
C GLN D 292 9.49 -51.29 27.69
N HIS D 293 8.53 -50.61 28.31
CA HIS D 293 7.73 -51.26 29.34
C HIS D 293 6.48 -51.94 28.81
N LEU D 294 5.96 -51.50 27.66
CA LEU D 294 4.73 -52.07 27.09
C LEU D 294 5.01 -53.04 25.95
N LEU D 295 5.82 -52.62 24.97
CA LEU D 295 6.19 -53.50 23.86
C LEU D 295 7.34 -54.43 24.22
N LYS D 296 7.94 -54.26 25.39
CA LYS D 296 9.00 -55.15 25.88
C LYS D 296 10.21 -55.18 24.96
N ARG D 297 10.54 -54.03 24.38
CA ARG D 297 11.76 -53.90 23.61
C ARG D 297 12.26 -52.46 23.72
N LYS D 298 13.53 -52.31 24.04
CA LYS D 298 14.13 -50.99 24.12
C LYS D 298 14.51 -50.51 22.73
N PRO D 299 14.05 -49.33 22.30
CA PRO D 299 14.39 -48.84 20.96
C PRO D 299 15.89 -48.68 20.77
N ASP D 300 16.33 -48.96 19.54
CA ASP D 300 17.74 -48.81 19.21
C ASP D 300 18.12 -47.34 19.05
N ILE D 301 17.30 -46.55 18.37
CA ILE D 301 17.52 -45.12 18.21
C ILE D 301 16.21 -44.41 18.50
N VAL D 302 16.31 -43.15 18.91
CA VAL D 302 15.17 -42.25 18.98
C VAL D 302 15.28 -41.31 17.79
N THR D 303 14.23 -41.26 16.97
CA THR D 303 14.22 -40.48 15.74
C THR D 303 13.18 -39.38 15.87
N PRO D 304 13.56 -38.19 16.34
CA PRO D 304 12.59 -37.12 16.55
C PRO D 304 11.99 -36.64 15.25
N ASN D 305 10.76 -36.14 15.34
CA ASN D 305 10.13 -35.52 14.19
C ASN D 305 10.71 -34.14 13.95
N GLY D 306 10.88 -33.78 12.68
CA GLY D 306 11.40 -32.50 12.29
C GLY D 306 10.41 -31.75 11.42
N LEU D 307 10.79 -30.52 11.09
CA LEU D 307 9.98 -29.66 10.26
C LEU D 307 10.81 -29.12 9.11
N ASN D 308 10.13 -28.73 8.03
CA ASN D 308 10.79 -28.06 6.92
C ASN D 308 10.80 -26.55 7.20
N VAL D 309 11.63 -26.16 8.16
CA VAL D 309 11.71 -24.76 8.56
C VAL D 309 12.18 -23.94 7.37
N LYS D 310 11.51 -22.81 7.14
CA LYS D 310 11.75 -22.04 5.92
C LYS D 310 11.80 -20.54 6.19
N LYS D 311 12.07 -20.13 7.44
CA LYS D 311 11.97 -18.74 7.84
C LYS D 311 10.58 -18.21 7.54
N PHE D 312 9.61 -18.79 8.26
CA PHE D 312 8.18 -18.63 8.01
C PHE D 312 7.76 -17.21 7.62
N GLU D 317 9.68 -10.27 9.07
CA GLU D 317 10.80 -10.80 9.83
C GLU D 317 10.31 -11.61 11.04
N PHE D 318 10.70 -11.17 12.23
CA PHE D 318 10.35 -11.87 13.46
C PHE D 318 9.72 -10.92 14.47
N GLN D 319 10.22 -9.68 14.54
CA GLN D 319 9.58 -8.63 15.32
C GLN D 319 8.70 -7.73 14.48
N ASN D 320 8.71 -7.89 13.16
CA ASN D 320 7.72 -7.24 12.31
C ASN D 320 6.41 -8.04 12.29
N LEU D 321 6.53 -9.34 12.04
CA LEU D 321 5.36 -10.21 12.09
C LEU D 321 4.77 -10.25 13.49
N HIS D 322 5.62 -10.30 14.51
CA HIS D 322 5.11 -10.27 15.88
C HIS D 322 4.38 -8.96 16.15
N ALA D 323 4.92 -7.84 15.68
CA ALA D 323 4.27 -6.55 15.92
C ALA D 323 2.92 -6.47 15.23
N GLN D 324 2.86 -6.89 13.96
CA GLN D 324 1.59 -6.83 13.23
C GLN D 324 0.55 -7.76 13.83
N SER D 325 0.95 -8.99 14.16
CA SER D 325 0.02 -9.94 14.74
C SER D 325 -0.43 -9.50 16.13
N LYS D 326 0.48 -8.92 16.91
CA LYS D 326 0.11 -8.41 18.21
C LYS D 326 -0.87 -7.25 18.08
N ALA D 327 -0.70 -6.42 17.05
CA ALA D 327 -1.67 -5.36 16.80
C ALA D 327 -3.04 -5.93 16.47
N ARG D 328 -3.09 -6.98 15.64
CA ARG D 328 -4.38 -7.60 15.32
C ARG D 328 -5.02 -8.23 16.55
N ILE D 329 -4.22 -8.88 17.40
CA ILE D 329 -4.75 -9.48 18.61
C ILE D 329 -5.25 -8.38 19.56
N GLN D 330 -4.54 -7.26 19.62
CA GLN D 330 -4.98 -6.14 20.43
C GLN D 330 -6.31 -5.59 19.95
N GLU D 331 -6.48 -5.51 18.62
CA GLU D 331 -7.76 -5.08 18.08
C GLU D 331 -8.88 -6.05 18.45
N PHE D 332 -8.61 -7.35 18.36
CA PHE D 332 -9.63 -8.32 18.76
C PHE D 332 -9.99 -8.17 20.24
N VAL D 333 -8.98 -7.99 21.09
CA VAL D 333 -9.23 -7.86 22.52
C VAL D 333 -9.98 -6.57 22.82
N ARG D 334 -9.70 -5.52 22.05
CA ARG D 334 -10.44 -4.27 22.20
C ARG D 334 -11.90 -4.46 21.84
N GLY D 335 -12.17 -5.18 20.75
CA GLY D 335 -13.55 -5.44 20.39
C GLY D 335 -14.27 -6.29 21.42
N HIS D 336 -13.63 -7.37 21.86
CA HIS D 336 -14.28 -8.32 22.76
C HIS D 336 -14.62 -7.67 24.10
N PHE D 337 -13.73 -6.85 24.63
CA PHE D 337 -13.88 -6.25 25.95
C PHE D 337 -14.41 -4.82 25.88
N TYR D 338 -15.18 -4.49 24.85
CA TYR D 338 -15.68 -3.13 24.71
C TYR D 338 -16.58 -2.76 25.88
N GLY D 339 -16.42 -1.55 26.39
CA GLY D 339 -17.09 -1.15 27.59
C GLY D 339 -16.45 -1.64 28.86
N HIS D 340 -15.36 -2.41 28.76
CA HIS D 340 -14.64 -2.92 29.91
C HIS D 340 -13.13 -2.77 29.76
N LEU D 341 -12.69 -1.85 28.90
CA LEU D 341 -11.26 -1.67 28.61
C LEU D 341 -10.62 -0.75 29.65
N ASP D 342 -10.70 -1.18 30.91
CA ASP D 342 -10.18 -0.40 32.03
C ASP D 342 -8.74 -0.74 32.36
N PHE D 343 -8.10 -1.62 31.59
CA PHE D 343 -6.74 -2.05 31.86
C PHE D 343 -5.80 -1.59 30.76
N ASN D 344 -4.52 -1.46 31.11
CA ASN D 344 -3.51 -1.07 30.15
C ASN D 344 -3.26 -2.19 29.16
N LEU D 345 -3.43 -1.91 27.87
CA LEU D 345 -3.17 -2.89 26.84
C LEU D 345 -1.71 -2.95 26.43
N ASP D 346 -0.89 -2.00 26.89
CA ASP D 346 0.54 -2.04 26.65
C ASP D 346 1.28 -2.93 27.63
N LYS D 347 0.62 -3.38 28.69
CA LYS D 347 1.19 -4.30 29.67
C LYS D 347 0.42 -5.62 29.69
N THR D 348 -0.26 -5.94 28.59
CA THR D 348 -1.05 -7.16 28.49
C THR D 348 -0.23 -8.24 27.79
N LEU D 349 -0.19 -9.42 28.40
CA LEU D 349 0.55 -10.56 27.88
C LEU D 349 -0.43 -11.60 27.34
N TYR D 350 -0.16 -12.07 26.13
CA TYR D 350 -1.04 -13.01 25.44
C TYR D 350 -0.45 -14.41 25.53
N PHE D 351 -1.07 -15.25 26.35
CA PHE D 351 -0.76 -16.67 26.42
C PHE D 351 -1.74 -17.44 25.56
N PHE D 352 -1.36 -18.65 25.16
CA PHE D 352 -2.27 -19.45 24.36
C PHE D 352 -1.96 -20.93 24.51
N ILE D 353 -3.00 -21.74 24.34
CA ILE D 353 -2.89 -23.19 24.23
C ILE D 353 -3.76 -23.61 23.04
N ALA D 354 -3.27 -24.57 22.27
CA ALA D 354 -3.95 -25.01 21.07
C ALA D 354 -3.82 -26.53 20.95
N GLY D 355 -4.41 -27.06 19.89
CA GLY D 355 -4.34 -28.49 19.59
C GLY D 355 -5.70 -29.15 19.72
N ARG D 356 -5.66 -30.48 19.69
CA ARG D 356 -6.89 -31.26 19.84
C ARG D 356 -7.50 -31.02 21.21
N TYR D 357 -8.82 -31.07 21.27
CA TYR D 357 -9.56 -30.72 22.48
C TYR D 357 -9.60 -31.94 23.40
N GLU D 358 -8.47 -32.19 24.05
CA GLU D 358 -8.32 -33.26 25.02
C GLU D 358 -7.96 -32.62 26.35
N PHE D 359 -8.91 -32.56 27.28
CA PHE D 359 -8.73 -31.79 28.50
C PHE D 359 -7.58 -32.34 29.34
N SER D 360 -7.61 -33.64 29.63
CA SER D 360 -6.59 -34.23 30.49
C SER D 360 -5.26 -34.40 29.76
N ASN D 361 -5.30 -34.85 28.51
CA ASN D 361 -4.07 -35.16 27.79
C ASN D 361 -3.29 -33.91 27.45
N LYS D 362 -3.96 -32.87 26.98
CA LYS D 362 -3.29 -31.63 26.62
C LYS D 362 -2.99 -30.76 27.83
N GLY D 363 -3.40 -31.17 29.02
CA GLY D 363 -3.11 -30.43 30.24
C GLY D 363 -3.79 -29.08 30.32
N ALA D 364 -5.00 -28.96 29.79
CA ALA D 364 -5.72 -27.69 29.87
C ALA D 364 -6.21 -27.42 31.29
N ASP D 365 -6.49 -28.46 32.07
CA ASP D 365 -6.88 -28.26 33.46
C ASP D 365 -5.73 -27.68 34.28
N VAL D 366 -4.50 -28.15 34.04
CA VAL D 366 -3.34 -27.59 34.71
C VAL D 366 -3.14 -26.13 34.32
N PHE D 367 -3.33 -25.82 33.04
CA PHE D 367 -3.24 -24.44 32.59
C PHE D 367 -4.28 -23.57 33.27
N LEU D 368 -5.52 -24.06 33.39
CA LEU D 368 -6.56 -23.24 34.01
C LEU D 368 -6.31 -23.04 35.50
N GLU D 369 -5.86 -24.08 36.20
CA GLU D 369 -5.55 -23.92 37.62
C GLU D 369 -4.40 -22.96 37.83
N ALA D 370 -3.35 -23.06 37.00
CA ALA D 370 -2.25 -22.11 37.08
C ALA D 370 -2.69 -20.70 36.72
N LEU D 371 -3.66 -20.56 35.81
CA LEU D 371 -4.18 -19.24 35.49
C LEU D 371 -4.92 -18.63 36.68
N ALA D 372 -5.70 -19.43 37.39
CA ALA D 372 -6.36 -18.93 38.59
C ALA D 372 -5.34 -18.52 39.66
N ARG D 373 -4.34 -19.35 39.88
CA ARG D 373 -3.31 -19.03 40.86
C ARG D 373 -2.54 -17.77 40.46
N LEU D 374 -2.24 -17.62 39.17
CA LEU D 374 -1.55 -16.44 38.69
C LEU D 374 -2.42 -15.20 38.79
N ASN D 375 -3.72 -15.35 38.59
CA ASN D 375 -4.64 -14.23 38.81
C ASN D 375 -4.58 -13.76 40.26
N TYR D 376 -4.60 -14.71 41.19
CA TYR D 376 -4.45 -14.35 42.60
C TYR D 376 -3.11 -13.67 42.86
N LEU D 377 -2.03 -14.19 42.27
CA LEU D 377 -0.71 -13.61 42.49
C LEU D 377 -0.62 -12.19 41.94
N LEU D 378 -1.21 -11.95 40.78
CA LEU D 378 -1.20 -10.62 40.19
C LEU D 378 -2.06 -9.65 40.99
N ARG D 379 -3.19 -10.12 41.52
CA ARG D 379 -4.05 -9.24 42.30
C ARG D 379 -3.42 -8.87 43.63
N VAL D 380 -2.89 -9.87 44.35
CA VAL D 380 -2.34 -9.59 45.68
C VAL D 380 -1.12 -8.68 45.58
N ASN D 381 -0.24 -8.95 44.62
CA ASN D 381 0.97 -8.16 44.45
C ASN D 381 0.69 -6.81 43.78
N GLY D 382 -0.54 -6.57 43.33
CA GLY D 382 -0.86 -5.30 42.72
C GLY D 382 -0.20 -5.08 41.38
N SER D 383 0.27 -6.13 40.73
CA SER D 383 0.91 -6.00 39.43
C SER D 383 -0.13 -5.59 38.40
N GLU D 384 0.08 -4.42 37.78
CA GLU D 384 -0.84 -3.92 36.78
C GLU D 384 -0.78 -4.69 35.47
N GLN D 385 -0.01 -5.77 35.42
CA GLN D 385 0.01 -6.62 34.25
C GLN D 385 -1.35 -7.30 34.08
N THR D 386 -1.76 -7.46 32.83
CA THR D 386 -2.94 -8.22 32.47
C THR D 386 -2.51 -9.38 31.58
N VAL D 387 -3.18 -10.51 31.71
CA VAL D 387 -2.87 -11.70 30.95
C VAL D 387 -4.15 -12.15 30.25
N VAL D 388 -4.14 -12.18 28.93
CA VAL D 388 -5.24 -12.72 28.14
C VAL D 388 -4.83 -14.10 27.66
N ALA D 389 -5.54 -15.12 28.11
CA ALA D 389 -5.25 -16.50 27.77
C ALA D 389 -6.26 -16.99 26.73
N PHE D 390 -5.74 -17.44 25.59
CA PHE D 390 -6.56 -17.96 24.51
C PHE D 390 -6.57 -19.47 24.56
N PHE D 391 -7.75 -20.06 24.42
CA PHE D 391 -7.91 -21.51 24.35
C PHE D 391 -8.42 -21.83 22.96
N ILE D 392 -7.50 -22.10 22.03
CA ILE D 392 -7.83 -22.40 20.65
C ILE D 392 -7.97 -23.91 20.56
N MET D 393 -9.13 -24.42 20.93
CA MET D 393 -9.34 -25.87 20.94
C MET D 393 -10.71 -26.18 20.35
N PRO D 394 -10.76 -26.76 19.15
CA PRO D 394 -12.05 -26.94 18.47
C PRO D 394 -12.98 -27.86 19.26
N ALA D 395 -14.26 -27.49 19.25
CA ALA D 395 -15.28 -28.26 19.93
C ALA D 395 -16.54 -28.24 19.06
N ARG D 396 -17.63 -28.77 19.59
CA ARG D 396 -18.90 -28.86 18.89
C ARG D 396 -19.71 -27.61 19.23
N THR D 397 -19.73 -26.65 18.31
CA THR D 397 -20.35 -25.35 18.55
C THR D 397 -21.36 -25.04 17.46
N ASN D 398 -22.37 -24.24 17.81
CA ASN D 398 -23.41 -23.89 16.85
C ASN D 398 -22.98 -22.73 15.95
N ASN D 399 -22.78 -21.56 16.53
CA ASN D 399 -22.40 -20.36 15.79
C ASN D 399 -21.73 -19.38 16.73
N PHE D 400 -21.42 -18.19 16.22
CA PHE D 400 -20.75 -17.16 17.00
C PHE D 400 -21.69 -16.57 18.03
N ASN D 401 -21.14 -16.21 19.18
CA ASN D 401 -21.93 -15.58 20.23
C ASN D 401 -22.37 -14.18 19.79
N VAL D 402 -23.52 -13.74 20.32
CA VAL D 402 -24.03 -12.43 19.95
C VAL D 402 -23.19 -11.32 20.55
N GLU D 403 -22.75 -11.50 21.81
CA GLU D 403 -21.92 -10.48 22.45
C GLU D 403 -20.60 -10.29 21.71
N THR D 404 -20.01 -11.39 21.25
CA THR D 404 -18.71 -11.30 20.59
C THR D 404 -18.82 -10.61 19.25
N LEU D 405 -19.85 -10.95 18.46
CA LEU D 405 -20.06 -10.28 17.18
C LEU D 405 -20.38 -8.81 17.39
N LYS D 406 -21.19 -8.50 18.42
CA LYS D 406 -21.49 -7.11 18.71
C LYS D 406 -20.24 -6.34 19.10
N GLY D 407 -19.35 -6.96 19.86
CA GLY D 407 -18.11 -6.30 20.23
C GLY D 407 -17.22 -6.02 19.04
N GLN D 408 -17.10 -6.98 18.13
CA GLN D 408 -16.31 -6.74 16.93
C GLN D 408 -16.90 -5.63 16.08
N ALA D 409 -18.23 -5.60 15.94
CA ALA D 409 -18.88 -4.55 15.17
C ALA D 409 -18.69 -3.19 15.85
N VAL D 410 -18.77 -3.14 17.17
CA VAL D 410 -18.57 -1.90 17.91
C VAL D 410 -17.15 -1.39 17.71
N ARG D 411 -16.16 -2.28 17.77
CA ARG D 411 -14.78 -1.87 17.54
C ARG D 411 -14.59 -1.36 16.13
N LYS D 412 -15.20 -2.02 15.15
CA LYS D 412 -15.12 -1.53 13.77
C LYS D 412 -15.70 -0.14 13.64
N GLN D 413 -16.86 0.10 14.27
CA GLN D 413 -17.48 1.42 14.21
C GLN D 413 -16.62 2.48 14.88
N LEU D 414 -16.06 2.17 16.04
CA LEU D 414 -15.16 3.10 16.71
C LEU D 414 -13.94 3.41 15.85
N TRP D 415 -13.36 2.38 15.22
CA TRP D 415 -12.22 2.60 14.36
C TRP D 415 -12.56 3.49 13.18
N ASP D 416 -13.71 3.24 12.54
CA ASP D 416 -14.12 4.06 11.40
C ASP D 416 -14.36 5.50 11.83
N THR D 417 -15.02 5.70 12.97
CA THR D 417 -15.24 7.06 13.47
C THR D 417 -13.92 7.77 13.75
N ALA D 418 -13.00 7.07 14.40
CA ALA D 418 -11.71 7.68 14.73
C ALA D 418 -10.94 8.03 13.47
N ASN D 419 -10.93 7.15 12.47
CA ASN D 419 -10.24 7.47 11.23
C ASN D 419 -10.87 8.66 10.53
N THR D 420 -12.20 8.72 10.49
CA THR D 420 -12.86 9.83 9.80
C THR D 420 -12.53 11.15 10.46
N VAL D 421 -12.69 11.22 11.79
CA VAL D 421 -12.39 12.44 12.51
C VAL D 421 -10.91 12.80 12.39
N LYS D 422 -10.03 11.81 12.48
CA LYS D 422 -8.61 12.05 12.38
C LYS D 422 -8.22 12.58 11.00
N GLU D 423 -8.81 12.02 9.95
CA GLU D 423 -8.48 12.47 8.60
C GLU D 423 -8.95 13.90 8.35
N LYS D 424 -10.18 14.23 8.75
CA LYS D 424 -10.59 15.61 8.52
C LYS D 424 -9.85 16.58 9.44
N PHE D 425 -9.51 16.16 10.65
CA PHE D 425 -8.69 17.00 11.52
C PHE D 425 -7.32 17.24 10.91
N GLY D 426 -6.70 16.21 10.33
CA GLY D 426 -5.41 16.39 9.70
C GLY D 426 -5.48 17.28 8.48
N ARG D 427 -6.56 17.16 7.71
CA ARG D 427 -6.77 18.05 6.56
C ARG D 427 -6.88 19.51 7.01
N LYS D 428 -7.72 19.77 8.02
CA LYS D 428 -7.87 21.14 8.52
C LYS D 428 -6.58 21.64 9.14
N LEU D 429 -5.85 20.78 9.84
CA LEU D 429 -4.59 21.17 10.45
C LEU D 429 -3.56 21.54 9.40
N TYR D 430 -3.46 20.75 8.34
CA TYR D 430 -2.56 21.06 7.25
C TYR D 430 -2.93 22.39 6.60
N GLU D 431 -4.22 22.62 6.38
CA GLU D 431 -4.63 23.89 5.79
C GLU D 431 -4.27 25.07 6.70
N SER D 432 -4.51 24.93 8.01
CA SER D 432 -4.19 26.00 8.94
C SER D 432 -2.70 26.26 9.01
N LEU D 433 -1.89 25.21 9.00
CA LEU D 433 -0.45 25.39 9.02
C LEU D 433 0.05 26.06 7.74
N LEU D 434 -0.55 25.69 6.59
CA LEU D 434 -0.17 26.33 5.34
C LEU D 434 -0.53 27.80 5.33
N VAL D 435 -1.68 28.15 5.90
CA VAL D 435 -2.03 29.57 6.03
C VAL D 435 -1.03 30.27 6.96
N GLY D 436 -0.57 29.58 7.99
CA GLY D 436 0.42 30.15 8.89
C GLY D 436 -0.15 30.52 10.24
N SER D 437 -1.17 29.79 10.68
CA SER D 437 -1.87 30.10 11.92
C SER D 437 -1.86 28.88 12.82
N LEU D 438 -1.73 29.12 14.11
CA LEU D 438 -1.84 28.04 15.08
C LEU D 438 -3.30 27.62 15.19
N PRO D 439 -3.62 26.36 14.91
CA PRO D 439 -5.04 25.96 14.84
C PRO D 439 -5.71 26.02 16.20
N ASP D 440 -7.01 26.31 16.16
CA ASP D 440 -7.85 26.33 17.35
C ASP D 440 -8.63 25.02 17.40
N MET D 441 -8.33 24.19 18.41
CA MET D 441 -9.00 22.91 18.53
C MET D 441 -10.42 23.03 19.06
N ASN D 442 -10.81 24.19 19.60
CA ASN D 442 -12.20 24.40 19.97
C ASN D 442 -13.10 24.55 18.77
N LYS D 443 -12.53 24.66 17.56
CA LYS D 443 -13.31 24.88 16.35
C LYS D 443 -13.05 23.87 15.24
N MET D 444 -11.98 23.06 15.34
CA MET D 444 -11.70 22.10 14.28
C MET D 444 -12.64 20.90 14.31
N LEU D 445 -13.47 20.77 15.32
CA LEU D 445 -14.51 19.74 15.36
C LEU D 445 -15.85 20.39 15.06
N ASP D 446 -16.41 20.10 13.90
CA ASP D 446 -17.74 20.56 13.54
C ASP D 446 -18.78 19.67 14.22
N LYS D 447 -20.05 20.04 14.07
CA LYS D 447 -21.11 19.33 14.79
C LYS D 447 -21.23 17.89 14.33
N GLU D 448 -20.87 17.60 13.08
CA GLU D 448 -20.92 16.24 12.58
C GLU D 448 -19.99 15.33 13.35
N ASP D 449 -18.77 15.80 13.64
CA ASP D 449 -17.82 15.01 14.41
C ASP D 449 -18.33 14.72 15.80
N PHE D 450 -18.90 15.72 16.47
CA PHE D 450 -19.46 15.50 17.80
C PHE D 450 -20.60 14.50 17.76
N THR D 451 -21.47 14.61 16.74
CA THR D 451 -22.58 13.67 16.62
C THR D 451 -22.08 12.24 16.44
N MET D 452 -21.11 12.05 15.57
CA MET D 452 -20.65 10.69 15.29
C MET D 452 -19.81 10.12 16.44
N MET D 453 -19.06 10.98 17.15
CA MET D 453 -18.37 10.50 18.34
C MET D 453 -19.37 10.16 19.45
N LYS D 454 -20.44 10.92 19.59
CA LYS D 454 -21.48 10.57 20.57
C LYS D 454 -22.13 9.24 20.22
N ARG D 455 -22.35 9.00 18.92
CA ARG D 455 -22.87 7.70 18.49
C ARG D 455 -21.90 6.58 18.86
N ALA D 456 -20.61 6.80 18.66
CA ALA D 456 -19.62 5.81 19.07
C ALA D 456 -19.66 5.56 20.58
N ILE D 457 -19.73 6.63 21.37
CA ILE D 457 -19.77 6.50 22.83
C ILE D 457 -21.00 5.72 23.25
N PHE D 458 -22.15 5.99 22.64
CA PHE D 458 -23.34 5.22 22.95
C PHE D 458 -23.21 3.77 22.53
N ALA D 459 -22.47 3.52 21.45
CA ALA D 459 -22.22 2.13 21.04
C ALA D 459 -21.42 1.38 22.09
N THR D 460 -20.40 2.03 22.66
CA THR D 460 -19.53 1.34 23.62
C THR D 460 -20.21 1.04 24.95
N GLN D 461 -21.39 1.61 25.22
CA GLN D 461 -22.03 1.38 26.51
C GLN D 461 -22.39 -0.08 26.69
N ARG D 462 -22.07 -0.64 27.86
CA ARG D 462 -22.27 -2.06 28.10
C ARG D 462 -22.32 -2.31 29.60
N GLN D 463 -23.19 -3.22 30.01
CA GLN D 463 -23.37 -3.58 31.41
C GLN D 463 -22.86 -4.97 31.75
N SER D 464 -23.06 -5.93 30.85
CA SER D 464 -22.60 -7.29 31.10
C SER D 464 -21.10 -7.42 30.88
N PHE D 465 -20.54 -8.50 31.40
CA PHE D 465 -19.12 -8.80 31.24
C PHE D 465 -18.86 -9.51 29.93
N PRO D 466 -17.64 -9.44 29.41
CA PRO D 466 -17.32 -10.11 28.15
C PRO D 466 -17.48 -11.62 28.28
N PRO D 467 -17.99 -12.28 27.24
CA PRO D 467 -18.15 -13.73 27.30
C PRO D 467 -16.80 -14.43 27.35
N VAL D 468 -16.77 -15.56 28.07
CA VAL D 468 -15.58 -16.38 28.08
C VAL D 468 -15.39 -17.08 26.75
N CYS D 469 -16.46 -17.63 26.19
CA CYS D 469 -16.41 -18.35 24.93
C CYS D 469 -16.96 -17.48 23.80
N THR D 470 -16.29 -17.52 22.65
CA THR D 470 -16.69 -16.74 21.49
C THR D 470 -17.74 -17.43 20.65
N HIS D 471 -18.06 -18.68 20.92
CA HIS D 471 -19.06 -19.45 20.19
C HIS D 471 -20.17 -19.88 21.12
N ASN D 472 -21.23 -20.42 20.54
CA ASN D 472 -22.34 -21.00 21.30
C ASN D 472 -22.10 -22.51 21.38
N MET D 473 -21.73 -22.98 22.58
CA MET D 473 -21.42 -24.38 22.77
C MET D 473 -22.70 -25.20 22.84
N LEU D 474 -22.77 -26.26 22.02
CA LEU D 474 -23.93 -27.12 22.05
C LEU D 474 -24.08 -27.86 23.38
N ASP D 475 -22.97 -28.05 24.10
CA ASP D 475 -22.97 -28.70 25.40
C ASP D 475 -22.25 -27.78 26.38
N ASP D 476 -22.99 -26.83 26.96
CA ASP D 476 -22.41 -25.96 27.98
C ASP D 476 -22.10 -26.72 29.26
N SER D 477 -22.98 -27.65 29.65
CA SER D 477 -22.78 -28.40 30.88
C SER D 477 -21.68 -29.44 30.72
N SER D 478 -21.57 -30.04 29.53
CA SER D 478 -20.62 -31.12 29.31
C SER D 478 -19.22 -30.64 28.98
N ASP D 479 -19.02 -29.34 28.79
CA ASP D 479 -17.72 -28.82 28.41
C ASP D 479 -16.80 -28.77 29.62
N PRO D 480 -15.64 -29.44 29.59
CA PRO D 480 -14.73 -29.35 30.73
C PRO D 480 -14.08 -27.99 30.90
N ILE D 481 -13.77 -27.30 29.80
CA ILE D 481 -13.09 -26.02 29.92
C ILE D 481 -13.99 -24.98 30.56
N LEU D 482 -15.23 -24.86 30.08
CA LEU D 482 -16.16 -23.89 30.65
C LEU D 482 -16.51 -24.24 32.09
N THR D 483 -16.66 -25.53 32.39
CA THR D 483 -16.92 -25.95 33.77
C THR D 483 -15.78 -25.55 34.69
N THR D 484 -14.54 -25.77 34.24
CA THR D 484 -13.39 -25.40 35.06
C THR D 484 -13.30 -23.88 35.22
N ILE D 485 -13.59 -23.13 34.16
CA ILE D 485 -13.54 -21.68 34.23
C ILE D 485 -14.55 -21.15 35.23
N ARG D 486 -15.78 -21.65 35.17
CA ARG D 486 -16.79 -21.19 36.12
C ARG D 486 -16.54 -21.69 37.53
N ARG D 487 -15.83 -22.83 37.68
CA ARG D 487 -15.52 -23.32 39.01
C ARG D 487 -14.41 -22.50 39.65
N ILE D 488 -13.36 -22.16 38.90
CA ILE D 488 -12.22 -21.45 39.49
C ILE D 488 -12.47 -19.96 39.59
N GLY D 489 -13.41 -19.41 38.81
CA GLY D 489 -13.78 -18.02 38.95
C GLY D 489 -13.01 -17.06 38.07
N LEU D 490 -12.99 -17.31 36.77
CA LEU D 490 -12.36 -16.41 35.80
C LEU D 490 -13.46 -15.95 34.84
N PHE D 491 -14.16 -14.87 35.23
CA PHE D 491 -15.31 -14.40 34.48
C PHE D 491 -15.04 -13.10 33.73
N ASN D 492 -13.77 -12.76 33.52
CA ASN D 492 -13.38 -11.56 32.80
C ASN D 492 -13.93 -10.30 33.45
N SER D 493 -13.99 -10.31 34.78
CA SER D 493 -14.41 -9.14 35.53
C SER D 493 -13.26 -8.13 35.61
N SER D 494 -13.60 -6.92 36.08
CA SER D 494 -12.58 -5.87 36.17
C SER D 494 -11.51 -6.21 37.20
N ALA D 495 -11.91 -6.88 38.29
CA ALA D 495 -10.94 -7.24 39.33
C ALA D 495 -9.96 -8.30 38.84
N ASP D 496 -10.40 -9.21 37.97
CA ASP D 496 -9.54 -10.28 37.49
C ASP D 496 -8.43 -9.72 36.63
N ARG D 497 -7.19 -10.10 36.94
CA ARG D 497 -6.05 -9.74 36.11
C ARG D 497 -5.84 -10.70 34.96
N VAL D 498 -6.52 -11.84 34.96
CA VAL D 498 -6.42 -12.83 33.90
C VAL D 498 -7.77 -12.90 33.19
N LYS D 499 -7.80 -12.51 31.93
CA LYS D 499 -8.94 -12.69 31.05
C LYS D 499 -8.77 -13.98 30.26
N VAL D 500 -9.88 -14.65 29.99
CA VAL D 500 -9.88 -15.93 29.30
C VAL D 500 -10.80 -15.83 28.08
N ILE D 501 -10.28 -16.19 26.92
CA ILE D 501 -11.07 -16.24 25.69
C ILE D 501 -10.95 -17.64 25.12
N PHE D 502 -12.07 -18.35 25.04
CA PHE D 502 -12.12 -19.71 24.55
C PHE D 502 -12.68 -19.69 23.14
N HIS D 503 -11.84 -19.99 22.15
CA HIS D 503 -12.23 -19.99 20.75
C HIS D 503 -12.31 -21.43 20.27
N PRO D 504 -13.47 -22.08 20.35
CA PRO D 504 -13.59 -23.50 20.01
C PRO D 504 -13.75 -23.74 18.51
N GLU D 505 -12.78 -23.29 17.74
CA GLU D 505 -12.79 -23.47 16.30
C GLU D 505 -11.40 -23.17 15.76
N PHE D 506 -11.07 -23.80 14.63
CA PHE D 506 -9.79 -23.55 13.98
C PHE D 506 -9.71 -22.11 13.50
N LEU D 507 -8.58 -21.47 13.75
CA LEU D 507 -8.37 -20.10 13.31
C LEU D 507 -8.24 -20.06 11.79
N SER D 508 -9.08 -19.27 11.15
CA SER D 508 -9.08 -19.16 9.71
C SER D 508 -9.15 -17.69 9.30
N SER D 509 -8.64 -17.39 8.12
CA SER D 509 -8.74 -16.04 7.59
C SER D 509 -10.15 -15.69 7.15
N THR D 510 -11.04 -16.68 7.05
CA THR D 510 -12.43 -16.45 6.70
C THR D 510 -13.34 -16.28 7.91
N SER D 511 -12.80 -16.38 9.11
CA SER D 511 -13.59 -16.15 10.31
C SER D 511 -13.87 -14.66 10.45
N PRO D 512 -15.14 -14.25 10.59
CA PRO D 512 -15.42 -12.81 10.76
C PRO D 512 -14.78 -12.20 12.00
N LEU D 513 -14.64 -12.97 13.09
CA LEU D 513 -14.03 -12.44 14.31
C LEU D 513 -12.58 -12.03 14.08
N LEU D 514 -11.73 -13.01 13.80
CA LEU D 514 -10.28 -12.83 13.78
C LEU D 514 -9.76 -13.42 12.46
N PRO D 515 -9.84 -12.66 11.38
CA PRO D 515 -9.49 -13.20 10.05
C PRO D 515 -7.98 -13.36 9.86
N VAL D 516 -7.37 -14.15 10.74
CA VAL D 516 -5.98 -14.56 10.60
C VAL D 516 -5.88 -16.04 10.94
N ASP D 517 -5.07 -16.77 10.20
CA ASP D 517 -4.95 -18.20 10.41
C ASP D 517 -4.09 -18.47 11.66
N TYR D 518 -3.75 -19.73 11.88
CA TYR D 518 -3.06 -20.12 13.10
C TYR D 518 -1.68 -19.47 13.21
N GLU D 519 -0.92 -19.48 12.12
CA GLU D 519 0.46 -19.00 12.17
C GLU D 519 0.52 -17.52 12.53
N GLU D 520 -0.23 -16.69 11.81
CA GLU D 520 -0.22 -15.26 12.09
C GLU D 520 -0.77 -14.96 13.48
N PHE D 521 -1.80 -15.70 13.91
CA PHE D 521 -2.33 -15.45 15.24
C PHE D 521 -1.29 -15.72 16.32
N VAL D 522 -0.66 -16.89 16.27
CA VAL D 522 0.27 -17.26 17.35
C VAL D 522 1.61 -16.56 17.22
N ARG D 523 1.92 -15.96 16.08
CA ARG D 523 3.14 -15.15 16.00
C ARG D 523 3.06 -13.92 16.89
N GLY D 524 1.87 -13.39 17.11
CA GLY D 524 1.66 -12.23 17.95
C GLY D 524 1.40 -12.53 19.42
N CYS D 525 1.51 -13.78 19.83
CA CYS D 525 1.36 -14.15 21.22
C CYS D 525 2.72 -14.15 21.90
N HIS D 526 2.71 -13.95 23.22
CA HIS D 526 3.95 -13.84 23.98
C HIS D 526 4.45 -15.20 24.43
N LEU D 527 3.55 -16.09 24.81
CA LEU D 527 3.92 -17.38 25.36
C LEU D 527 2.88 -18.41 24.94
N GLY D 528 3.34 -19.63 24.67
CA GLY D 528 2.48 -20.76 24.47
C GLY D 528 2.67 -21.76 25.60
N VAL D 529 1.56 -22.19 26.19
CA VAL D 529 1.59 -23.10 27.33
C VAL D 529 1.01 -24.43 26.90
N PHE D 530 1.84 -25.47 26.89
CA PHE D 530 1.45 -26.81 26.49
C PHE D 530 1.83 -27.79 27.59
N PRO D 531 1.11 -27.79 28.71
CA PRO D 531 1.45 -28.66 29.84
C PRO D 531 0.85 -30.07 29.70
N SER D 532 1.12 -30.70 28.57
CA SER D 532 0.48 -31.96 28.22
C SER D 532 0.97 -33.11 29.09
N TYR D 533 0.08 -34.09 29.28
CA TYR D 533 0.38 -35.29 30.05
C TYR D 533 0.77 -36.46 29.15
N TYR D 534 0.01 -36.71 28.09
CA TYR D 534 0.32 -37.75 27.13
C TYR D 534 0.51 -37.08 25.77
N GLU D 535 1.76 -36.90 25.37
CA GLU D 535 2.10 -36.27 24.09
C GLU D 535 3.33 -36.98 23.58
N PRO D 536 3.18 -37.93 22.66
CA PRO D 536 4.35 -38.71 22.21
C PRO D 536 5.45 -37.86 21.60
N TRP D 537 5.12 -36.96 20.68
CA TRP D 537 6.09 -35.95 20.27
C TRP D 537 5.64 -34.54 20.62
N GLY D 538 4.50 -34.10 20.10
CA GLY D 538 4.02 -32.76 20.34
C GLY D 538 4.34 -31.82 19.20
N TYR D 539 3.37 -31.61 18.31
CA TYR D 539 3.60 -30.83 17.11
C TYR D 539 3.28 -29.36 17.30
N THR D 540 2.30 -29.06 18.15
CA THR D 540 1.99 -27.66 18.46
C THR D 540 3.15 -26.95 19.16
N PRO D 541 3.77 -27.50 20.21
CA PRO D 541 4.95 -26.82 20.77
C PRO D 541 6.08 -26.65 19.78
N ALA D 542 6.29 -27.65 18.91
CA ALA D 542 7.37 -27.57 17.94
C ALA D 542 7.12 -26.50 16.90
N GLU D 543 5.88 -26.38 16.41
CA GLU D 543 5.54 -25.29 15.50
C GLU D 543 5.66 -23.94 16.20
N CYS D 544 5.29 -23.88 17.48
CA CYS D 544 5.43 -22.64 18.25
C CYS D 544 6.90 -22.23 18.34
N THR D 545 7.79 -23.19 18.59
CA THR D 545 9.20 -22.88 18.72
C THR D 545 9.82 -22.51 17.37
N VAL D 546 9.41 -23.19 16.30
CA VAL D 546 9.92 -22.87 14.97
C VAL D 546 9.56 -21.44 14.59
N MET D 547 8.38 -20.99 14.98
CA MET D 547 7.95 -19.63 14.69
C MET D 547 8.49 -18.61 15.68
N GLY D 548 9.29 -19.03 16.66
CA GLY D 548 10.02 -18.13 17.50
C GLY D 548 9.35 -17.71 18.79
N ILE D 549 8.24 -18.33 19.16
CA ILE D 549 7.50 -17.95 20.36
C ILE D 549 8.00 -18.77 21.54
N PRO D 550 8.35 -18.16 22.66
CA PRO D 550 8.68 -18.94 23.86
C PRO D 550 7.51 -19.81 24.27
N SER D 551 7.81 -20.99 24.79
CA SER D 551 6.77 -21.97 25.05
C SER D 551 7.04 -22.71 26.34
N ILE D 552 5.96 -23.26 26.90
CA ILE D 552 6.01 -24.11 28.09
C ILE D 552 5.58 -25.50 27.67
N SER D 553 6.49 -26.46 27.80
CA SER D 553 6.21 -27.86 27.54
C SER D 553 6.49 -28.64 28.82
N THR D 554 6.43 -29.96 28.73
CA THR D 554 6.65 -30.82 29.88
C THR D 554 7.68 -31.88 29.53
N ASN D 555 8.19 -32.56 30.55
CA ASN D 555 9.09 -33.68 30.34
C ASN D 555 8.35 -34.98 30.07
N LEU D 556 7.03 -34.95 30.03
CA LEU D 556 6.22 -36.08 29.60
C LEU D 556 5.86 -36.00 28.13
N SER D 557 6.32 -34.98 27.43
CA SER D 557 6.14 -34.84 25.99
C SER D 557 7.47 -35.06 25.29
N GLY D 558 7.40 -35.55 24.06
CA GLY D 558 8.62 -35.83 23.32
C GLY D 558 9.41 -34.58 22.99
N PHE D 559 8.73 -33.51 22.59
CA PHE D 559 9.40 -32.26 22.32
C PHE D 559 10.08 -31.70 23.57
N GLY D 560 9.42 -31.80 24.71
CA GLY D 560 10.01 -31.33 25.94
C GLY D 560 11.26 -32.09 26.32
N CYS D 561 11.24 -33.42 26.18
CA CYS D 561 12.44 -34.22 26.43
C CYS D 561 13.56 -33.86 25.45
N PHE D 562 13.20 -33.67 24.18
CA PHE D 562 14.19 -33.31 23.16
C PHE D 562 14.90 -32.02 23.53
N MET D 563 14.13 -30.96 23.83
CA MET D 563 14.76 -29.69 24.17
C MET D 563 15.44 -29.72 25.54
N GLU D 564 14.94 -30.54 26.46
CA GLU D 564 15.63 -30.70 27.74
C GLU D 564 17.02 -31.29 27.55
N GLU D 565 17.13 -32.31 26.69
CA GLU D 565 18.43 -32.95 26.51
C GLU D 565 19.32 -32.22 25.50
N HIS D 566 18.79 -31.29 24.73
CA HIS D 566 19.60 -30.58 23.74
C HIS D 566 20.01 -29.17 24.16
N ILE D 567 19.60 -28.72 25.35
CA ILE D 567 19.82 -27.35 25.78
C ILE D 567 20.34 -27.38 27.21
N ALA D 568 21.39 -26.59 27.49
CA ALA D 568 21.94 -26.54 28.84
C ALA D 568 20.99 -25.87 29.81
N ASP D 569 20.48 -24.69 29.45
CA ASP D 569 19.51 -23.96 30.27
C ASP D 569 18.32 -23.62 29.39
N PRO D 570 17.32 -24.50 29.32
CA PRO D 570 16.20 -24.25 28.39
C PRO D 570 15.45 -22.96 28.66
N SER D 571 15.28 -22.57 29.93
CA SER D 571 14.49 -21.37 30.24
C SER D 571 15.13 -20.11 29.69
N ALA D 572 16.46 -20.12 29.51
CA ALA D 572 17.14 -18.98 28.92
C ALA D 572 16.70 -18.77 27.48
N TYR D 573 16.44 -19.85 26.76
CA TYR D 573 16.05 -19.79 25.36
C TYR D 573 14.56 -19.65 25.15
N GLY D 574 13.77 -19.66 26.23
CA GLY D 574 12.34 -19.54 26.12
C GLY D 574 11.56 -20.82 26.21
N ILE D 575 12.20 -21.92 26.56
CA ILE D 575 11.52 -23.20 26.74
C ILE D 575 11.47 -23.50 28.23
N TYR D 576 10.26 -23.59 28.77
CA TYR D 576 10.06 -23.93 30.17
C TYR D 576 9.51 -25.34 30.25
N ILE D 577 10.24 -26.23 30.91
CA ILE D 577 9.86 -27.64 30.97
C ILE D 577 9.31 -27.93 32.36
N LEU D 578 8.03 -28.27 32.42
CA LEU D 578 7.41 -28.72 33.67
C LEU D 578 7.91 -30.11 34.03
N ASP D 579 8.05 -30.35 35.34
CA ASP D 579 8.44 -31.66 35.85
C ASP D 579 7.18 -32.45 36.21
N ARG D 580 6.42 -32.78 35.17
CA ARG D 580 5.16 -33.50 35.36
C ARG D 580 5.34 -34.99 35.59
N ARG D 581 6.55 -35.52 35.41
CA ARG D 581 6.79 -36.94 35.56
C ARG D 581 7.11 -37.35 36.98
N PHE D 582 7.73 -36.45 37.75
CA PHE D 582 8.13 -36.75 39.13
C PHE D 582 7.46 -35.83 40.14
N ARG D 583 6.32 -35.24 39.80
CA ARG D 583 5.59 -34.37 40.69
C ARG D 583 4.11 -34.73 40.67
N SER D 584 3.45 -34.49 41.80
CA SER D 584 2.00 -34.58 41.85
C SER D 584 1.39 -33.40 41.09
N LEU D 585 0.13 -33.56 40.69
CA LEU D 585 -0.51 -32.57 39.84
C LEU D 585 -0.55 -31.21 40.53
N ASP D 586 -0.70 -31.20 41.86
CA ASP D 586 -0.66 -29.93 42.59
C ASP D 586 0.72 -29.28 42.47
N ASP D 587 1.79 -30.08 42.58
CA ASP D 587 3.13 -29.55 42.38
C ASP D 587 3.32 -29.06 40.95
N SER D 588 2.74 -29.77 39.99
CA SER D 588 2.82 -29.32 38.60
C SER D 588 2.13 -27.97 38.42
N CYS D 589 0.96 -27.79 39.03
CA CYS D 589 0.26 -26.51 38.93
C CYS D 589 1.05 -25.41 39.63
N SER D 590 1.67 -25.71 40.77
CA SER D 590 2.49 -24.71 41.44
C SER D 590 3.69 -24.32 40.61
N GLN D 591 4.36 -25.28 39.99
CA GLN D 591 5.51 -24.99 39.15
C GLN D 591 5.12 -24.20 37.91
N LEU D 592 3.98 -24.55 37.31
CA LEU D 592 3.48 -23.79 36.17
C LEU D 592 3.14 -22.37 36.57
N THR D 593 2.55 -22.19 37.75
CA THR D 593 2.28 -20.85 38.24
C THR D 593 3.57 -20.07 38.44
N SER D 594 4.60 -20.72 38.97
CA SER D 594 5.89 -20.06 39.11
C SER D 594 6.46 -19.67 37.75
N PHE D 595 6.35 -20.55 36.76
CA PHE D 595 6.82 -20.22 35.41
C PHE D 595 6.09 -19.01 34.85
N LEU D 596 4.75 -19.00 34.98
CA LEU D 596 3.96 -17.91 34.44
C LEU D 596 4.24 -16.60 35.16
N TYR D 597 4.40 -16.66 36.49
CA TYR D 597 4.71 -15.45 37.25
C TYR D 597 6.09 -14.93 36.94
N SER D 598 7.07 -15.83 36.74
CA SER D 598 8.40 -15.40 36.35
C SER D 598 8.39 -14.76 34.98
N PHE D 599 7.61 -15.31 34.04
CA PHE D 599 7.47 -14.69 32.74
C PHE D 599 6.82 -13.31 32.85
N CYS D 600 5.80 -13.18 33.70
CA CYS D 600 5.13 -11.90 33.88
C CYS D 600 6.07 -10.86 34.50
N GLN D 601 6.91 -11.28 35.45
CA GLN D 601 7.83 -10.38 36.13
C GLN D 601 9.00 -9.96 35.25
N GLN D 602 9.21 -10.60 34.12
CA GLN D 602 10.24 -10.18 33.19
C GLN D 602 9.92 -8.80 32.64
N SER D 603 10.96 -8.02 32.39
CA SER D 603 10.80 -6.73 31.74
C SER D 603 10.69 -6.94 30.23
N ARG D 604 10.44 -5.86 29.50
CA ARG D 604 10.41 -5.94 28.04
C ARG D 604 11.78 -6.34 27.50
N ARG D 605 12.85 -5.86 28.14
CA ARG D 605 14.20 -6.19 27.70
C ARG D 605 14.48 -7.68 27.78
N GLN D 606 14.21 -8.28 28.95
CA GLN D 606 14.45 -9.71 29.12
C GLN D 606 13.55 -10.52 28.20
N ARG D 607 12.31 -10.07 28.01
CA ARG D 607 11.40 -10.76 27.11
C ARG D 607 11.92 -10.76 25.68
N ILE D 608 12.44 -9.62 25.22
CA ILE D 608 12.98 -9.54 23.87
C ILE D 608 14.22 -10.43 23.72
N ILE D 609 15.12 -10.39 24.72
CA ILE D 609 16.32 -11.22 24.64
C ILE D 609 15.96 -12.70 24.60
N GLN D 610 15.03 -13.11 25.46
CA GLN D 610 14.59 -14.50 25.48
C GLN D 610 13.94 -14.89 24.17
N ARG D 611 13.14 -14.00 23.58
CA ARG D 611 12.52 -14.31 22.31
C ARG D 611 13.57 -14.49 21.23
N ASN D 612 14.60 -13.63 21.20
CA ASN D 612 15.67 -13.77 20.22
C ASN D 612 16.37 -15.12 20.33
N ARG D 613 16.65 -15.55 21.57
CA ARG D 613 17.20 -16.88 21.75
C ARG D 613 16.25 -17.94 21.23
N THR D 614 14.95 -17.71 21.36
CA THR D 614 13.99 -18.67 20.84
C THR D 614 14.06 -18.77 19.31
N GLU D 615 14.17 -17.64 18.60
CA GLU D 615 14.35 -17.78 17.16
C GLU D 615 15.67 -18.45 16.82
N ARG D 616 16.69 -18.29 17.67
CA ARG D 616 17.90 -19.09 17.46
C ARG D 616 17.60 -20.58 17.51
N LEU D 617 16.73 -20.98 18.43
CA LEU D 617 16.50 -22.42 18.67
C LEU D 617 16.00 -23.19 17.46
N SER D 618 15.40 -22.53 16.46
CA SER D 618 14.65 -23.24 15.43
C SER D 618 15.51 -24.13 14.54
N ASP D 619 16.84 -23.99 14.60
CA ASP D 619 17.70 -24.82 13.76
C ASP D 619 17.75 -26.27 14.23
N LEU D 620 17.37 -26.53 15.48
CA LEU D 620 17.38 -27.90 15.99
C LEU D 620 16.22 -28.72 15.45
N LEU D 621 15.15 -28.06 15.03
CA LEU D 621 13.91 -28.74 14.67
C LEU D 621 13.77 -28.98 13.17
N ASP D 622 14.78 -28.63 12.38
CA ASP D 622 14.71 -28.86 10.95
C ASP D 622 15.01 -30.32 10.63
N TRP D 623 14.61 -30.74 9.43
CA TRP D 623 14.94 -32.08 8.98
C TRP D 623 16.40 -32.20 8.58
N LYS D 624 17.07 -31.07 8.34
CA LYS D 624 18.50 -31.11 8.01
C LYS D 624 19.31 -31.71 9.13
N TYR D 625 18.99 -31.37 10.38
CA TYR D 625 19.67 -31.95 11.52
C TYR D 625 19.05 -33.27 11.95
N LEU D 626 17.71 -33.36 11.95
CA LEU D 626 17.02 -34.49 12.53
C LEU D 626 16.93 -35.68 11.59
N GLY D 627 17.32 -35.54 10.32
CA GLY D 627 17.34 -36.67 9.43
C GLY D 627 18.50 -37.61 9.63
N ARG D 628 19.53 -37.18 10.35
CA ARG D 628 20.66 -38.07 10.61
C ARG D 628 20.26 -39.22 11.53
N TYR D 629 19.23 -39.05 12.35
CA TYR D 629 18.74 -40.15 13.16
C TYR D 629 18.10 -41.23 12.29
N TYR D 630 17.30 -40.82 11.30
CA TYR D 630 16.74 -41.79 10.36
C TYR D 630 17.84 -42.44 9.53
N MET D 631 18.84 -41.65 9.14
CA MET D 631 19.99 -42.20 8.44
C MET D 631 20.69 -43.26 9.27
N SER D 632 20.91 -42.98 10.56
CA SER D 632 21.55 -43.95 11.44
C SER D 632 20.70 -45.20 11.57
N ALA D 633 19.38 -45.05 11.70
CA ALA D 633 18.50 -46.21 11.81
C ALA D 633 18.57 -47.08 10.58
N ARG D 634 18.56 -46.46 9.40
CA ARG D 634 18.67 -47.22 8.16
C ARG D 634 20.01 -47.92 8.07
N HIS D 635 21.09 -47.25 8.51
CA HIS D 635 22.41 -47.86 8.46
C HIS D 635 22.51 -49.05 9.40
N MET D 636 21.94 -48.97 10.61
CA MET D 636 21.93 -50.15 11.48
C MET D 636 21.09 -51.26 10.88
N ALA D 637 19.97 -50.92 10.23
CA ALA D 637 19.17 -51.96 9.60
C ALA D 637 19.96 -52.67 8.51
N LEU D 638 20.68 -51.91 7.69
CA LEU D 638 21.50 -52.50 6.64
C LEU D 638 22.62 -53.35 7.24
N SER D 639 23.23 -52.86 8.32
CA SER D 639 24.30 -53.63 8.98
C SER D 639 23.78 -54.94 9.53
N LYS D 640 22.60 -54.92 10.15
CA LYS D 640 22.07 -56.13 10.77
C LYS D 640 21.59 -57.13 9.72
N ALA D 641 20.89 -56.65 8.70
CA ALA D 641 20.35 -57.57 7.69
C ALA D 641 21.43 -58.07 6.73
N PHE D 642 22.43 -57.23 6.43
CA PHE D 642 23.49 -57.56 5.50
C PHE D 642 24.84 -57.28 6.13
N PRO D 643 25.23 -58.07 7.14
CA PRO D 643 26.49 -57.77 7.84
C PRO D 643 27.72 -57.93 6.96
N GLU D 644 27.63 -58.71 5.87
CA GLU D 644 28.80 -58.90 5.02
C GLU D 644 29.06 -57.68 4.12
N HIS D 645 28.02 -57.01 3.65
CA HIS D 645 28.17 -55.89 2.73
C HIS D 645 28.18 -54.54 3.44
N PHE D 646 27.53 -54.43 4.59
CA PHE D 646 27.41 -53.17 5.31
C PHE D 646 27.92 -53.33 6.73
N THR D 647 28.68 -52.34 7.19
CA THR D 647 29.15 -52.28 8.57
C THR D 647 28.81 -50.92 9.14
N TYR D 648 28.35 -50.91 10.39
CA TYR D 648 27.91 -49.68 11.06
C TYR D 648 28.77 -49.42 12.28
N GLU D 649 29.23 -48.17 12.41
CA GLU D 649 29.94 -47.72 13.60
C GLU D 649 29.08 -46.69 14.33
N PRO D 650 28.46 -47.05 15.45
CA PRO D 650 27.61 -46.16 16.24
C PRO D 650 28.36 -44.96 16.81
N PRO E 469 31.11 21.42 -70.88
CA PRO E 469 30.15 22.43 -70.40
C PRO E 469 29.83 22.26 -68.92
N GLU E 470 30.80 21.77 -68.15
CA GLU E 470 30.65 21.57 -66.72
C GLU E 470 30.88 22.85 -65.92
N GLU E 471 30.84 24.02 -66.57
CA GLU E 471 31.10 25.27 -65.86
C GLU E 471 30.02 25.54 -64.82
N GLU E 472 28.75 25.27 -65.15
CA GLU E 472 27.67 25.51 -64.21
C GLU E 472 27.79 24.62 -62.98
N ARG E 473 28.33 23.41 -63.15
CA ARG E 473 28.52 22.53 -62.00
C ARG E 473 29.59 23.07 -61.06
N ARG E 474 30.57 23.82 -61.60
CA ARG E 474 31.52 24.52 -60.75
C ARG E 474 30.81 25.58 -59.90
N LYS E 475 29.86 26.29 -60.50
CA LYS E 475 29.09 27.29 -59.75
C LYS E 475 28.20 26.63 -58.71
N TRP E 476 27.69 25.43 -59.01
CA TRP E 476 26.87 24.71 -58.05
C TRP E 476 27.62 24.43 -56.76
N GLU E 477 28.94 24.29 -56.83
CA GLU E 477 29.75 24.13 -55.64
C GLU E 477 29.89 25.45 -54.88
N GLU E 478 30.14 25.35 -53.58
CA GLU E 478 30.43 26.46 -52.68
C GLU E 478 29.27 27.44 -52.52
N GLY E 479 28.10 27.15 -53.06
CA GLY E 479 26.96 28.06 -52.92
C GLY E 479 27.13 29.37 -53.64
N ARG E 480 27.78 29.38 -54.80
CA ARG E 480 27.91 30.55 -55.65
C ARG E 480 26.89 30.55 -56.78
N ILE E 481 25.69 30.05 -56.49
CA ILE E 481 24.67 29.77 -57.50
C ILE E 481 23.82 31.00 -57.70
N ASP E 482 23.61 31.37 -58.97
CA ASP E 482 22.63 32.39 -59.32
C ASP E 482 21.25 31.76 -59.32
N TYR E 483 20.43 32.08 -58.31
CA TYR E 483 19.15 31.42 -58.14
C TYR E 483 18.21 31.70 -59.32
N MET E 484 18.18 32.94 -59.80
CA MET E 484 17.36 33.31 -60.93
C MET E 484 18.13 33.34 -62.25
N GLY E 485 19.40 32.99 -62.23
CA GLY E 485 20.23 33.04 -63.42
C GLY E 485 20.14 31.81 -64.30
N LYS E 486 21.29 31.34 -64.78
CA LYS E 486 21.31 30.18 -65.67
C LYS E 486 20.85 28.92 -64.94
N ASP E 487 21.24 28.76 -63.68
CA ASP E 487 20.84 27.59 -62.89
C ASP E 487 19.52 27.82 -62.16
N ALA E 488 18.51 28.23 -62.91
CA ALA E 488 17.17 28.38 -62.36
C ALA E 488 16.45 27.03 -62.35
N PHE E 489 15.37 26.96 -61.57
CA PHE E 489 14.67 25.69 -61.44
C PHE E 489 13.83 25.34 -62.66
N ALA E 490 13.65 26.27 -63.61
CA ALA E 490 12.96 25.92 -64.85
C ALA E 490 13.73 24.85 -65.61
N ARG E 491 15.04 25.03 -65.75
CA ARG E 491 15.85 24.02 -66.42
C ARG E 491 15.93 22.73 -65.61
N ILE E 492 15.94 22.83 -64.29
CA ILE E 492 15.96 21.63 -63.45
C ILE E 492 14.69 20.81 -63.68
N GLN E 493 13.53 21.47 -63.67
CA GLN E 493 12.28 20.77 -63.94
C GLN E 493 12.23 20.24 -65.36
N GLU E 494 12.79 20.98 -66.33
CA GLU E 494 12.83 20.49 -67.70
C GLU E 494 13.63 19.20 -67.79
N LYS E 495 14.82 19.17 -67.19
CA LYS E 495 15.65 17.98 -67.25
C LYS E 495 15.03 16.83 -66.48
N LEU E 496 14.35 17.12 -65.38
CA LEU E 496 13.65 16.07 -64.64
C LEU E 496 12.52 15.48 -65.48
N ASP E 497 11.66 16.34 -66.03
CA ASP E 497 10.52 15.88 -66.80
C ASP E 497 10.93 15.13 -68.06
N ARG E 498 12.07 15.50 -68.66
CA ARG E 498 12.51 14.81 -69.87
C ARG E 498 12.75 13.34 -69.61
N PHE E 499 13.42 13.01 -68.50
CA PHE E 499 13.69 11.62 -68.16
C PHE E 499 12.71 11.11 -67.11
N LEU E 500 11.44 11.06 -67.50
CA LEU E 500 10.40 10.43 -66.68
C LEU E 500 9.49 9.56 -67.54
N PRO F 469 51.70 51.64 33.40
CA PRO F 469 52.37 50.41 33.03
C PRO F 469 51.54 49.56 32.06
N GLU F 470 50.76 50.22 31.21
CA GLU F 470 49.93 49.55 30.22
C GLU F 470 50.69 49.16 28.97
N GLU F 471 52.02 49.15 29.03
CA GLU F 471 52.81 48.81 27.85
C GLU F 471 52.57 47.37 27.40
N GLU F 472 52.47 46.44 28.35
CA GLU F 472 52.24 45.05 27.99
C GLU F 472 50.88 44.86 27.34
N ARG F 473 49.89 45.66 27.72
CA ARG F 473 48.59 45.56 27.08
C ARG F 473 48.64 46.01 25.63
N ARG F 474 49.57 46.92 25.30
CA ARG F 474 49.80 47.28 23.91
C ARG F 474 50.34 46.08 23.13
N LYS F 475 51.26 45.32 23.74
CA LYS F 475 51.79 44.13 23.10
C LYS F 475 50.71 43.05 22.96
N TRP F 476 49.78 42.99 23.92
CA TRP F 476 48.69 42.02 23.83
C TRP F 476 47.87 42.21 22.56
N GLU F 477 47.78 43.45 22.06
CA GLU F 477 47.10 43.72 20.80
C GLU F 477 47.94 43.24 19.62
N GLU F 478 47.26 42.95 18.51
CA GLU F 478 47.83 42.62 17.20
C GLU F 478 48.63 41.33 17.20
N GLY F 479 48.63 40.56 18.27
CA GLY F 479 49.37 39.31 18.31
C GLY F 479 50.88 39.47 18.26
N ARG F 480 51.41 40.51 18.90
CA ARG F 480 52.85 40.72 19.03
C ARG F 480 53.35 40.26 20.39
N ILE F 481 52.76 39.17 20.90
CA ILE F 481 52.94 38.73 22.27
C ILE F 481 54.13 37.79 22.35
N ASP F 482 55.02 38.05 23.30
CA ASP F 482 56.09 37.11 23.63
C ASP F 482 55.52 36.01 24.52
N TYR F 483 55.34 34.81 23.96
CA TYR F 483 54.66 33.75 24.70
C TYR F 483 55.42 33.34 25.94
N MET F 484 56.76 33.25 25.85
CA MET F 484 57.59 32.90 26.99
C MET F 484 58.23 34.12 27.65
N GLY F 485 57.91 35.32 27.19
CA GLY F 485 58.50 36.53 27.72
C GLY F 485 57.82 37.07 28.96
N LYS F 486 57.66 38.39 29.01
CA LYS F 486 57.04 39.02 30.17
C LYS F 486 55.58 38.61 30.31
N ASP F 487 54.88 38.44 29.20
CA ASP F 487 53.47 38.03 29.23
C ASP F 487 53.33 36.51 29.17
N ALA F 488 54.04 35.83 30.07
CA ALA F 488 53.91 34.38 30.19
C ALA F 488 52.65 34.04 30.99
N PHE F 489 52.21 32.79 30.87
CA PHE F 489 50.98 32.41 31.53
C PHE F 489 51.15 32.20 33.04
N ALA F 490 52.39 32.15 33.53
CA ALA F 490 52.60 32.04 34.97
C ALA F 490 52.07 33.27 35.69
N ARG F 491 52.34 34.46 35.15
CA ARG F 491 51.80 35.68 35.74
C ARG F 491 50.28 35.74 35.61
N ILE F 492 49.74 35.19 34.52
CA ILE F 492 48.29 35.14 34.36
C ILE F 492 47.67 34.27 35.46
N GLN F 493 48.26 33.09 35.70
CA GLN F 493 47.78 32.25 36.79
C GLN F 493 47.94 32.92 38.14
N GLU F 494 49.06 33.63 38.35
CA GLU F 494 49.25 34.33 39.62
C GLU F 494 48.16 35.36 39.85
N LYS F 495 47.86 36.17 38.83
CA LYS F 495 46.86 37.22 38.99
C LYS F 495 45.46 36.62 39.12
N LEU F 496 45.19 35.50 38.44
CA LEU F 496 43.91 34.84 38.61
C LEU F 496 43.76 34.28 40.02
N ASP F 497 44.79 33.59 40.51
CA ASP F 497 44.72 32.97 41.83
C ASP F 497 44.64 34.00 42.94
N ARG F 498 45.27 35.17 42.76
CA ARG F 498 45.23 36.20 43.79
C ARG F 498 43.79 36.65 44.05
N PHE F 499 43.04 36.93 42.99
CA PHE F 499 41.64 37.30 43.11
C PHE F 499 40.73 36.10 42.82
N LEU F 500 40.84 35.08 43.66
CA LEU F 500 39.99 33.89 43.54
C LEU F 500 39.37 33.53 44.89
N PRO G 469 -76.82 5.62 22.88
CA PRO G 469 -76.67 5.15 21.50
C PRO G 469 -75.26 4.64 21.21
N GLU G 470 -74.59 4.12 22.22
CA GLU G 470 -73.24 3.57 22.08
C GLU G 470 -73.24 2.14 21.56
N GLU G 471 -74.35 1.65 21.02
CA GLU G 471 -74.42 0.28 20.54
C GLU G 471 -73.46 0.06 19.38
N GLU G 472 -73.37 1.03 18.47
CA GLU G 472 -72.48 0.87 17.32
C GLU G 472 -71.02 0.81 17.75
N ARG G 473 -70.66 1.49 18.84
CA ARG G 473 -69.29 1.41 19.34
C ARG G 473 -68.96 0.03 19.87
N ARG G 474 -69.97 -0.71 20.35
CA ARG G 474 -69.76 -2.12 20.68
C ARG G 474 -69.39 -2.93 19.45
N LYS G 475 -70.05 -2.66 18.32
CA LYS G 475 -69.70 -3.34 17.07
C LYS G 475 -68.34 -2.92 16.56
N TRP G 476 -67.95 -1.67 16.81
CA TRP G 476 -66.64 -1.20 16.38
C TRP G 476 -65.52 -2.02 17.03
N GLU G 477 -65.75 -2.50 18.25
CA GLU G 477 -64.80 -3.38 18.90
C GLU G 477 -64.82 -4.77 18.27
N GLU G 478 -63.70 -5.47 18.39
CA GLU G 478 -63.51 -6.87 17.99
C GLU G 478 -63.63 -7.09 16.48
N GLY G 479 -63.75 -6.03 15.68
CA GLY G 479 -63.86 -6.20 14.25
C GLY G 479 -65.14 -6.86 13.78
N ARG G 480 -66.26 -6.58 14.45
CA ARG G 480 -67.58 -7.06 14.05
C ARG G 480 -68.35 -5.98 13.29
N ILE G 481 -67.64 -5.19 12.50
CA ILE G 481 -68.18 -3.99 11.87
C ILE G 481 -68.79 -4.36 10.53
N ASP G 482 -70.01 -3.86 10.29
CA ASP G 482 -70.60 -3.95 8.96
C ASP G 482 -70.05 -2.81 8.11
N TYR G 483 -69.19 -3.16 7.14
CA TYR G 483 -68.50 -2.13 6.37
C TYR G 483 -69.46 -1.28 5.56
N MET G 484 -70.47 -1.91 4.97
CA MET G 484 -71.47 -1.20 4.18
C MET G 484 -72.75 -0.94 4.95
N GLY G 485 -72.81 -1.32 6.23
CA GLY G 485 -74.02 -1.17 7.01
C GLY G 485 -74.16 0.19 7.66
N LYS G 486 -74.58 0.20 8.92
CA LYS G 486 -74.79 1.47 9.63
C LYS G 486 -73.47 2.21 9.82
N ASP G 487 -72.38 1.50 10.08
CA ASP G 487 -71.08 2.12 10.26
C ASP G 487 -70.34 2.26 8.93
N ALA G 488 -71.00 2.84 7.94
CA ALA G 488 -70.36 3.11 6.66
C ALA G 488 -69.51 4.37 6.77
N PHE G 489 -68.60 4.54 5.80
CA PHE G 489 -67.68 5.67 5.88
C PHE G 489 -68.34 6.98 5.46
N ALA G 490 -69.54 6.93 4.87
CA ALA G 490 -70.24 8.17 4.56
C ALA G 490 -70.58 8.95 5.82
N ARG G 491 -71.08 8.25 6.85
CA ARG G 491 -71.35 8.93 8.12
C ARG G 491 -70.07 9.41 8.78
N ILE G 492 -68.98 8.68 8.61
CA ILE G 492 -67.68 9.11 9.15
C ILE G 492 -67.27 10.43 8.50
N GLN G 493 -67.37 10.50 7.17
CA GLN G 493 -67.07 11.76 6.49
C GLN G 493 -68.02 12.87 6.87
N GLU G 494 -69.31 12.56 7.08
CA GLU G 494 -70.26 13.58 7.51
C GLU G 494 -69.85 14.16 8.85
N LYS G 495 -69.55 13.30 9.82
CA LYS G 495 -69.21 13.79 11.15
C LYS G 495 -67.86 14.49 11.16
N LEU G 496 -66.93 14.05 10.30
CA LEU G 496 -65.66 14.77 10.18
C LEU G 496 -65.87 16.16 9.58
N ASP G 497 -66.60 16.25 8.47
CA ASP G 497 -66.80 17.52 7.79
C ASP G 497 -67.61 18.49 8.64
N ARG G 498 -68.50 17.98 9.50
CA ARG G 498 -69.25 18.87 10.36
C ARG G 498 -68.33 19.66 11.30
N PHE G 499 -67.36 18.98 11.90
CA PHE G 499 -66.40 19.65 12.79
C PHE G 499 -65.09 19.93 12.05
N LEU G 500 -65.18 20.69 10.97
CA LEU G 500 -64.00 21.24 10.31
C LEU G 500 -64.18 22.73 10.02
N PRO H 469 -6.18 -78.58 14.51
CA PRO H 469 -5.89 -77.83 15.74
C PRO H 469 -6.17 -76.33 15.58
N GLU H 470 -7.07 -75.99 14.66
CA GLU H 470 -7.46 -74.61 14.42
C GLU H 470 -8.48 -74.10 15.42
N GLU H 471 -8.66 -74.80 16.55
CA GLU H 471 -9.67 -74.39 17.53
C GLU H 471 -9.33 -73.03 18.14
N GLU H 472 -8.05 -72.78 18.41
CA GLU H 472 -7.66 -71.51 19.01
C GLU H 472 -7.93 -70.33 18.09
N ARG H 473 -7.93 -70.56 16.78
CA ARG H 473 -8.25 -69.48 15.86
C ARG H 473 -9.72 -69.09 15.94
N ARG H 474 -10.58 -70.03 16.32
CA ARG H 474 -11.97 -69.69 16.59
C ARG H 474 -12.08 -68.70 17.75
N LYS H 475 -11.27 -68.92 18.80
CA LYS H 475 -11.20 -67.96 19.90
C LYS H 475 -10.59 -66.64 19.47
N TRP H 476 -9.58 -66.69 18.60
CA TRP H 476 -8.99 -65.45 18.08
C TRP H 476 -10.02 -64.63 17.33
N GLU H 477 -10.89 -65.28 16.57
CA GLU H 477 -12.01 -64.59 15.93
C GLU H 477 -12.98 -64.07 16.98
N GLU H 478 -13.64 -62.96 16.65
CA GLU H 478 -14.69 -62.32 17.44
C GLU H 478 -14.19 -61.75 18.77
N GLY H 479 -12.89 -61.76 19.01
CA GLY H 479 -12.36 -61.21 20.25
C GLY H 479 -12.76 -61.98 21.50
N ARG H 480 -12.83 -63.31 21.40
CA ARG H 480 -13.09 -64.18 22.54
C ARG H 480 -11.81 -64.79 23.08
N ILE H 481 -10.73 -64.00 23.06
CA ILE H 481 -9.38 -64.47 23.35
C ILE H 481 -9.15 -64.45 24.85
N ASP H 482 -8.61 -65.54 25.38
CA ASP H 482 -8.10 -65.56 26.75
C ASP H 482 -6.71 -64.96 26.75
N TYR H 483 -6.58 -63.73 27.27
CA TYR H 483 -5.31 -63.01 27.16
C TYR H 483 -4.18 -63.73 27.90
N MET H 484 -4.48 -64.27 29.09
CA MET H 484 -3.49 -64.99 29.87
C MET H 484 -3.62 -66.50 29.74
N GLY H 485 -4.54 -66.99 28.89
CA GLY H 485 -4.78 -68.40 28.75
C GLY H 485 -3.85 -69.08 27.76
N LYS H 486 -4.42 -69.97 26.93
CA LYS H 486 -3.61 -70.69 25.95
C LYS H 486 -3.03 -69.75 24.91
N ASP H 487 -3.76 -68.72 24.52
CA ASP H 487 -3.28 -67.76 23.53
C ASP H 487 -2.55 -66.60 24.18
N ALA H 488 -1.58 -66.91 25.03
CA ALA H 488 -0.75 -65.89 25.64
C ALA H 488 0.33 -65.45 24.64
N PHE H 489 0.92 -64.29 24.90
CA PHE H 489 1.90 -63.75 23.97
C PHE H 489 3.25 -64.45 24.07
N ALA H 490 3.48 -65.26 25.10
CA ALA H 490 4.72 -66.02 25.19
C ALA H 490 4.83 -67.01 24.03
N ARG H 491 3.74 -67.71 23.71
CA ARG H 491 3.77 -68.61 22.57
C ARG H 491 3.91 -67.85 21.26
N ILE H 492 3.34 -66.65 21.18
CA ILE H 492 3.49 -65.83 19.99
C ILE H 492 4.96 -65.47 19.79
N GLN H 493 5.63 -65.04 20.86
CA GLN H 493 7.06 -64.74 20.78
C GLN H 493 7.86 -65.99 20.43
N GLU H 494 7.48 -67.14 20.99
CA GLU H 494 8.19 -68.37 20.67
C GLU H 494 8.10 -68.70 19.19
N LYS H 495 6.89 -68.62 18.63
CA LYS H 495 6.72 -68.97 17.21
C LYS H 495 7.37 -67.93 16.31
N LEU H 496 7.37 -66.66 16.73
CA LEU H 496 8.06 -65.64 15.96
C LEU H 496 9.56 -65.88 15.96
N ASP H 497 10.14 -66.12 17.14
CA ASP H 497 11.58 -66.33 17.26
C ASP H 497 12.04 -67.59 16.55
N ARG H 498 11.19 -68.61 16.49
CA ARG H 498 11.57 -69.84 15.81
C ARG H 498 11.83 -69.58 14.33
N PHE H 499 10.93 -68.87 13.67
CA PHE H 499 11.13 -68.50 12.25
C PHE H 499 11.65 -67.07 12.15
N LEU H 500 12.80 -66.83 12.78
CA LEU H 500 13.46 -65.52 12.70
C LEU H 500 14.92 -65.68 12.29
#